data_1XY9
# 
_entry.id   1XY9 
# 
_audit_conform.dict_name       mmcif_pdbx.dic 
_audit_conform.dict_version    5.355 
_audit_conform.dict_location   http://mmcif.pdb.org/dictionaries/ascii/mmcif_pdbx.dic 
# 
loop_
_database_2.database_id 
_database_2.database_code 
_database_2.pdbx_database_accession 
_database_2.pdbx_DOI 
PDB   1XY9         pdb_00001xy9 10.2210/pdb1xy9/pdb 
RCSB  RCSB030904   ?            ?                   
WWPDB D_1000030904 ?            ?                   
# 
loop_
_pdbx_database_related.db_name 
_pdbx_database_related.db_id 
_pdbx_database_related.details 
_pdbx_database_related.content_type 
PDB 1XXZ . unspecified 
PDB 1XY4 . unspecified 
PDB 1XY5 . unspecified 
PDB 1XY6 . unspecified 
PDB 1XY8 . unspecified 
# 
_pdbx_database_status.entry_id                        1XY9 
_pdbx_database_status.status_code                     REL 
_pdbx_database_status.recvd_initial_deposition_date   2004-11-09 
_pdbx_database_status.deposit_site                    RCSB 
_pdbx_database_status.process_site                    RCSB 
_pdbx_database_status.status_code_sf                  ? 
_pdbx_database_status.status_code_mr                  REL 
_pdbx_database_status.SG_entry                        N 
_pdbx_database_status.pdb_format_compatible           Y 
_pdbx_database_status.status_code_cs                  ? 
_pdbx_database_status.status_code_nmr_data            ? 
_pdbx_database_status.methods_development_category    ? 
# 
loop_
_audit_author.name 
_audit_author.pdbx_ordinal 
'Grace, C.R.R.' 1 
'Durrer, L.'    2 
'Koerber, S.C.' 3 
'Erchegyi, J.'  4 
'Reubi, J.C.'   5 
'Rivier, J.E.'  6 
'Riek, R.'      7 
# 
_citation.id                        primary 
_citation.title                     'Somatostatin receptor 1 selective analogues: 4. Three-dimensional consensus structure by NMR' 
_citation.journal_abbrev            J.Med.Chem. 
_citation.journal_volume            48 
_citation.page_first                523 
_citation.page_last                 533 
_citation.year                      2005 
_citation.journal_id_ASTM           JMCMAR 
_citation.country                   US 
_citation.journal_id_ISSN           0022-2623 
_citation.journal_id_CSD            0151 
_citation.book_publisher            ? 
_citation.pdbx_database_id_PubMed   15658866 
_citation.pdbx_database_id_DOI      10.1021/jm049518u 
# 
loop_
_citation_author.citation_id 
_citation_author.name 
_citation_author.ordinal 
_citation_author.identifier_ORCID 
primary 'Grace, C.R.R.' 1 ? 
primary 'Durrer, L.'    2 ? 
primary 'Koerber, S.C.' 3 ? 
primary 'Erchegyi, J.'  4 ? 
primary 'Reubi, J.C.'   5 ? 
primary 'Rivier, J.E.'  6 ? 
primary 'Riek, R.'      7 ? 
# 
_cell.entry_id           1XY9 
_cell.length_a           1.000 
_cell.length_b           1.000 
_cell.length_c           1.000 
_cell.angle_alpha        90.00 
_cell.angle_beta         90.00 
_cell.angle_gamma        90.00 
_cell.Z_PDB              1 
_cell.pdbx_unique_axis   ? 
# 
_symmetry.entry_id                         1XY9 
_symmetry.space_group_name_H-M             'P 1' 
_symmetry.pdbx_full_space_group_name_H-M   ? 
_symmetry.cell_setting                     ? 
_symmetry.Int_Tables_number                1 
# 
_entity.id                         1 
_entity.type                       polymer 
_entity.src_method                 syn 
_entity.pdbx_description           'SST1-selective somatosatin analog' 
_entity.formula_weight             1554.592 
_entity.pdbx_number_of_molecules   1 
_entity.pdbx_ec                    ? 
_entity.pdbx_mutation              ? 
_entity.pdbx_fragment              ? 
_entity.details                    ? 
# 
_entity_name_com.entity_id   1 
_entity_name_com.name        SRIF 
# 
_entity_poly.entity_id                      1 
_entity_poly.type                           'polypeptide(L)' 
_entity_poly.nstd_linkage                   no 
_entity_poly.nstd_monomer                   yes 
_entity_poly.pdbx_seq_one_letter_code       'CKFA(DTR)(IAM)T(IYR)TSC' 
_entity_poly.pdbx_seq_one_letter_code_can   CKFAWATYTSC 
_entity_poly.pdbx_strand_id                 A 
_entity_poly.pdbx_target_identifier         ? 
# 
loop_
_entity_poly_seq.entity_id 
_entity_poly_seq.num 
_entity_poly_seq.mon_id 
_entity_poly_seq.hetero 
1 1  CYS n 
1 2  LYS n 
1 3  PHE n 
1 4  ALA n 
1 5  DTR n 
1 6  IAM n 
1 7  THR n 
1 8  IYR n 
1 9  THR n 
1 10 SER n 
1 11 CYS n 
# 
_pdbx_entity_src_syn.entity_id              1 
_pdbx_entity_src_syn.pdbx_src_id            1 
_pdbx_entity_src_syn.pdbx_alt_source_flag   sample 
_pdbx_entity_src_syn.pdbx_beg_seq_num       ? 
_pdbx_entity_src_syn.pdbx_end_seq_num       ? 
_pdbx_entity_src_syn.organism_scientific    ? 
_pdbx_entity_src_syn.organism_common_name   ? 
_pdbx_entity_src_syn.ncbi_taxonomy_id       ? 
_pdbx_entity_src_syn.details                
'Peptide synthesised using solid phase approach either manually or on a CS-Biopeptide synthesizer Model CS536' 
# 
_struct_ref.id                         1 
_struct_ref.entity_id                  1 
_struct_ref.db_name                    PDB 
_struct_ref.db_code                    1XY9 
_struct_ref.pdbx_db_accession          1XY9 
_struct_ref.pdbx_db_isoform            ? 
_struct_ref.pdbx_seq_one_letter_code   ? 
_struct_ref.pdbx_align_begin           ? 
# 
_struct_ref_seq.align_id                      1 
_struct_ref_seq.ref_id                        1 
_struct_ref_seq.pdbx_PDB_id_code              1XY9 
_struct_ref_seq.pdbx_strand_id                A 
_struct_ref_seq.seq_align_beg                 1 
_struct_ref_seq.pdbx_seq_align_beg_ins_code   ? 
_struct_ref_seq.seq_align_end                 11 
_struct_ref_seq.pdbx_seq_align_end_ins_code   ? 
_struct_ref_seq.pdbx_db_accession             1XY9 
_struct_ref_seq.db_align_beg                  1 
_struct_ref_seq.pdbx_db_align_beg_ins_code    ? 
_struct_ref_seq.db_align_end                  11 
_struct_ref_seq.pdbx_db_align_end_ins_code    ? 
_struct_ref_seq.pdbx_auth_seq_align_beg       1 
_struct_ref_seq.pdbx_auth_seq_align_end       11 
# 
loop_
_chem_comp.id 
_chem_comp.type 
_chem_comp.mon_nstd_flag 
_chem_comp.name 
_chem_comp.pdbx_synonyms 
_chem_comp.formula 
_chem_comp.formula_weight 
ALA 'L-peptide linking' y ALANINE                                   ? 'C3 H7 N O2'     89.093  
CYS 'L-peptide linking' y CYSTEINE                                  ? 'C3 H7 N O2 S'   121.158 
DTR 'D-peptide linking' . D-TRYPTOPHAN                              ? 'C11 H12 N2 O2'  204.225 
IAM 'L-peptide linking' n '4-[(ISOPROPYLAMINO)METHYL]PHENYLALANINE' ? 'C13 H20 N2 O2'  236.310 
IYR 'L-peptide linking' n 3-IODO-TYROSINE                           ? 'C9 H10 I N O3'  307.085 
LYS 'L-peptide linking' y LYSINE                                    ? 'C6 H15 N2 O2 1' 147.195 
PHE 'L-peptide linking' y PHENYLALANINE                             ? 'C9 H11 N O2'    165.189 
SER 'L-peptide linking' y SERINE                                    ? 'C3 H7 N O3'     105.093 
THR 'L-peptide linking' y THREONINE                                 ? 'C4 H9 N O3'     119.119 
# 
loop_
_pdbx_nmr_exptl.experiment_id 
_pdbx_nmr_exptl.solution_id 
_pdbx_nmr_exptl.conditions_id 
_pdbx_nmr_exptl.type 
1 1 1 DQF-COSY   
2 1 1 '2D NOESY' 
# 
_pdbx_nmr_exptl_sample_conditions.conditions_id       1 
_pdbx_nmr_exptl_sample_conditions.temperature         298 
_pdbx_nmr_exptl_sample_conditions.pressure            Ambient 
_pdbx_nmr_exptl_sample_conditions.pH                  7.0 
_pdbx_nmr_exptl_sample_conditions.ionic_strength      ? 
_pdbx_nmr_exptl_sample_conditions.pressure_units      ? 
_pdbx_nmr_exptl_sample_conditions.temperature_units   K 
# 
_pdbx_nmr_sample_details.solution_id      1 
_pdbx_nmr_sample_details.contents         '2.5 mM of the peptide' 
_pdbx_nmr_sample_details.solvent_system   DMSO-d6 
# 
_pdbx_nmr_spectrometer.spectrometer_id   1 
_pdbx_nmr_spectrometer.type              ? 
_pdbx_nmr_spectrometer.manufacturer      Bruker 
_pdbx_nmr_spectrometer.model             AVANCE 
_pdbx_nmr_spectrometer.field_strength    750 
# 
_pdbx_nmr_refine.entry_id           1XY9 
_pdbx_nmr_refine.method             'torsion angle dynamics' 
_pdbx_nmr_refine.details            'The structures are based on 151 distance restraints, 36 angle restraints' 
_pdbx_nmr_refine.software_ordinal   1 
# 
_pdbx_nmr_details.entry_id   1XY9 
_pdbx_nmr_details.text       'The structure was determined using standard 2D homonuclear techniques' 
# 
_pdbx_nmr_ensemble.entry_id                                      1XY9 
_pdbx_nmr_ensemble.conformers_calculated_total_number            20 
_pdbx_nmr_ensemble.conformers_submitted_total_number             10 
_pdbx_nmr_ensemble.conformer_selection_criteria                  'target function' 
_pdbx_nmr_ensemble.average_constraints_per_residue               ? 
_pdbx_nmr_ensemble.average_constraint_violations_per_residue     ? 
_pdbx_nmr_ensemble.maximum_distance_constraint_violation         ? 
_pdbx_nmr_ensemble.average_distance_constraint_violation         ? 
_pdbx_nmr_ensemble.maximum_upper_distance_constraint_violation   ? 
_pdbx_nmr_ensemble.maximum_lower_distance_constraint_violation   ? 
_pdbx_nmr_ensemble.distance_constraint_violation_method          ? 
_pdbx_nmr_ensemble.maximum_torsion_angle_constraint_violation    ? 
_pdbx_nmr_ensemble.average_torsion_angle_constraint_violation    ? 
_pdbx_nmr_ensemble.torsion_angle_constraint_violation_method     ? 
# 
_pdbx_nmr_representative.entry_id             1XY9 
_pdbx_nmr_representative.conformer_id         1 
_pdbx_nmr_representative.selection_criteria   'lowest energy' 
# 
loop_
_pdbx_nmr_software.name 
_pdbx_nmr_software.version 
_pdbx_nmr_software.classification 
_pdbx_nmr_software.authors 
_pdbx_nmr_software.ordinal 
DYANA 1.0.6 'structure solution' 'Peter Guntert' 1 
DYANA 1.0.6 refinement           'Peter Guntert' 2 
# 
_exptl.entry_id          1XY9 
_exptl.method            'SOLUTION NMR' 
_exptl.crystals_number   ? 
# 
_struct.entry_id                  1XY9 
_struct.title                     'NMR strcutre of sst1-selective somatostatin (SRIF) analog 1' 
_struct.pdbx_model_details        ? 
_struct.pdbx_CASP_flag            ? 
_struct.pdbx_model_type_details   ? 
# 
_struct_keywords.entry_id        1XY9 
_struct_keywords.pdbx_keywords   'HORMONE/GROWTH FACTOR' 
_struct_keywords.text            'Gamma turn, HORMONE-GROWTH FACTOR COMPLEX' 
# 
_struct_asym.id                            A 
_struct_asym.pdbx_blank_PDB_chainid_flag   N 
_struct_asym.pdbx_modified                 N 
_struct_asym.entity_id                     1 
_struct_asym.details                       ? 
# 
_struct_biol.id   1 
# 
loop_
_struct_conn.id 
_struct_conn.conn_type_id 
_struct_conn.pdbx_leaving_atom_flag 
_struct_conn.pdbx_PDB_id 
_struct_conn.ptnr1_label_asym_id 
_struct_conn.ptnr1_label_comp_id 
_struct_conn.ptnr1_label_seq_id 
_struct_conn.ptnr1_label_atom_id 
_struct_conn.pdbx_ptnr1_label_alt_id 
_struct_conn.pdbx_ptnr1_PDB_ins_code 
_struct_conn.pdbx_ptnr1_standard_comp_id 
_struct_conn.ptnr1_symmetry 
_struct_conn.ptnr2_label_asym_id 
_struct_conn.ptnr2_label_comp_id 
_struct_conn.ptnr2_label_seq_id 
_struct_conn.ptnr2_label_atom_id 
_struct_conn.pdbx_ptnr2_label_alt_id 
_struct_conn.pdbx_ptnr2_PDB_ins_code 
_struct_conn.ptnr1_auth_asym_id 
_struct_conn.ptnr1_auth_comp_id 
_struct_conn.ptnr1_auth_seq_id 
_struct_conn.ptnr2_auth_asym_id 
_struct_conn.ptnr2_auth_comp_id 
_struct_conn.ptnr2_auth_seq_id 
_struct_conn.ptnr2_symmetry 
_struct_conn.pdbx_ptnr3_label_atom_id 
_struct_conn.pdbx_ptnr3_label_seq_id 
_struct_conn.pdbx_ptnr3_label_comp_id 
_struct_conn.pdbx_ptnr3_label_asym_id 
_struct_conn.pdbx_ptnr3_label_alt_id 
_struct_conn.pdbx_ptnr3_PDB_ins_code 
_struct_conn.details 
_struct_conn.pdbx_dist_value 
_struct_conn.pdbx_value_order 
_struct_conn.pdbx_role 
disulf1 disulf ?    ? A CYS 1 SG ? ? ? 1_555 A CYS 11 SG ? ? A CYS 1 A CYS 11 1_555 ? ? ? ? ? ? ? 1.982 ? ? 
covale1 covale both ? A ALA 4 C  ? ? ? 1_555 A DTR 5  N  ? ? A ALA 4 A DTR 5  1_555 ? ? ? ? ? ? ? 1.325 ? ? 
covale2 covale one  ? A DTR 5 C  ? ? ? 1_555 A IAM 6  N  ? ? A DTR 5 A IAM 6  1_555 ? ? ? ? ? ? ? 1.325 ? ? 
covale3 covale both ? A IAM 6 C  ? ? ? 1_555 A THR 7  N  ? ? A IAM 6 A THR 7  1_555 ? ? ? ? ? ? ? 1.325 ? ? 
covale4 covale both ? A THR 7 C  ? ? ? 1_555 A IYR 8  N  ? ? A THR 7 A IYR 8  1_555 ? ? ? ? ? ? ? 1.325 ? ? 
covale5 covale both ? A IYR 8 C  ? ? ? 1_555 A THR 9  N  ? ? A IYR 8 A THR 9  1_555 ? ? ? ? ? ? ? 1.325 ? ? 
# 
loop_
_struct_conn_type.id 
_struct_conn_type.criteria 
_struct_conn_type.reference 
disulf ? ? 
covale ? ? 
# 
_atom_sites.entry_id                    1XY9 
_atom_sites.fract_transf_matrix[1][1]   1.000000 
_atom_sites.fract_transf_matrix[1][2]   0.000000 
_atom_sites.fract_transf_matrix[1][3]   0.000000 
_atom_sites.fract_transf_matrix[2][1]   0.000000 
_atom_sites.fract_transf_matrix[2][2]   1.000000 
_atom_sites.fract_transf_matrix[2][3]   0.000000 
_atom_sites.fract_transf_matrix[3][1]   0.000000 
_atom_sites.fract_transf_matrix[3][2]   0.000000 
_atom_sites.fract_transf_matrix[3][3]   1.000000 
_atom_sites.fract_transf_vector[1]      0.00000 
_atom_sites.fract_transf_vector[2]      0.00000 
_atom_sites.fract_transf_vector[3]      0.00000 
# 
loop_
_atom_type.symbol 
C 
H 
I 
N 
O 
S 
# 
loop_
_atom_site.group_PDB 
_atom_site.id 
_atom_site.type_symbol 
_atom_site.label_atom_id 
_atom_site.label_alt_id 
_atom_site.label_comp_id 
_atom_site.label_asym_id 
_atom_site.label_entity_id 
_atom_site.label_seq_id 
_atom_site.pdbx_PDB_ins_code 
_atom_site.Cartn_x 
_atom_site.Cartn_y 
_atom_site.Cartn_z 
_atom_site.occupancy 
_atom_site.B_iso_or_equiv 
_atom_site.pdbx_formal_charge 
_atom_site.auth_seq_id 
_atom_site.auth_comp_id 
_atom_site.auth_asym_id 
_atom_site.auth_atom_id 
_atom_site.pdbx_PDB_model_num 
ATOM   1    N N    . CYS A 1 1  ? 0.218  -5.842 5.232  1.00 0.00 ? 1  CYS A N    1  
ATOM   2    C CA   . CYS A 1 1  ? -0.800 -4.906 4.779  1.00 0.00 ? 1  CYS A CA   1  
ATOM   3    C C    . CYS A 1 1  ? -0.323 -4.275 3.471  1.00 0.00 ? 1  CYS A C    1  
ATOM   4    O O    . CYS A 1 1  ? -0.071 -3.072 3.412  1.00 0.00 ? 1  CYS A O    1  
ATOM   5    C CB   . CYS A 1 1  ? -1.111 -3.853 5.843  1.00 0.00 ? 1  CYS A CB   1  
ATOM   6    S SG   . CYS A 1 1  ? -2.823 -3.202 5.801  1.00 0.00 ? 1  CYS A SG   1  
ATOM   7    H H1   . CYS A 1 1  ? 1.145  -5.517 4.921  1.00 0.00 ? 1  CYS A H1   1  
ATOM   8    H H2   . CYS A 1 1  ? 0.200  -5.896 6.260  1.00 0.00 ? 1  CYS A H2   1  
ATOM   9    H HA   . CYS A 1 1  ? -1.707 -5.486 4.620  1.00 0.00 ? 1  CYS A HA   1  
ATOM   10   H HB2  . CYS A 1 1  ? -0.923 -4.282 6.827  1.00 0.00 ? 1  CYS A HB2  1  
ATOM   11   H HB3  . CYS A 1 1  ? -0.419 -3.018 5.724  1.00 0.00 ? 1  CYS A HB3  1  
ATOM   12   N N    . LYS A 1 2  ? -0.212 -5.115 2.452  1.00 0.00 ? 2  LYS A N    1  
ATOM   13   C CA   . LYS A 1 2  ? 0.230  -4.653 1.147  1.00 0.00 ? 2  LYS A CA   1  
ATOM   14   C C    . LYS A 1 2  ? 1.741  -4.420 1.179  1.00 0.00 ? 2  LYS A C    1  
ATOM   15   O O    . LYS A 1 2  ? 2.352  -4.422 2.247  1.00 0.00 ? 2  LYS A O    1  
ATOM   16   C CB   . LYS A 1 2  ? -0.574 -3.426 0.710  1.00 0.00 ? 2  LYS A CB   1  
ATOM   17   C CG   . LYS A 1 2  ? -1.456 -3.749 -0.496 1.00 0.00 ? 2  LYS A CG   1  
ATOM   18   C CD   . LYS A 1 2  ? -0.605 -4.082 -1.724 1.00 0.00 ? 2  LYS A CD   1  
ATOM   19   C CE   . LYS A 1 2  ? 0.185  -2.858 -2.192 1.00 0.00 ? 2  LYS A CE   1  
ATOM   20   N NZ   . LYS A 1 2  ? 0.872  -3.144 -3.471 1.00 0.00 ? 2  LYS A NZ   1  
ATOM   21   H H    . LYS A 1 2  ? -0.418 -6.092 2.507  1.00 0.00 ? 2  LYS A H    1  
ATOM   22   H HA   . LYS A 1 2  ? 0.019  -5.448 0.432  1.00 0.00 ? 2  LYS A HA   1  
ATOM   23   H HB2  . LYS A 1 2  ? -1.194 -3.081 1.538  1.00 0.00 ? 2  LYS A HB2  1  
ATOM   24   H HB3  . LYS A 1 2  ? 0.105  -2.612 0.461  1.00 0.00 ? 2  LYS A HB3  1  
ATOM   25   H HG2  . LYS A 1 2  ? -2.107 -4.590 -0.261 1.00 0.00 ? 2  LYS A HG2  1  
ATOM   26   H HG3  . LYS A 1 2  ? -2.101 -2.899 -0.718 1.00 0.00 ? 2  LYS A HG3  1  
ATOM   27   H HD2  . LYS A 1 2  ? 0.082  -4.894 -1.485 1.00 0.00 ? 2  LYS A HD2  1  
ATOM   28   H HD3  . LYS A 1 2  ? -1.246 -4.437 -2.532 1.00 0.00 ? 2  LYS A HD3  1  
ATOM   29   H HE2  . LYS A 1 2  ? -0.488 -2.010 -2.315 1.00 0.00 ? 2  LYS A HE2  1  
ATOM   30   H HE3  . LYS A 1 2  ? 0.916  -2.578 -1.434 1.00 0.00 ? 2  LYS A HE3  1  
ATOM   31   H HZ1  . LYS A 1 2  ? 1.661  -2.527 -3.625 1.00 0.00 ? 2  LYS A HZ1  1  
ATOM   32   H HZ2  . LYS A 1 2  ? 1.231  -4.093 -3.507 1.00 0.00 ? 2  LYS A HZ2  1  
ATOM   33   N N    . PHE A 1 3  ? 2.303  -4.219 -0.005 1.00 0.00 ? 3  PHE A N    1  
ATOM   34   C CA   . PHE A 1 3  ? 3.731  -3.983 -0.126 1.00 0.00 ? 3  PHE A CA   1  
ATOM   35   C C    . PHE A 1 3  ? 4.244  -3.116 1.027  1.00 0.00 ? 3  PHE A C    1  
ATOM   36   O O    . PHE A 1 3  ? 4.923  -3.610 1.926  1.00 0.00 ? 3  PHE A O    1  
ATOM   37   C CB   . PHE A 1 3  ? 3.951  -3.240 -1.445 1.00 0.00 ? 3  PHE A CB   1  
ATOM   38   C CG   . PHE A 1 3  ? 4.835  -3.991 -2.442 1.00 0.00 ? 3  PHE A CG   1  
ATOM   39   C CD1  . PHE A 1 3  ? 6.148  -4.209 -2.158 1.00 0.00 ? 3  PHE A CD1  1  
ATOM   40   C CD2  . PHE A 1 3  ? 4.310  -4.439 -3.613 1.00 0.00 ? 3  PHE A CD2  1  
ATOM   41   C CE1  . PHE A 1 3  ? 6.969  -4.905 -3.084 1.00 0.00 ? 3  PHE A CE1  1  
ATOM   42   C CE2  . PHE A 1 3  ? 5.130  -5.135 -4.540 1.00 0.00 ? 3  PHE A CE2  1  
ATOM   43   C CZ   . PHE A 1 3  ? 6.442  -5.354 -4.255 1.00 0.00 ? 3  PHE A CZ   1  
ATOM   44   H H    . PHE A 1 3  ? 1.800  -4.219 -0.869 1.00 0.00 ? 3  PHE A H    1  
ATOM   45   H HA   . PHE A 1 3  ? 4.224  -4.955 -0.093 1.00 0.00 ? 3  PHE A HA   1  
ATOM   46   H HB2  . PHE A 1 3  ? 2.984  -3.047 -1.907 1.00 0.00 ? 3  PHE A HB2  1  
ATOM   47   H HB3  . PHE A 1 3  ? 4.403  -2.271 -1.234 1.00 0.00 ? 3  PHE A HB3  1  
ATOM   48   H HD1  . PHE A 1 3  ? 6.570  -3.850 -1.219 1.00 0.00 ? 3  PHE A HD1  1  
ATOM   49   H HD2  . PHE A 1 3  ? 3.259  -4.263 -3.840 1.00 0.00 ? 3  PHE A HD2  1  
ATOM   50   H HE1  . PHE A 1 3  ? 8.021  -5.080 -2.857 1.00 0.00 ? 3  PHE A HE1  1  
ATOM   51   H HE2  . PHE A 1 3  ? 4.708  -5.496 -5.479 1.00 0.00 ? 3  PHE A HE2  1  
ATOM   52   H HZ   . PHE A 1 3  ? 7.072  -5.889 -4.967 1.00 0.00 ? 3  PHE A HZ   1  
ATOM   53   N N    . ALA A 1 4  ? 3.897  -1.838 0.962  1.00 0.00 ? 4  ALA A N    1  
ATOM   54   C CA   . ALA A 1 4  ? 4.312  -0.898 1.990  1.00 0.00 ? 4  ALA A CA   1  
ATOM   55   C C    . ALA A 1 4  ? 4.112  0.528  1.478  1.00 0.00 ? 4  ALA A C    1  
ATOM   56   O O    . ALA A 1 4  ? 4.677  0.911  0.453  1.00 0.00 ? 4  ALA A O    1  
ATOM   57   C CB   . ALA A 1 4  ? 5.765  -1.181 2.381  1.00 0.00 ? 4  ALA A CB   1  
ATOM   58   H H    . ALA A 1 4  ? 3.344  -1.445 0.229  1.00 0.00 ? 4  ALA A H    1  
ATOM   59   H HA   . ALA A 1 4  ? 3.677  -1.054 2.862  1.00 0.00 ? 4  ALA A HA   1  
ATOM   60   H HB1  . ALA A 1 4  ? 6.071  -0.485 3.160  1.00 0.00 ? 4  ALA A HB1  1  
ATOM   61   H HB2  . ALA A 1 4  ? 5.850  -2.202 2.752  1.00 0.00 ? 4  ALA A HB2  1  
ATOM   62   H HB3  . ALA A 1 4  ? 6.407  -1.055 1.509  1.00 0.00 ? 4  ALA A HB3  1  
HETATM 63   N N    . DTR A 1 5  ? 3.309  1.280  2.215  1.00 0.00 ? 5  DTR A N    1  
HETATM 64   C CA   . DTR A 1 5  ? 3.027  2.659  1.849  1.00 0.00 ? 5  DTR A CA   1  
HETATM 65   C CB   . DTR A 1 5  ? 3.874  3.532  2.778  1.00 0.00 ? 5  DTR A CB   1  
HETATM 66   C CG   . DTR A 1 5  ? 4.192  2.882  4.126  1.00 0.00 ? 5  DTR A CG   1  
HETATM 67   C CD1  . DTR A 1 5  ? 3.510  2.983  5.274  1.00 0.00 ? 5  DTR A CD1  1  
HETATM 68   N NE1  . DTR A 1 5  ? 4.104  2.253  6.283  1.00 0.00 ? 5  DTR A NE1  1  
HETATM 69   C CE2  . DTR A 1 5  ? 5.234  1.647  5.747  1.00 0.00 ? 5  DTR A CE2  1  
HETATM 70   C CZ2  . DTR A 1 5  ? 6.170  0.808  6.363  1.00 0.00 ? 5  DTR A CZ2  1  
HETATM 71   C CH2  . DTR A 1 5  ? 7.217  0.343  5.558  1.00 0.00 ? 5  DTR A CH2  1  
HETATM 72   C CZ3  . DTR A 1 5  ? 7.280  0.728  4.224  1.00 0.00 ? 5  DTR A CZ3  1  
HETATM 73   C CE3  . DTR A 1 5  ? 6.354  1.566  3.592  1.00 0.00 ? 5  DTR A CE3  1  
HETATM 74   C CD2  . DTR A 1 5  ? 5.311  2.018  4.420  1.00 0.00 ? 5  DTR A CD2  1  
HETATM 75   C C    . DTR A 1 5  ? 1.524  2.893  2.011  1.00 0.00 ? 5  DTR A C    1  
HETATM 76   O O    . DTR A 1 5  ? 0.968  2.660  3.083  1.00 0.00 ? 5  DTR A O    1  
HETATM 77   H H    . DTR A 1 5  ? 2.854  0.963  3.048  1.00 0.00 ? 5  DTR A H    1  
HETATM 78   H HA   . DTR A 1 5  ? 3.316  2.764  0.805  1.00 0.00 ? 5  DTR A HA   1  
HETATM 79   H HB2  . DTR A 1 5  ? 4.809  3.781  2.275  1.00 0.00 ? 5  DTR A HB2  1  
HETATM 80   H HB3  . DTR A 1 5  ? 3.348  4.472  2.955  1.00 0.00 ? 5  DTR A HB3  1  
HETATM 81   H HD1  . DTR A 1 5  ? 2.600  3.571  5.396  1.00 0.00 ? 5  DTR A HD1  1  
HETATM 82   H HE1  . DTR A 1 5  ? 3.753  2.166  7.311  1.00 0.00 ? 5  DTR A HE1  1  
HETATM 83   H HZ2  . DTR A 1 5  ? 6.087  0.528  7.414  1.00 0.00 ? 5  DTR A HZ2  1  
HETATM 84   H HH2  . DTR A 1 5  ? 7.979  -0.313 5.977  1.00 0.00 ? 5  DTR A HH2  1  
HETATM 85   H HZ3  . DTR A 1 5  ? 8.110  0.348  3.626  1.00 0.00 ? 5  DTR A HZ3  1  
HETATM 86   H HE3  . DTR A 1 5  ? 6.434  1.846  2.541  1.00 0.00 ? 5  DTR A HE3  1  
HETATM 87   N N    . IAM A 1 6  ? 0.910  3.352  0.930  1.00 0.00 ? 6  IAM A N    1  
HETATM 88   C CA   . IAM A 1 6  ? -0.518 3.621  0.939  1.00 0.00 ? 6  IAM A CA   1  
HETATM 89   C CB   . IAM A 1 6  ? -0.753 4.764  1.928  1.00 0.00 ? 6  IAM A CB   1  
HETATM 90   C CG   . IAM A 1 6  ? -0.127 6.095  1.500  1.00 0.00 ? 6  IAM A CG   1  
HETATM 91   C CD1  . IAM A 1 6  ? -0.923 7.136  1.141  1.00 0.00 ? 6  IAM A CD1  1  
HETATM 92   C CE1  . IAM A 1 6  ? -0.344 8.371  0.745  1.00 0.00 ? 6  IAM A CE1  1  
HETATM 93   C CZ   . IAM A 1 6  ? 1.010  8.508  0.722  1.00 0.00 ? 6  IAM A CZ   1  
HETATM 94   C CE2  . IAM A 1 6  ? 1.807  7.467  1.081  1.00 0.00 ? 6  IAM A CE2  1  
HETATM 95   C CD2  . IAM A 1 6  ? 1.226  6.233  1.478  1.00 0.00 ? 6  IAM A CD2  1  
HETATM 96   C CT   . IAM A 1 6  ? 1.638  9.846  0.293  1.00 0.00 ? 6  IAM A CT   1  
HETATM 97   N NH   . IAM A 1 6  ? 2.819  9.583  -0.557 1.00 0.00 ? 6  IAM A NH   1  
HETATM 98   C CI   . IAM A 1 6  ? 4.043  10.398 -0.397 1.00 0.00 ? 6  IAM A CI   1  
HETATM 99   C CK1  . IAM A 1 6  ? 4.881  9.841  0.771  1.00 0.00 ? 6  IAM A CK1  1  
HETATM 100  C CK2  . IAM A 1 6  ? 3.654  11.857 -0.102 1.00 0.00 ? 6  IAM A CK2  1  
HETATM 101  C C    . IAM A 1 6  ? -1.004 4.053  -0.447 1.00 0.00 ? 6  IAM A C    1  
HETATM 102  O O    . IAM A 1 6  ? -2.002 3.538  -0.947 1.00 0.00 ? 6  IAM A O    1  
HETATM 103  H H    . IAM A 1 6  ? 1.370  3.539  0.062  1.00 0.00 ? 6  IAM A H    1  
HETATM 104  H HA   . IAM A 1 6  ? -1.020 2.695  1.224  1.00 0.00 ? 6  IAM A HA   1  
HETATM 105  H HB   . IAM A 1 6  ? -0.349 4.482  2.898  1.00 0.00 ? 6  IAM A HB   1  
HETATM 106  H HB1  . IAM A 1 6  ? -1.825 4.906  2.058  1.00 0.00 ? 6  IAM A HB1  1  
HETATM 107  H HD1  . IAM A 1 6  ? -2.007 7.024  1.158  1.00 0.00 ? 6  IAM A HD1  1  
HETATM 108  H HE1  . IAM A 1 6  ? -0.982 9.207  0.459  1.00 0.00 ? 6  IAM A HE1  1  
HETATM 109  H HE2  . IAM A 1 6  ? 2.891  7.580  1.063  1.00 0.00 ? 6  IAM A HE2  1  
HETATM 110  H HD2  . IAM A 1 6  ? 1.863  5.398  1.765  1.00 0.00 ? 6  IAM A HD2  1  
HETATM 111  H HT1  . IAM A 1 6  ? 1.938  10.394 1.163  1.00 0.00 ? 6  IAM A HT1  1  
HETATM 112  H HT2  . IAM A 1 6  ? 0.920  10.419 -0.261 1.00 0.00 ? 6  IAM A HT2  1  
HETATM 113  H HH   . IAM A 1 6  ? 2.789  8.831  -1.262 1.00 0.00 ? 6  IAM A HH   1  
HETATM 114  H HI   . IAM A 1 6  ? 4.619  10.357 -1.298 1.00 0.00 ? 6  IAM A HI   1  
HETATM 115  H HK11 . IAM A 1 6  ? 4.305  9.883  1.673  1.00 0.00 ? 6  IAM A HK11 1  
HETATM 116  H HK12 . IAM A 1 6  ? 5.150  8.827  0.566  1.00 0.00 ? 6  IAM A HK12 1  
HETATM 117  H HK13 . IAM A 1 6  ? 5.766  10.431 0.888  1.00 0.00 ? 6  IAM A HK13 1  
HETATM 118  H HK21 . IAM A 1 6  ? 3.072  12.243 -0.914 1.00 0.00 ? 6  IAM A HK21 1  
HETATM 119  H HK22 . IAM A 1 6  ? 3.078  11.899 0.800  1.00 0.00 ? 6  IAM A HK22 1  
HETATM 120  H HK23 . IAM A 1 6  ? 4.539  12.447 0.014  1.00 0.00 ? 6  IAM A HK23 1  
ATOM   121  N N    . THR A 1 7  ? -0.273 4.993  -1.028 1.00 0.00 ? 7  THR A N    1  
ATOM   122  C CA   . THR A 1 7  ? -0.615 5.499  -2.346 1.00 0.00 ? 7  THR A CA   1  
ATOM   123  C C    . THR A 1 7  ? -0.686 4.353  -3.355 1.00 0.00 ? 7  THR A C    1  
ATOM   124  O O    . THR A 1 7  ? -1.651 3.589  -3.366 1.00 0.00 ? 7  THR A O    1  
ATOM   125  C CB   . THR A 1 7  ? 0.407  6.575  -2.718 1.00 0.00 ? 7  THR A CB   1  
ATOM   126  O OG1  . THR A 1 7  ? 0.197  7.603  -1.755 1.00 0.00 ? 7  THR A OG1  1  
ATOM   127  C CG2  . THR A 1 7  ? 0.089  7.247  -4.056 1.00 0.00 ? 7  THR A CG2  1  
ATOM   128  H H    . THR A 1 7  ? 0.540  5.405  -0.614 1.00 0.00 ? 7  THR A H    1  
ATOM   129  H HA   . THR A 1 7  ? -1.610 5.945  -2.295 1.00 0.00 ? 7  THR A HA   1  
ATOM   130  H HB   . THR A 1 7  ? 1.418  6.168  -2.718 1.00 0.00 ? 7  THR A HB   1  
ATOM   131  H HG1  . THR A 1 7  ? -0.757 7.899  -1.773 1.00 0.00 ? 7  THR A HG1  1  
ATOM   132  H HG21 . THR A 1 7  ? 0.470  8.268  -4.050 1.00 0.00 ? 7  THR A HG21 1  
ATOM   133  H HG22 . THR A 1 7  ? 0.560  6.688  -4.864 1.00 0.00 ? 7  THR A HG22 1  
ATOM   134  H HG23 . THR A 1 7  ? -0.991 7.265  -4.207 1.00 0.00 ? 7  THR A HG23 1  
HETATM 135  N N    . IYR A 1 8  ? 0.347  4.269  -4.181 1.00 0.00 ? 8  IYR A N    1  
HETATM 136  C CA   . IYR A 1 8  ? 0.413  3.228  -5.193 1.00 0.00 ? 8  IYR A CA   1  
HETATM 137  C CB   . IYR A 1 8  ? 1.923  3.003  -5.498 1.00 0.00 ? 8  IYR A CB   1  
HETATM 138  C CC   . IYR A 1 8  ? 2.911  3.345  -4.375 1.00 0.00 ? 8  IYR A CC   1  
HETATM 139  C CD   . IYR A 1 8  ? 3.737  4.466  -4.496 1.00 0.00 ? 8  IYR A CD   1  
HETATM 140  C CE   . IYR A 1 8  ? 4.634  4.786  -3.482 1.00 0.00 ? 8  IYR A CE   1  
HETATM 141  I IE   . IYR A 1 8  ? 5.894  6.492  -3.698 1.00 0.00 ? 8  IYR A IE   1  
HETATM 142  C CF   . IYR A 1 8  ? 4.710  3.990  -2.342 1.00 0.00 ? 8  IYR A CF   1  
HETATM 143  O OF   . IYR A 1 8  ? 5.594  4.300  -1.349 1.00 0.00 ? 8  IYR A OF   1  
HETATM 144  C CG   . IYR A 1 8  ? 3.889  2.873  -2.214 1.00 0.00 ? 8  IYR A CG   1  
HETATM 145  C CH   . IYR A 1 8  ? 2.988  2.551  -3.227 1.00 0.00 ? 8  IYR A CH   1  
HETATM 146  C C    . IYR A 1 8  ? -0.164 1.913  -4.667 1.00 0.00 ? 8  IYR A C    1  
HETATM 147  O O    . IYR A 1 8  ? -0.726 1.128  -5.429 1.00 0.00 ? 8  IYR A O    1  
HETATM 148  H H    . IYR A 1 8  ? 1.127  4.893  -4.166 1.00 0.00 ? 8  IYR A H    1  
HETATM 149  H HA   . IYR A 1 8  ? -0.128 3.488  -6.123 1.00 0.00 ? 8  IYR A HA   1  
HETATM 150  H HB2  . IYR A 1 8  ? 2.080  1.952  -5.822 1.00 0.00 ? 8  IYR A HB2  1  
HETATM 151  H HB3  . IYR A 1 8  ? 2.216  3.592  -6.388 1.00 0.00 ? 8  IYR A HB3  1  
HETATM 152  H HD   . IYR A 1 8  ? 3.693  5.083  -5.383 1.00 0.00 ? 8  IYR A HD   1  
HETATM 153  H HF   . IYR A 1 8  ? 6.074  5.089  -1.605 1.00 0.00 ? 8  IYR A HF   1  
HETATM 154  H HG   . IYR A 1 8  ? 3.956  2.257  -1.330 1.00 0.00 ? 8  IYR A HG   1  
HETATM 155  H HH   . IYR A 1 8  ? 2.358  1.679  -3.122 1.00 0.00 ? 8  IYR A HH   1  
ATOM   156  N N    . THR A 1 9  ? -0.008 1.713  -3.367 1.00 0.00 ? 9  THR A N    1  
ATOM   157  C CA   . THR A 1 9  ? -0.507 0.507  -2.727 1.00 0.00 ? 9  THR A CA   1  
ATOM   158  C C    . THR A 1 9  ? -2.025 0.581  -2.563 1.00 0.00 ? 9  THR A C    1  
ATOM   159  O O    . THR A 1 9  ? -2.675 1.447  -3.147 1.00 0.00 ? 9  THR A O    1  
ATOM   160  C CB   . THR A 1 9  ? 0.241  0.329  -1.405 1.00 0.00 ? 9  THR A CB   1  
ATOM   161  O OG1  . THR A 1 9  ? 0.274  1.638  -0.844 1.00 0.00 ? 9  THR A OG1  1  
ATOM   162  C CG2  . THR A 1 9  ? 1.715  -0.027 -1.607 1.00 0.00 ? 9  THR A CG2  1  
ATOM   163  H H    . THR A 1 9  ? 0.450  2.358  -2.752 1.00 0.00 ? 9  THR A H    1  
ATOM   164  H HA   . THR A 1 9  ? -0.296 -0.340 -3.381 1.00 0.00 ? 9  THR A HA   1  
ATOM   165  H HB   . THR A 1 9  ? -0.255 -0.410 -0.775 1.00 0.00 ? 9  THR A HB   1  
ATOM   166  H HG1  . THR A 1 9  ? 0.696  2.276  -1.489 1.00 0.00 ? 9  THR A HG1  1  
ATOM   167  H HG21 . THR A 1 9  ? 2.297  0.342  -0.763 1.00 0.00 ? 9  THR A HG21 1  
ATOM   168  H HG22 . THR A 1 9  ? 1.821  -1.110 -1.676 1.00 0.00 ? 9  THR A HG22 1  
ATOM   169  H HG23 . THR A 1 9  ? 2.077  0.433  -2.527 1.00 0.00 ? 9  THR A HG23 1  
ATOM   170  N N    . SER A 1 10 ? -2.546 -0.340 -1.766 1.00 0.00 ? 10 SER A N    1  
ATOM   171  C CA   . SER A 1 10 ? -3.978 -0.391 -1.516 1.00 0.00 ? 10 SER A CA   1  
ATOM   172  C C    . SER A 1 10 ? -4.267 -0.040 -0.056 1.00 0.00 ? 10 SER A C    1  
ATOM   173  O O    . SER A 1 10 ? -4.887 0.985  0.228  1.00 0.00 ? 10 SER A O    1  
ATOM   174  C CB   . SER A 1 10 ? -4.542 -1.785 -1.890 1.00 0.00 ? 10 SER A CB   1  
ATOM   175  O OG   . SER A 1 10 ? -5.951 -1.765 -2.146 1.00 0.00 ? 10 SER A OG   1  
ATOM   176  H H    . SER A 1 10 ? -2.011 -1.042 -1.296 1.00 0.00 ? 10 SER A H    1  
ATOM   177  H HA   . SER A 1 10 ? -4.487 0.370  -2.136 1.00 0.00 ? 10 SER A HA   1  
ATOM   178  H HB2  . SER A 1 10 ? -4.029 -2.165 -2.794 1.00 0.00 ? 10 SER A HB2  1  
ATOM   179  H HB3  . SER A 1 10 ? -4.321 -2.531 -1.102 1.00 0.00 ? 10 SER A HB3  1  
ATOM   180  H HG   . SER A 1 10 ? -6.387 -1.505 -1.330 1.00 0.00 ? 10 SER A HG   1  
ATOM   181  N N    . CYS A 1 11 ? -3.806 -0.908 0.831  1.00 0.00 ? 11 CYS A N    1  
ATOM   182  C CA   . CYS A 1 11 ? -4.009 -0.702 2.256  1.00 0.00 ? 11 CYS A CA   1  
ATOM   183  C C    . CYS A 1 11 ? -3.249 0.558  2.671  1.00 0.00 ? 11 CYS A C    1  
ATOM   184  O O    . CYS A 1 11 ? -1.956 0.656  2.419  1.00 0.00 ? 11 CYS A O    1  
ATOM   185  C CB   . CYS A 1 11 ? -3.577 -1.924 3.069  1.00 0.00 ? 11 CYS A CB   1  
ATOM   186  S SG   . CYS A 1 11 ? -2.881 -1.542 4.719  1.00 0.00 ? 11 CYS A SG   1  
ATOM   187  H H    . CYS A 1 11 ? -3.304 -1.739 0.592  1.00 0.00 ? 11 CYS A H    1  
ATOM   188  H HA   . CYS A 1 11 ? -5.081 -0.574 2.405  1.00 0.00 ? 11 CYS A HA   1  
ATOM   189  H HB2  . CYS A 1 11 ? -4.439 -2.580 3.197  1.00 0.00 ? 11 CYS A HB2  1  
ATOM   190  H HB3  . CYS A 1 11 ? -2.835 -2.480 2.498  1.00 0.00 ? 11 CYS A HB3  1  
ATOM   191  N N    . CYS A 1 1  ? -0.152 -5.797 5.179  1.00 0.00 ? 1  CYS A N    2  
ATOM   192  C CA   . CYS A 1 1  ? -1.077 -4.808 4.653  1.00 0.00 ? 1  CYS A CA   2  
ATOM   193  C C    . CYS A 1 1  ? -0.494 -4.246 3.356  1.00 0.00 ? 1  CYS A C    2  
ATOM   194  O O    . CYS A 1 1  ? -0.183 -3.059 3.274  1.00 0.00 ? 1  CYS A O    2  
ATOM   195  C CB   . CYS A 1 1  ? -1.368 -3.706 5.674  1.00 0.00 ? 1  CYS A CB   2  
ATOM   196  S SG   . CYS A 1 1  ? -3.011 -2.918 5.506  1.00 0.00 ? 1  CYS A SG   2  
ATOM   197  H H1   . CYS A 1 1  ? -0.119 -6.610 4.546  1.00 0.00 ? 1  CYS A H1   2  
ATOM   198  H H2   . CYS A 1 1  ? 0.789  -5.382 5.254  1.00 0.00 ? 1  CYS A H2   2  
ATOM   199  H HA   . CYS A 1 1  ? -2.015 -5.329 4.463  1.00 0.00 ? 1  CYS A HA   2  
ATOM   200  H HB2  . CYS A 1 1  ? -1.283 -4.127 6.676  1.00 0.00 ? 1  CYS A HB2  2  
ATOM   201  H HB3  . CYS A 1 1  ? -0.601 -2.937 5.586  1.00 0.00 ? 1  CYS A HB3  2  
ATOM   202  N N    . LYS A 1 2  ? -0.362 -5.125 2.373  1.00 0.00 ? 2  LYS A N    2  
ATOM   203  C CA   . LYS A 1 2  ? 0.179  -4.732 1.085  1.00 0.00 ? 2  LYS A CA   2  
ATOM   204  C C    . LYS A 1 2  ? 1.688  -4.519 1.211  1.00 0.00 ? 2  LYS A C    2  
ATOM   205  O O    . LYS A 1 2  ? 2.227  -4.515 2.317  1.00 0.00 ? 2  LYS A O    2  
ATOM   206  C CB   . LYS A 1 2  ? -0.569 -3.515 0.539  1.00 0.00 ? 2  LYS A CB   2  
ATOM   207  C CG   . LYS A 1 2  ? -1.365 -3.876 -0.718 1.00 0.00 ? 2  LYS A CG   2  
ATOM   208  C CD   . LYS A 1 2  ? -0.431 -4.286 -1.859 1.00 0.00 ? 2  LYS A CD   2  
ATOM   209  C CE   . LYS A 1 2  ? 0.410  -3.098 -2.331 1.00 0.00 ? 2  LYS A CE   2  
ATOM   210  N NZ   . LYS A 1 2  ? 1.324  -3.511 -3.419 1.00 0.00 ? 2  LYS A NZ   2  
ATOM   211  H H    . LYS A 1 2  ? -0.617 -6.090 2.449  1.00 0.00 ? 2  LYS A H    2  
ATOM   212  H HA   . LYS A 1 2  ? 0.003  -5.555 0.392  1.00 0.00 ? 2  LYS A HA   2  
ATOM   213  H HB2  . LYS A 1 2  ? -1.246 -3.126 1.302  1.00 0.00 ? 2  LYS A HB2  2  
ATOM   214  H HB3  . LYS A 1 2  ? 0.139  -2.721 0.308  1.00 0.00 ? 2  LYS A HB3  2  
ATOM   215  H HG2  . LYS A 1 2  ? -2.052 -4.691 -0.495 1.00 0.00 ? 2  LYS A HG2  2  
ATOM   216  H HG3  . LYS A 1 2  ? -1.970 -3.025 -1.027 1.00 0.00 ? 2  LYS A HG3  2  
ATOM   217  H HD2  . LYS A 1 2  ? 0.225  -5.090 -1.526 1.00 0.00 ? 2  LYS A HD2  2  
ATOM   218  H HD3  . LYS A 1 2  ? -1.017 -4.675 -2.691 1.00 0.00 ? 2  LYS A HD3  2  
ATOM   219  H HE2  . LYS A 1 2  ? -0.243 -2.298 -2.681 1.00 0.00 ? 2  LYS A HE2  2  
ATOM   220  H HE3  . LYS A 1 2  ? 0.986  -2.698 -1.497 1.00 0.00 ? 2  LYS A HE3  2  
ATOM   221  H HZ1  . LYS A 1 2  ? 2.119  -2.886 -3.506 1.00 0.00 ? 2  LYS A HZ1  2  
ATOM   222  H HZ2  . LYS A 1 2  ? 1.700  -4.441 -3.267 1.00 0.00 ? 2  LYS A HZ2  2  
ATOM   223  N N    . PHE A 1 3  ? 2.329  -4.347 0.065  1.00 0.00 ? 3  PHE A N    2  
ATOM   224  C CA   . PHE A 1 3  ? 3.766  -4.134 0.035  1.00 0.00 ? 3  PHE A CA   2  
ATOM   225  C C    . PHE A 1 3  ? 4.208  -3.211 1.174  1.00 0.00 ? 3  PHE A C    2  
ATOM   226  O O    . PHE A 1 3  ? 4.802  -3.666 2.149  1.00 0.00 ? 3  PHE A O    2  
ATOM   227  C CB   . PHE A 1 3  ? 4.091  -3.465 -1.302 1.00 0.00 ? 3  PHE A CB   2  
ATOM   228  C CG   . PHE A 1 3  ? 5.015  -4.289 -2.201 1.00 0.00 ? 3  PHE A CG   2  
ATOM   229  C CD1  . PHE A 1 3  ? 4.625  -5.520 -2.630 1.00 0.00 ? 3  PHE A CD1  2  
ATOM   230  C CD2  . PHE A 1 3  ? 6.225  -3.790 -2.572 1.00 0.00 ? 3  PHE A CD2  2  
ATOM   231  C CE1  . PHE A 1 3  ? 5.483  -6.284 -3.466 1.00 0.00 ? 3  PHE A CE1  2  
ATOM   232  C CE2  . PHE A 1 3  ? 7.081  -4.555 -3.408 1.00 0.00 ? 3  PHE A CE2  2  
ATOM   233  C CZ   . PHE A 1 3  ? 6.691  -5.785 -3.838 1.00 0.00 ? 3  PHE A CZ   2  
ATOM   234  H H    . PHE A 1 3  ? 1.883  -4.350 -0.832 1.00 0.00 ? 3  PHE A H    2  
ATOM   235  H HA   . PHE A 1 3  ? 4.240  -5.109 0.155  1.00 0.00 ? 3  PHE A HA   2  
ATOM   236  H HB2  . PHE A 1 3  ? 3.160  -3.271 -1.835 1.00 0.00 ? 3  PHE A HB2  2  
ATOM   237  H HB3  . PHE A 1 3  ? 4.556  -2.498 -1.110 1.00 0.00 ? 3  PHE A HB3  2  
ATOM   238  H HD1  . PHE A 1 3  ? 3.655  -5.919 -2.333 1.00 0.00 ? 3  PHE A HD1  2  
ATOM   239  H HD2  . PHE A 1 3  ? 6.536  -2.805 -2.228 1.00 0.00 ? 3  PHE A HD2  2  
ATOM   240  H HE1  . PHE A 1 3  ? 5.171  -7.270 -3.809 1.00 0.00 ? 3  PHE A HE1  2  
ATOM   241  H HE2  . PHE A 1 3  ? 8.052  -4.156 -3.706 1.00 0.00 ? 3  PHE A HE2  2  
ATOM   242  H HZ   . PHE A 1 3  ? 7.351  -6.371 -4.479 1.00 0.00 ? 3  PHE A HZ   2  
ATOM   243  N N    . ALA A 1 4  ? 3.899  -1.933 1.011  1.00 0.00 ? 4  ALA A N    2  
ATOM   244  C CA   . ALA A 1 4  ? 4.257  -0.944 2.012  1.00 0.00 ? 4  ALA A CA   2  
ATOM   245  C C    . ALA A 1 4  ? 4.190  0.452  1.390  1.00 0.00 ? 4  ALA A C    2  
ATOM   246  O O    . ALA A 1 4  ? 4.779  0.696  0.341  1.00 0.00 ? 4  ALA A O    2  
ATOM   247  C CB   . ALA A 1 4  ? 5.642  -1.266 2.576  1.00 0.00 ? 4  ALA A CB   2  
ATOM   248  H H    . ALA A 1 4  ? 3.417  -1.571 0.214  1.00 0.00 ? 4  ALA A H    2  
ATOM   249  H HA   . ALA A 1 4  ? 3.527  -1.008 2.820  1.00 0.00 ? 4  ALA A HA   2  
ATOM   250  H HB1  . ALA A 1 4  ? 5.904  -0.532 3.339  1.00 0.00 ? 4  ALA A HB1  2  
ATOM   251  H HB2  . ALA A 1 4  ? 5.632  -2.263 3.019  1.00 0.00 ? 4  ALA A HB2  2  
ATOM   252  H HB3  . ALA A 1 4  ? 6.379  -1.233 1.772  1.00 0.00 ? 4  ALA A HB3  2  
HETATM 253  N N    . DTR A 1 5  ? 3.466  1.333  2.067  1.00 0.00 ? 5  DTR A N    2  
HETATM 254  C CA   . DTR A 1 5  ? 3.315  2.698  1.596  1.00 0.00 ? 5  DTR A CA   2  
HETATM 255  C CB   . DTR A 1 5  ? 4.398  3.521  2.296  1.00 0.00 ? 5  DTR A CB   2  
HETATM 256  C CG   . DTR A 1 5  ? 5.634  2.710  2.693  1.00 0.00 ? 5  DTR A CG   2  
HETATM 257  C CD1  . DTR A 1 5  ? 6.040  2.376  3.926  1.00 0.00 ? 5  DTR A CD1  2  
HETATM 258  N NE1  . DTR A 1 5  ? 7.205  1.638  3.893  1.00 0.00 ? 5  DTR A NE1  2  
HETATM 259  C CE2  . DTR A 1 5  ? 7.564  1.492  2.558  1.00 0.00 ? 5  DTR A CE2  2  
HETATM 260  C CZ2  . DTR A 1 5  ? 8.665  0.826  2.003  1.00 0.00 ? 5  DTR A CZ2  2  
HETATM 261  C CH2  . DTR A 1 5  ? 8.767  0.849  0.606  1.00 0.00 ? 5  DTR A CH2  2  
HETATM 262  C CZ3  . DTR A 1 5  ? 7.799  1.510  -0.143 1.00 0.00 ? 5  DTR A CZ3  2  
HETATM 263  C CE3  . DTR A 1 5  ? 6.694  2.179  0.396  1.00 0.00 ? 5  DTR A CE3  2  
HETATM 264  C CD2  . DTR A 1 5  ? 6.614  2.143  1.800  1.00 0.00 ? 5  DTR A CD2  2  
HETATM 265  C C    . DTR A 1 5  ? 1.896  3.161  1.934  1.00 0.00 ? 5  DTR A C    2  
HETATM 266  O O    . DTR A 1 5  ? 1.438  2.992  3.062  1.00 0.00 ? 5  DTR A O    2  
HETATM 267  H H    . DTR A 1 5  ? 2.989  1.125  2.922  1.00 0.00 ? 5  DTR A H    2  
HETATM 268  H HA   . DTR A 1 5  ? 3.453  2.666  0.515  1.00 0.00 ? 5  DTR A HA   2  
HETATM 269  H HB2  . DTR A 1 5  ? 4.706  4.334  1.638  1.00 0.00 ? 5  DTR A HB2  2  
HETATM 270  H HB3  . DTR A 1 5  ? 3.973  3.976  3.190  1.00 0.00 ? 5  DTR A HB3  2  
HETATM 271  H HD1  . DTR A 1 5  ? 5.514  2.652  4.841  1.00 0.00 ? 5  DTR A HD1  2  
HETATM 272  H HE1  . DTR A 1 5  ? 7.744  1.242  4.753  1.00 0.00 ? 5  DTR A HE1  2  
HETATM 273  H HZ2  . DTR A 1 5  ? 9.404  0.320  2.623  1.00 0.00 ? 5  DTR A HZ2  2  
HETATM 274  H HH2  . DTR A 1 5  ? 9.599  0.351  0.109  1.00 0.00 ? 5  DTR A HH2  2  
HETATM 275  H HZ3  . DTR A 1 5  ? 7.909  1.507  -1.226 1.00 0.00 ? 5  DTR A HZ3  2  
HETATM 276  H HE3  . DTR A 1 5  ? 5.954  2.687  -0.222 1.00 0.00 ? 5  DTR A HE3  2  
HETATM 277  N N    . IAM A 1 6  ? 1.241  3.738  0.938  1.00 0.00 ? 6  IAM A N    2  
HETATM 278  C CA   . IAM A 1 6  ? -0.114 4.227  1.117  1.00 0.00 ? 6  IAM A CA   2  
HETATM 279  C CB   . IAM A 1 6  ? -0.015 5.558  1.866  1.00 0.00 ? 6  IAM A CB   2  
HETATM 280  C CG   . IAM A 1 6  ? 1.333  6.264  1.703  1.00 0.00 ? 6  IAM A CG   2  
HETATM 281  C CD1  . IAM A 1 6  ? 1.483  7.235  0.762  1.00 0.00 ? 6  IAM A CD1  2  
HETATM 282  C CE1  . IAM A 1 6  ? 2.734  7.892  0.612  1.00 0.00 ? 6  IAM A CE1  2  
HETATM 283  C CZ   . IAM A 1 6  ? 3.783  7.547  1.405  1.00 0.00 ? 6  IAM A CZ   2  
HETATM 284  C CE2  . IAM A 1 6  ? 3.634  6.575  2.346  1.00 0.00 ? 6  IAM A CE2  2  
HETATM 285  C CD2  . IAM A 1 6  ? 2.381  5.920  2.497  1.00 0.00 ? 6  IAM A CD2  2  
HETATM 286  C CT   . IAM A 1 6  ? 5.137  8.258  1.242  1.00 0.00 ? 6  IAM A CT   2  
HETATM 287  N NH   . IAM A 1 6  ? 4.908  9.701  1.015  1.00 0.00 ? 6  IAM A NH   2  
HETATM 288  C CI   . IAM A 1 6  ? 5.906  10.691 1.476  1.00 0.00 ? 6  IAM A CI   2  
HETATM 289  C CK1  . IAM A 1 6  ? 5.375  11.409 2.731  1.00 0.00 ? 6  IAM A CK1  2  
HETATM 290  C CK2  . IAM A 1 6  ? 6.160  11.721 0.363  1.00 0.00 ? 6  IAM A CK2  2  
HETATM 291  C C    . IAM A 1 6  ? -0.796 4.465  -0.233 1.00 0.00 ? 6  IAM A C    2  
HETATM 292  O O    . IAM A 1 6  ? -1.834 3.875  -0.521 1.00 0.00 ? 6  IAM A O    2  
HETATM 293  H H    . IAM A 1 6  ? 1.622  3.873  0.023  1.00 0.00 ? 6  IAM A H    2  
HETATM 294  H HA   . IAM A 1 6  ? -0.662 3.464  1.668  1.00 0.00 ? 6  IAM A HA   2  
HETATM 295  H HB   . IAM A 1 6  ? -0.194 5.382  2.925  1.00 0.00 ? 6  IAM A HB   2  
HETATM 296  H HB1  . IAM A 1 6  ? -0.804 6.220  1.515  1.00 0.00 ? 6  IAM A HB1  2  
HETATM 297  H HD1  . IAM A 1 6  ? 0.642  7.511  0.124  1.00 0.00 ? 6  IAM A HD1  2  
HETATM 298  H HE1  . IAM A 1 6  ? 2.854  8.672  -0.142 1.00 0.00 ? 6  IAM A HE1  2  
HETATM 299  H HE2  . IAM A 1 6  ? 4.473  6.300  2.984  1.00 0.00 ? 6  IAM A HE2  2  
HETATM 300  H HD2  . IAM A 1 6  ? 2.263  5.141  3.249  1.00 0.00 ? 6  IAM A HD2  2  
HETATM 301  H HT1  . IAM A 1 6  ? 5.661  7.841  0.407  1.00 0.00 ? 6  IAM A HT1  2  
HETATM 302  H HT2  . IAM A 1 6  ? 5.719  8.127  2.133  1.00 0.00 ? 6  IAM A HT2  2  
HETATM 303  H HH   . IAM A 1 6  ? 4.055  10.018 0.532  1.00 0.00 ? 6  IAM A HH   2  
HETATM 304  H HI   . IAM A 1 6  ? 6.821  10.190 1.714  1.00 0.00 ? 6  IAM A HI   2  
HETATM 305  H HK11 . IAM A 1 6  ? 4.459  11.911 2.494  1.00 0.00 ? 6  IAM A HK11 2  
HETATM 306  H HK12 . IAM A 1 6  ? 5.198  10.692 3.505  1.00 0.00 ? 6  IAM A HK12 2  
HETATM 307  H HK13 . IAM A 1 6  ? 6.096  12.125 3.066  1.00 0.00 ? 6  IAM A HK13 2  
HETATM 308  H HK21 . IAM A 1 6  ? 6.529  11.223 -0.508 1.00 0.00 ? 6  IAM A HK21 2  
HETATM 309  H HK22 . IAM A 1 6  ? 5.246  12.224 0.124  1.00 0.00 ? 6  IAM A HK22 2  
HETATM 310  H HK23 . IAM A 1 6  ? 6.882  12.439 0.695  1.00 0.00 ? 6  IAM A HK23 2  
ATOM   311  N N    . THR A 1 7  ? -0.181 5.330  -1.025 1.00 0.00 ? 7  THR A N    2  
ATOM   312  C CA   . THR A 1 7  ? -0.713 5.653  -2.337 1.00 0.00 ? 7  THR A CA   2  
ATOM   313  C C    . THR A 1 7  ? -0.862 4.385  -3.179 1.00 0.00 ? 7  THR A C    2  
ATOM   314  O O    . THR A 1 7  ? -1.776 3.592  -2.956 1.00 0.00 ? 7  THR A O    2  
ATOM   315  C CB   . THR A 1 7  ? 0.201  6.701  -2.975 1.00 0.00 ? 7  THR A CB   2  
ATOM   316  O OG1  . THR A 1 7  ? 0.079  7.835  -2.121 1.00 0.00 ? 7  THR A OG1  2  
ATOM   317  C CG2  . THR A 1 7  ? -0.323 7.193  -4.326 1.00 0.00 ? 7  THR A CG2  2  
ATOM   318  H H    . THR A 1 7  ? 0.665  5.807  -0.784 1.00 0.00 ? 7  THR A H    2  
ATOM   319  H HA   . THR A 1 7  ? -1.712 6.072  -2.209 1.00 0.00 ? 7  THR A HA   2  
ATOM   320  H HB   . THR A 1 7  ? 1.220  6.323  -3.068 1.00 0.00 ? 7  THR A HB   2  
ATOM   321  H HG1  . THR A 1 7  ? -0.881 8.100  -2.042 1.00 0.00 ? 7  THR A HG1  2  
ATOM   322  H HG21 . THR A 1 7  ? 0.012  8.216  -4.495 1.00 0.00 ? 7  THR A HG21 2  
ATOM   323  H HG22 . THR A 1 7  ? 0.056  6.550  -5.119 1.00 0.00 ? 7  THR A HG22 2  
ATOM   324  H HG23 . THR A 1 7  ? -1.414 7.162  -4.325 1.00 0.00 ? 7  THR A HG23 2  
HETATM 325  N N    . IYR A 1 8  ? 0.049  4.231  -4.129 1.00 0.00 ? 8  IYR A N    2  
HETATM 326  C CA   . IYR A 1 8  ? 0.031  3.072  -5.005 1.00 0.00 ? 8  IYR A CA   2  
HETATM 327  C CB   . IYR A 1 8  ? 1.508  2.807  -5.420 1.00 0.00 ? 8  IYR A CB   2  
HETATM 328  C CC   . IYR A 1 8  ? 2.593  3.310  -4.462 1.00 0.00 ? 8  IYR A CC   2  
HETATM 329  C CD   . IYR A 1 8  ? 3.297  4.480  -4.762 1.00 0.00 ? 8  IYR A CD   2  
HETATM 330  C CE   . IYR A 1 8  ? 4.283  4.946  -3.898 1.00 0.00 ? 8  IYR A CE   2  
HETATM 331  I IE   . IYR A 1 8  ? 5.350  6.723  -4.384 1.00 0.00 ? 8  IYR A IE   2  
HETATM 332  C CF   . IYR A 1 8  ? 4.570  4.247  -2.728 1.00 0.00 ? 8  IYR A CF   2  
HETATM 333  O OF   . IYR A 1 8  ? 5.541  4.699  -1.881 1.00 0.00 ? 8  IYR A OF   2  
HETATM 334  C CG   . IYR A 1 8  ? 3.871  3.082  -2.421 1.00 0.00 ? 8  IYR A CG   2  
HETATM 335  C CH   . IYR A 1 8  ? 2.883  2.613  -3.284 1.00 0.00 ? 8  IYR A CH   2  
HETATM 336  C C    . IYR A 1 8  ? -0.480 1.834  -4.267 1.00 0.00 ? 8  IYR A C    2  
HETATM 337  O O    . IYR A 1 8  ? -1.197 1.016  -4.839 1.00 0.00 ? 8  IYR A O    2  
HETATM 338  H H    . IYR A 1 8  ? 0.788  4.881  -4.304 1.00 0.00 ? 8  IYR A H    2  
HETATM 339  H HA   . IYR A 1 8  ? -0.597 3.214  -5.904 1.00 0.00 ? 8  IYR A HA   2  
HETATM 340  H HB2  . IYR A 1 8  ? 1.648  1.723  -5.604 1.00 0.00 ? 8  IYR A HB2  2  
HETATM 341  H HB3  . IYR A 1 8  ? 1.703  3.262  -6.410 1.00 0.00 ? 8  IYR A HB3  2  
HETATM 342  H HD   . IYR A 1 8  ? 3.087  5.024  -5.673 1.00 0.00 ? 8  IYR A HD   2  
HETATM 343  H HF   . IYR A 1 8  ? 5.912  5.503  -2.248 1.00 0.00 ? 8  IYR A HF   2  
HETATM 344  H HG   . IYR A 1 8  ? 4.102  2.541  -1.516 1.00 0.00 ? 8  IYR A HG   2  
HETATM 345  H HH   . IYR A 1 8  ? 2.350  1.706  -3.041 1.00 0.00 ? 8  IYR A HH   2  
ATOM   346  N N    . THR A 1 9  ? -0.091 1.737  -3.003 1.00 0.00 ? 9  THR A N    2  
ATOM   347  C CA   . THR A 1 9  ? -0.501 0.611  -2.178 1.00 0.00 ? 9  THR A CA   2  
ATOM   348  C C    . THR A 1 9  ? -2.022 0.602  -2.007 1.00 0.00 ? 9  THR A C    2  
ATOM   349  O O    . THR A 1 9  ? -2.636 1.653  -1.830 1.00 0.00 ? 9  THR A O    2  
ATOM   350  C CB   . THR A 1 9  ? 0.259  0.695  -0.853 1.00 0.00 ? 9  THR A CB   2  
ATOM   351  O OG1  . THR A 1 9  ? 0.055  2.038  -0.419 1.00 0.00 ? 9  THR A OG1  2  
ATOM   352  C CG2  . THR A 1 9  ? 1.774  0.588  -1.038 1.00 0.00 ? 9  THR A CG2  2  
ATOM   353  H H    . THR A 1 9  ? 0.491  2.407  -2.543 1.00 0.00 ? 9  THR A H    2  
ATOM   354  H HA   . THR A 1 9  ? -0.231 -0.310 -2.695 1.00 0.00 ? 9  THR A HA   2  
ATOM   355  H HB   . THR A 1 9  ? -0.101 -0.057 -0.150 1.00 0.00 ? 9  THR A HB   2  
ATOM   356  H HG1  . THR A 1 9  ? 0.363  2.674  -1.126 1.00 0.00 ? 9  THR A HG1  2  
ATOM   357  H HG21 . THR A 1 9  ? 2.277  1.132  -0.239 1.00 0.00 ? 9  THR A HG21 2  
ATOM   358  H HG22 . THR A 1 9  ? 2.070  -0.460 -1.006 1.00 0.00 ? 9  THR A HG22 2  
ATOM   359  H HG23 . THR A 1 9  ? 2.053  1.015  -2.001 1.00 0.00 ? 9  THR A HG23 2  
ATOM   360  N N    . SER A 1 10 ? -2.584 -0.595 -2.065 1.00 0.00 ? 10 SER A N    2  
ATOM   361  C CA   . SER A 1 10 ? -4.021 -0.755 -1.918 1.00 0.00 ? 10 SER A CA   2  
ATOM   362  C C    . SER A 1 10 ? -4.444 -0.392 -0.491 1.00 0.00 ? 10 SER A C    2  
ATOM   363  O O    . SER A 1 10 ? -5.314 0.456  -0.297 1.00 0.00 ? 10 SER A O    2  
ATOM   364  C CB   . SER A 1 10 ? -4.445 -2.199 -2.287 1.00 0.00 ? 10 SER A CB   2  
ATOM   365  O OG   . SER A 1 10 ? -5.850 -2.320 -2.532 1.00 0.00 ? 10 SER A OG   2  
ATOM   366  H H    . SER A 1 10 ? -2.077 -1.446 -2.209 1.00 0.00 ? 10 SER A H    2  
ATOM   367  H HA   . SER A 1 10 ? -4.540 -0.054 -2.596 1.00 0.00 ? 10 SER A HA   2  
ATOM   368  H HB2  . SER A 1 10 ? -3.901 -2.526 -3.197 1.00 0.00 ? 10 SER A HB2  2  
ATOM   369  H HB3  . SER A 1 10 ? -4.143 -2.918 -1.502 1.00 0.00 ? 10 SER A HB3  2  
ATOM   370  H HG   . SER A 1 10 ? -6.304 -2.106 -1.714 1.00 0.00 ? 10 SER A HG   2  
ATOM   371  N N    . CYS A 1 11 ? -3.811 -1.052 0.466  1.00 0.00 ? 11 CYS A N    2  
ATOM   372  C CA   . CYS A 1 11 ? -4.112 -0.809 1.866  1.00 0.00 ? 11 CYS A CA   2  
ATOM   373  C C    . CYS A 1 11 ? -4.243 0.702  2.074  1.00 0.00 ? 11 CYS A C    2  
ATOM   374  O O    . CYS A 1 11 ? -5.431 1.229  2.308  1.00 0.00 ? 11 CYS A O    2  
ATOM   375  C CB   . CYS A 1 11 ? -3.052 -1.421 2.785  1.00 0.00 ? 11 CYS A CB   2  
ATOM   376  S SG   . CYS A 1 11 ? -3.544 -2.994 3.581  1.00 0.00 ? 11 CYS A SG   2  
ATOM   377  H H    . CYS A 1 11 ? -3.105 -1.740 0.298  1.00 0.00 ? 11 CYS A H    2  
ATOM   378  H HA   . CYS A 1 11 ? -5.054 -1.312 2.077  1.00 0.00 ? 11 CYS A HA   2  
ATOM   379  H HB2  . CYS A 1 11 ? -2.143 -1.590 2.208  1.00 0.00 ? 11 CYS A HB2  2  
ATOM   380  H HB3  . CYS A 1 11 ? -2.804 -0.699 3.565  1.00 0.00 ? 11 CYS A HB3  2  
ATOM   381  N N    . CYS A 1 1  ? -3.092 -5.693 3.322  1.00 0.00 ? 1  CYS A N    3  
ATOM   382  C CA   . CYS A 1 1  ? -3.518 -4.684 2.367  1.00 0.00 ? 1  CYS A CA   3  
ATOM   383  C C    . CYS A 1 1  ? -2.478 -3.563 2.354  1.00 0.00 ? 1  CYS A C    3  
ATOM   384  O O    . CYS A 1 1  ? -2.783 -2.425 2.710  1.00 0.00 ? 1  CYS A O    3  
ATOM   385  C CB   . CYS A 1 1  ? -4.920 -4.159 2.689  1.00 0.00 ? 1  CYS A CB   3  
ATOM   386  S SG   . CYS A 1 1  ? -5.845 -3.508 1.250  1.00 0.00 ? 1  CYS A SG   3  
ATOM   387  H H1   . CYS A 1 1  ? -3.387 -5.417 4.269  1.00 0.00 ? 1  CYS A H1   3  
ATOM   388  H H2   . CYS A 1 1  ? -3.519 -6.598 3.079  1.00 0.00 ? 1  CYS A H2   3  
ATOM   389  H HA   . CYS A 1 1  ? -3.571 -5.173 1.396  1.00 0.00 ? 1  CYS A HA   3  
ATOM   390  H HB2  . CYS A 1 1  ? -5.499 -4.963 3.142  1.00 0.00 ? 1  CYS A HB2  3  
ATOM   391  H HB3  . CYS A 1 1  ? -4.835 -3.370 3.435  1.00 0.00 ? 1  CYS A HB3  3  
ATOM   392  N N    . LYS A 1 2  ? -1.272 -3.924 1.940  1.00 0.00 ? 2  LYS A N    3  
ATOM   393  C CA   . LYS A 1 2  ? -0.185 -2.962 1.875  1.00 0.00 ? 2  LYS A CA   3  
ATOM   394  C C    . LYS A 1 2  ? 1.093  -3.673 1.426  1.00 0.00 ? 2  LYS A C    3  
ATOM   395  O O    . LYS A 1 2  ? 1.412  -4.754 1.919  1.00 0.00 ? 2  LYS A O    3  
ATOM   396  C CB   . LYS A 1 2  ? -0.042 -2.225 3.209  1.00 0.00 ? 2  LYS A CB   3  
ATOM   397  C CG   . LYS A 1 2  ? 1.238  -2.646 3.935  1.00 0.00 ? 2  LYS A CG   3  
ATOM   398  C CD   . LYS A 1 2  ? 2.461  -1.940 3.344  1.00 0.00 ? 2  LYS A CD   3  
ATOM   399  C CE   . LYS A 1 2  ? 3.524  -1.699 4.417  1.00 0.00 ? 2  LYS A CE   3  
ATOM   400  N NZ   . LYS A 1 2  ? 4.789  -2.376 4.052  1.00 0.00 ? 2  LYS A NZ   3  
ATOM   401  H H    . LYS A 1 2  ? -1.034 -4.851 1.653  1.00 0.00 ? 2  LYS A H    3  
ATOM   402  H HA   . LYS A 1 2  ? -0.450 -2.219 1.124  1.00 0.00 ? 2  LYS A HA   3  
ATOM   403  H HB2  . LYS A 1 2  ? -0.029 -1.148 3.035  1.00 0.00 ? 2  LYS A HB2  3  
ATOM   404  H HB3  . LYS A 1 2  ? -0.907 -2.433 3.839  1.00 0.00 ? 2  LYS A HB3  3  
ATOM   405  H HG2  . LYS A 1 2  ? 1.152  -2.409 4.994  1.00 0.00 ? 2  LYS A HG2  3  
ATOM   406  H HG3  . LYS A 1 2  ? 1.364  -3.725 3.858  1.00 0.00 ? 2  LYS A HG3  3  
ATOM   407  H HD2  . LYS A 1 2  ? 2.879  -2.542 2.538  1.00 0.00 ? 2  LYS A HD2  3  
ATOM   408  H HD3  . LYS A 1 2  ? 2.160  -0.988 2.907  1.00 0.00 ? 2  LYS A HD3  3  
ATOM   409  H HE2  . LYS A 1 2  ? 3.697  -0.630 4.533  1.00 0.00 ? 2  LYS A HE2  3  
ATOM   410  H HE3  . LYS A 1 2  ? 3.171  -2.073 5.378  1.00 0.00 ? 2  LYS A HE3  3  
ATOM   411  H HZ1  . LYS A 1 2  ? 5.377  -2.548 4.860  1.00 0.00 ? 2  LYS A HZ1  3  
ATOM   412  H HZ2  . LYS A 1 2  ? 4.626  -3.275 3.611  1.00 0.00 ? 2  LYS A HZ2  3  
ATOM   413  N N    . PHE A 1 3  ? 1.790  -3.038 0.496  1.00 0.00 ? 3  PHE A N    3  
ATOM   414  C CA   . PHE A 1 3  ? 3.026  -3.595 -0.026 1.00 0.00 ? 3  PHE A CA   3  
ATOM   415  C C    . PHE A 1 3  ? 4.243  -2.906 0.593  1.00 0.00 ? 3  PHE A C    3  
ATOM   416  O O    . PHE A 1 3  ? 5.106  -3.564 1.173  1.00 0.00 ? 3  PHE A O    3  
ATOM   417  C CB   . PHE A 1 3  ? 3.025  -3.348 -1.535 1.00 0.00 ? 3  PHE A CB   3  
ATOM   418  C CG   . PHE A 1 3  ? 2.778  -4.603 -2.373 1.00 0.00 ? 3  PHE A CG   3  
ATOM   419  C CD1  . PHE A 1 3  ? 1.514  -5.080 -2.526 1.00 0.00 ? 3  PHE A CD1  3  
ATOM   420  C CD2  . PHE A 1 3  ? 3.823  -5.243 -2.965 1.00 0.00 ? 3  PHE A CD2  3  
ATOM   421  C CE1  . PHE A 1 3  ? 1.284  -6.246 -3.302 1.00 0.00 ? 3  PHE A CE1  3  
ATOM   422  C CE2  . PHE A 1 3  ? 3.592  -6.407 -3.742 1.00 0.00 ? 3  PHE A CE2  3  
ATOM   423  C CZ   . PHE A 1 3  ? 2.328  -6.885 -3.894 1.00 0.00 ? 3  PHE A CZ   3  
ATOM   424  H H    . PHE A 1 3  ? 1.524  -2.158 0.101  1.00 0.00 ? 3  PHE A H    3  
ATOM   425  H HA   . PHE A 1 3  ? 3.039  -4.654 0.237  1.00 0.00 ? 3  PHE A HA   3  
ATOM   426  H HB2  . PHE A 1 3  ? 2.261  -2.608 -1.771 1.00 0.00 ? 3  PHE A HB2  3  
ATOM   427  H HB3  . PHE A 1 3  ? 3.984  -2.914 -1.822 1.00 0.00 ? 3  PHE A HB3  3  
ATOM   428  H HD1  . PHE A 1 3  ? 0.677  -4.568 -2.050 1.00 0.00 ? 3  PHE A HD1  3  
ATOM   429  H HD2  . PHE A 1 3  ? 4.836  -4.861 -2.841 1.00 0.00 ? 3  PHE A HD2  3  
ATOM   430  H HE1  . PHE A 1 3  ? 0.271  -6.629 -3.424 1.00 0.00 ? 3  PHE A HE1  3  
ATOM   431  H HE2  . PHE A 1 3  ? 4.429  -6.922 -4.217 1.00 0.00 ? 3  PHE A HE2  3  
ATOM   432  H HZ   . PHE A 1 3  ? 2.152  -7.779 -4.493 1.00 0.00 ? 3  PHE A HZ   3  
ATOM   433  N N    . ALA A 1 4  ? 4.274  -1.588 0.450  1.00 0.00 ? 4  ALA A N    3  
ATOM   434  C CA   . ALA A 1 4  ? 5.372  -0.803 0.988  1.00 0.00 ? 4  ALA A CA   3  
ATOM   435  C C    . ALA A 1 4  ? 5.040  0.684  0.857  1.00 0.00 ? 4  ALA A C    3  
ATOM   436  O O    . ALA A 1 4  ? 5.592  1.376  0.002  1.00 0.00 ? 4  ALA A O    3  
ATOM   437  C CB   . ALA A 1 4  ? 6.668  -1.176 0.265  1.00 0.00 ? 4  ALA A CB   3  
ATOM   438  H H    . ALA A 1 4  ? 3.569  -1.062 -0.024 1.00 0.00 ? 4  ALA A H    3  
ATOM   439  H HA   . ALA A 1 4  ? 5.475  -1.052 2.044  1.00 0.00 ? 4  ALA A HA   3  
ATOM   440  H HB1  . ALA A 1 4  ? 7.494  -0.597 0.678  1.00 0.00 ? 4  ALA A HB1  3  
ATOM   441  H HB2  . ALA A 1 4  ? 6.866  -2.240 0.399  1.00 0.00 ? 4  ALA A HB2  3  
ATOM   442  H HB3  . ALA A 1 4  ? 6.566  -0.958 -0.797 1.00 0.00 ? 4  ALA A HB3  3  
HETATM 443  N N    . DTR A 1 5  ? 4.138  1.135  1.718  1.00 0.00 ? 5  DTR A N    3  
HETATM 444  C CA   . DTR A 1 5  ? 3.727  2.527  1.712  1.00 0.00 ? 5  DTR A CA   3  
HETATM 445  C CB   . DTR A 1 5  ? 4.701  3.271  2.629  1.00 0.00 ? 5  DTR A CB   3  
HETATM 446  C CG   . DTR A 1 5  ? 5.974  2.486  2.948  1.00 0.00 ? 5  DTR A CG   3  
HETATM 447  C CD1  . DTR A 1 5  ? 6.274  1.817  4.069  1.00 0.00 ? 5  DTR A CD1  3  
HETATM 448  N NE1  . DTR A 1 5  ? 7.522  1.233  3.993  1.00 0.00 ? 5  DTR A NE1  3  
HETATM 449  C CE2  . DTR A 1 5  ? 8.052  1.547  2.748  1.00 0.00 ? 5  DTR A CE2  3  
HETATM 450  C CZ2  . DTR A 1 5  ? 9.287  1.192  2.192  1.00 0.00 ? 5  DTR A CZ2  3  
HETATM 451  C CH2  . DTR A 1 5  ? 9.547  1.663  0.901  1.00 0.00 ? 5  DTR A CH2  3  
HETATM 452  C CZ3  . DTR A 1 5  ? 8.599  2.439  0.246  1.00 0.00 ? 5  DTR A CZ3  3  
HETATM 453  C CE3  . DTR A 1 5  ? 7.359  2.803  0.786  1.00 0.00 ? 5  DTR A CE3  3  
HETATM 454  C CD2  . DTR A 1 5  ? 7.121  2.320  2.084  1.00 0.00 ? 5  DTR A CD2  3  
HETATM 455  C C    . DTR A 1 5  ? 2.277  2.593  2.197  1.00 0.00 ? 5  DTR A C    3  
HETATM 456  O O    . DTR A 1 5  ? 1.990  2.274  3.349  1.00 0.00 ? 5  DTR A O    3  
HETATM 457  H H    . DTR A 1 5  ? 3.694  0.566  2.411  1.00 0.00 ? 5  DTR A H    3  
HETATM 458  H HA   . DTR A 1 5  ? 3.794  2.862  0.677  1.00 0.00 ? 5  DTR A HA   3  
HETATM 459  H HB2  . DTR A 1 5  ? 4.974  4.216  2.162  1.00 0.00 ? 5  DTR A HB2  3  
HETATM 460  H HB3  . DTR A 1 5  ? 4.192  3.512  3.562  1.00 0.00 ? 5  DTR A HB3  3  
HETATM 461  H HD1  . DTR A 1 5  ? 5.615  1.744  4.934  1.00 0.00 ? 5  DTR A HD1  3  
HETATM 462  H HE1  . DTR A 1 5  ? 8.003  0.634  4.767  1.00 0.00 ? 5  DTR A HE1  3  
HETATM 463  H HZ2  . DTR A 1 5  ? 10.007 0.581  2.737  1.00 0.00 ? 5  DTR A HZ2  3  
HETATM 464  H HH2  . DTR A 1 5  ? 10.491 1.421  0.409  1.00 0.00 ? 5  DTR A HH2  3  
HETATM 465  H HZ3  . DTR A 1 5  ? 8.834  2.787  -0.759 1.00 0.00 ? 5  DTR A HZ3  3  
HETATM 466  H HE3  . DTR A 1 5  ? 6.637  3.414  0.245  1.00 0.00 ? 5  DTR A HE3  3  
HETATM 467  N N    . IAM A 1 6  ? 1.403  3.010  1.293  1.00 0.00 ? 6  IAM A N    3  
HETATM 468  C CA   . IAM A 1 6  ? -0.011 3.123  1.614  1.00 0.00 ? 6  IAM A CA   3  
HETATM 469  C CB   . IAM A 1 6  ? -0.136 4.173  2.721  1.00 0.00 ? 6  IAM A CB   3  
HETATM 470  C CG   . IAM A 1 6  ? 0.233  5.590  2.277  1.00 0.00 ? 6  IAM A CG   3  
HETATM 471  C CD1  . IAM A 1 6  ? -0.696 6.582  2.334  1.00 0.00 ? 6  IAM A CD1  3  
HETATM 472  C CE1  . IAM A 1 6  ? -0.355 7.898  1.924  1.00 0.00 ? 6  IAM A CE1  3  
HETATM 473  C CZ   . IAM A 1 6  ? 0.900  8.165  1.474  1.00 0.00 ? 6  IAM A CZ   3  
HETATM 474  C CE2  . IAM A 1 6  ? 1.829  7.174  1.418  1.00 0.00 ? 6  IAM A CE2  3  
HETATM 475  C CD2  . IAM A 1 6  ? 1.487  5.857  1.829  1.00 0.00 ? 6  IAM A CD2  3  
HETATM 476  C CT   . IAM A 1 6  ? 1.270  9.593  1.032  1.00 0.00 ? 6  IAM A CT   3  
HETATM 477  N NH   . IAM A 1 6  ? 2.738  9.761  1.099  1.00 0.00 ? 6  IAM A NH   3  
HETATM 478  C CI   . IAM A 1 6  ? 3.351  10.460 2.249  1.00 0.00 ? 6  IAM A CI   3  
HETATM 479  C CK1  . IAM A 1 6  ? 2.971  9.735  3.553  1.00 0.00 ? 6  IAM A CK1  3  
HETATM 480  C CK2  . IAM A 1 6  ? 2.843  11.911 2.300  1.00 0.00 ? 6  IAM A CK2  3  
HETATM 481  C C    . IAM A 1 6  ? -0.814 3.584  0.398  1.00 0.00 ? 6  IAM A C    3  
HETATM 482  O O    . IAM A 1 6  ? -1.904 3.074  0.139  1.00 0.00 ? 6  IAM A O    3  
HETATM 483  H H    . IAM A 1 6  ? 1.645  3.270  0.358  1.00 0.00 ? 6  IAM A H    3  
HETATM 484  H HA   . IAM A 1 6  ? -0.353 2.134  1.919  1.00 0.00 ? 6  IAM A HA   3  
HETATM 485  H HB   . IAM A 1 6  ? 0.507  3.885  3.553  1.00 0.00 ? 6  IAM A HB   3  
HETATM 486  H HB1  . IAM A 1 6  ? -1.159 4.173  3.092  1.00 0.00 ? 6  IAM A HB1  3  
HETATM 487  H HD1  . IAM A 1 6  ? -1.702 6.366  2.694  1.00 0.00 ? 6  IAM A HD1  3  
HETATM 488  H HE1  . IAM A 1 6  ? -1.099 8.693  1.970  1.00 0.00 ? 6  IAM A HE1  3  
HETATM 489  H HE2  . IAM A 1 6  ? 2.835  7.390  1.061  1.00 0.00 ? 6  IAM A HE2  3  
HETATM 490  H HD2  . IAM A 1 6  ? 2.232  5.062  1.783  1.00 0.00 ? 6  IAM A HD2  3  
HETATM 491  H HT1  . IAM A 1 6  ? 0.799  10.301 1.681  1.00 0.00 ? 6  IAM A HT1  3  
HETATM 492  H HT2  . IAM A 1 6  ? 0.939  9.753  0.026  1.00 0.00 ? 6  IAM A HT2  3  
HETATM 493  H HH   . IAM A 1 6  ? 3.334  9.391  0.343  1.00 0.00 ? 6  IAM A HH   3  
HETATM 494  H HI   . IAM A 1 6  ? 4.417  10.458 2.139  1.00 0.00 ? 6  IAM A HI   3  
HETATM 495  H HK11 . IAM A 1 6  ? 1.905  9.736  3.663  1.00 0.00 ? 6  IAM A HK11 3  
HETATM 496  H HK12 . IAM A 1 6  ? 3.324  8.725  3.518  1.00 0.00 ? 6  IAM A HK12 3  
HETATM 497  H HK13 . IAM A 1 6  ? 3.415  10.239 4.385  1.00 0.00 ? 6  IAM A HK13 3  
HETATM 498  H HK21 . IAM A 1 6  ? 3.108  12.413 1.393  1.00 0.00 ? 6  IAM A HK21 3  
HETATM 499  H HK22 . IAM A 1 6  ? 1.779  11.913 2.409  1.00 0.00 ? 6  IAM A HK22 3  
HETATM 500  H HK23 . IAM A 1 6  ? 3.286  12.417 3.131  1.00 0.00 ? 6  IAM A HK23 3  
ATOM   501  N N    . THR A 1 7  ? -0.246 4.545  -0.317 1.00 0.00 ? 7  THR A N    3  
ATOM   502  C CA   . THR A 1 7  ? -0.898 5.081  -1.500 1.00 0.00 ? 7  THR A CA   3  
ATOM   503  C C    . THR A 1 7  ? -0.972 4.016  -2.596 1.00 0.00 ? 7  THR A C    3  
ATOM   504  O O    . THR A 1 7  ? -1.860 3.166  -2.583 1.00 0.00 ? 7  THR A O    3  
ATOM   505  C CB   . THR A 1 7  ? -0.140 6.341  -1.927 1.00 0.00 ? 7  THR A CB   3  
ATOM   506  O OG1  . THR A 1 7  ? -0.676 7.366  -1.095 1.00 0.00 ? 7  THR A OG1  3  
ATOM   507  C CG2  . THR A 1 7  ? -0.500 6.786  -3.346 1.00 0.00 ? 7  THR A CG2  3  
ATOM   508  H H    . THR A 1 7  ? 0.639  4.955  -0.101 1.00 0.00 ? 7  THR A H    3  
ATOM   509  H HA   . THR A 1 7  ? -1.923 5.344  -1.239 1.00 0.00 ? 7  THR A HA   3  
ATOM   510  H HB   . THR A 1 7  ? 0.936  6.202  -1.824 1.00 0.00 ? 7  THR A HB   3  
ATOM   511  H HG1  . THR A 1 7  ? -1.668 7.410  -1.203 1.00 0.00 ? 7  THR A HG1  3  
ATOM   512  H HG21 . THR A 1 7  ? -0.379 7.867  -3.428 1.00 0.00 ? 7  THR A HG21 3  
ATOM   513  H HG22 . THR A 1 7  ? 0.160  6.293  -4.061 1.00 0.00 ? 7  THR A HG22 3  
ATOM   514  H HG23 . THR A 1 7  ? -1.535 6.519  -3.561 1.00 0.00 ? 7  THR A HG23 3  
HETATM 515  N N    . IYR A 1 8  ? -0.027 4.100  -3.522 1.00 0.00 ? 8  IYR A N    3  
HETATM 516  C CA   . IYR A 1 8  ? 0.027  3.153  -4.622 1.00 0.00 ? 8  IYR A CA   3  
HETATM 517  C CB   . IYR A 1 8  ? 1.516  3.074  -5.068 1.00 0.00 ? 8  IYR A CB   3  
HETATM 518  C CC   . IYR A 1 8  ? 2.570  3.403  -4.004 1.00 0.00 ? 8  IYR A CC   3  
HETATM 519  C CD   . IYR A 1 8  ? 3.254  4.622  -4.057 1.00 0.00 ? 8  IYR A CD   3  
HETATM 520  C CE   . IYR A 1 8  ? 4.211  4.930  -3.096 1.00 0.00 ? 8  IYR A CE   3  
HETATM 521  I IE   . IYR A 1 8  ? 5.248  6.788  -3.208 1.00 0.00 ? 8  IYR A IE   3  
HETATM 522  C CF   . IYR A 1 8  ? 4.488  4.024  -2.076 1.00 0.00 ? 8  IYR A CF   3  
HETATM 523  O OF   . IYR A 1 8  ? 5.432  4.324  -1.134 1.00 0.00 ? 8  IYR A OF   3  
HETATM 524  C CG   . IYR A 1 8  ? 3.812  2.810  -2.015 1.00 0.00 ? 8  IYR A CG   3  
HETATM 525  C CH   . IYR A 1 8  ? 2.852  2.500  -2.975 1.00 0.00 ? 8  IYR A CH   3  
HETATM 526  C C    . IYR A 1 8  ? -0.406 1.758  -4.169 1.00 0.00 ? 8  IYR A C    3  
HETATM 527  O O    . IYR A 1 8  ? -1.027 1.018  -4.930 1.00 0.00 ? 8  IYR A O    3  
HETATM 528  H H    . IYR A 1 8  ? 0.693  4.793  -3.527 1.00 0.00 ? 8  IYR A H    3  
HETATM 529  H HA   . IYR A 1 8  ? -0.611 3.444  -5.480 1.00 0.00 ? 8  IYR A HA   3  
HETATM 530  H HB2  . IYR A 1 8  ? 1.720  2.070  -5.493 1.00 0.00 ? 8  IYR A HB2  3  
HETATM 531  H HB3  . IYR A 1 8  ? 1.686  3.756  -5.924 1.00 0.00 ? 8  IYR A HB3  3  
HETATM 532  H HD   . IYR A 1 8  ? 3.051  5.326  -4.854 1.00 0.00 ? 8  IYR A HD   3  
HETATM 533  H HF   . IYR A 1 8  ? 5.794  5.191  -1.331 1.00 0.00 ? 8  IYR A HF   3  
HETATM 534  H HG   . IYR A 1 8  ? 4.035  2.109  -1.223 1.00 0.00 ? 8  IYR A HG   3  
HETATM 535  H HH   . IYR A 1 8  ? 2.333  1.552  -2.924 1.00 0.00 ? 8  IYR A HH   3  
ATOM   536  N N    . THR A 1 9  ? -0.060 1.439  -2.930 1.00 0.00 ? 9  THR A N    3  
ATOM   537  C CA   . THR A 1 9  ? -0.404 0.146  -2.366 1.00 0.00 ? 9  THR A CA   3  
ATOM   538  C C    . THR A 1 9  ? -1.915 -0.083 -2.438 1.00 0.00 ? 9  THR A C    3  
ATOM   539  O O    . THR A 1 9  ? -2.679 0.859  -2.644 1.00 0.00 ? 9  THR A O    3  
ATOM   540  C CB   . THR A 1 9  ? 0.152  0.088  -0.940 1.00 0.00 ? 9  THR A CB   3  
ATOM   541  O OG1  . THR A 1 9  ? -0.527 1.141  -0.261 1.00 0.00 ? 9  THR A OG1  3  
ATOM   542  C CG2  . THR A 1 9  ? 1.626  0.488  -0.870 1.00 0.00 ? 9  THR A CG2  3  
ATOM   543  H H    . THR A 1 9  ? 0.445  2.047  -2.318 1.00 0.00 ? 9  THR A H    3  
ATOM   544  H HA   . THR A 1 9  ? 0.067  -0.629 -2.971 1.00 0.00 ? 9  THR A HA   3  
ATOM   545  H HB   . THR A 1 9  ? -0.007 -0.897 -0.500 1.00 0.00 ? 9  THR A HB   3  
ATOM   546  H HG1  . THR A 1 9  ? -0.382 2.006  -0.739 1.00 0.00 ? 9  THR A HG1  3  
ATOM   547  H HG21 . THR A 1 9  ? 1.839  0.920  0.109  1.00 0.00 ? 9  THR A HG21 3  
ATOM   548  H HG22 . THR A 1 9  ? 2.249  -0.392 -1.021 1.00 0.00 ? 9  THR A HG22 3  
ATOM   549  H HG23 . THR A 1 9  ? 1.842  1.223  -1.646 1.00 0.00 ? 9  THR A HG23 3  
ATOM   550  N N    . SER A 1 10 ? -2.299 -1.339 -2.267 1.00 0.00 ? 10 SER A N    3  
ATOM   551  C CA   . SER A 1 10 ? -3.706 -1.703 -2.310 1.00 0.00 ? 10 SER A CA   3  
ATOM   552  C C    . SER A 1 10 ? -4.512 -0.798 -1.374 1.00 0.00 ? 10 SER A C    3  
ATOM   553  O O    . SER A 1 10 ? -5.389 -0.062 -1.820 1.00 0.00 ? 10 SER A O    3  
ATOM   554  C CB   . SER A 1 10 ? -3.888 -3.199 -1.951 1.00 0.00 ? 10 SER A CB   3  
ATOM   555  O OG   . SER A 1 10 ? -5.253 -3.627 -2.021 1.00 0.00 ? 10 SER A OG   3  
ATOM   556  H H    . SER A 1 10 ? -1.671 -2.098 -2.100 1.00 0.00 ? 10 SER A H    3  
ATOM   557  H HA   . SER A 1 10 ? -4.099 -1.538 -3.330 1.00 0.00 ? 10 SER A HA   3  
ATOM   558  H HB2  . SER A 1 10 ? -3.291 -3.824 -2.642 1.00 0.00 ? 10 SER A HB2  3  
ATOM   559  H HB3  . SER A 1 10 ? -3.483 -3.421 -0.945 1.00 0.00 ? 10 SER A HB3  3  
ATOM   560  H HG   . SER A 1 10 ? -5.746 -3.128 -1.363 1.00 0.00 ? 10 SER A HG   3  
ATOM   561  N N    . CYS A 1 11 ? -4.181 -0.882 -0.094 1.00 0.00 ? 11 CYS A N    3  
ATOM   562  C CA   . CYS A 1 11 ? -4.862 -0.079 0.907  1.00 0.00 ? 11 CYS A CA   3  
ATOM   563  C C    . CYS A 1 11 ? -4.133 -0.259 2.243  1.00 0.00 ? 11 CYS A C    3  
ATOM   564  O O    . CYS A 1 11 ? -3.274 -1.248 2.393  1.00 0.00 ? 11 CYS A O    3  
ATOM   565  C CB   . CYS A 1 11 ? -6.344 -0.443 1.013  1.00 0.00 ? 11 CYS A CB   3  
ATOM   566  S SG   . CYS A 1 11 ? -6.717 -1.821 2.158  1.00 0.00 ? 11 CYS A SG   3  
ATOM   567  H H    . CYS A 1 11 ? -3.464 -1.482 0.260  1.00 0.00 ? 11 CYS A H    3  
ATOM   568  H HA   . CYS A 1 11 ? -4.803 0.956  0.573  1.00 0.00 ? 11 CYS A HA   3  
ATOM   569  H HB2  . CYS A 1 11 ? -6.898 0.439  1.334  1.00 0.00 ? 11 CYS A HB2  3  
ATOM   570  H HB3  . CYS A 1 11 ? -6.709 -0.705 0.020  1.00 0.00 ? 11 CYS A HB3  3  
ATOM   571  N N    . CYS A 1 1  ? -2.904 -6.632 4.119  1.00 0.00 ? 1  CYS A N    4  
ATOM   572  C CA   . CYS A 1 1  ? -3.378 -5.888 2.964  1.00 0.00 ? 1  CYS A CA   4  
ATOM   573  C C    . CYS A 1 1  ? -2.502 -4.642 2.804  1.00 0.00 ? 1  CYS A C    4  
ATOM   574  O O    . CYS A 1 1  ? -2.988 -3.518 2.912  1.00 0.00 ? 1  CYS A O    4  
ATOM   575  C CB   . CYS A 1 1  ? -4.860 -5.530 3.091  1.00 0.00 ? 1  CYS A CB   4  
ATOM   576  S SG   . CYS A 1 1  ? -5.739 -5.327 1.499  1.00 0.00 ? 1  CYS A SG   4  
ATOM   577  H H1   . CYS A 1 1  ? -2.685 -5.977 4.884  1.00 0.00 ? 1  CYS A H1   4  
ATOM   578  H H2   . CYS A 1 1  ? -3.634 -7.287 4.428  1.00 0.00 ? 1  CYS A H2   4  
ATOM   579  H HA   . CYS A 1 1  ? -3.273 -6.546 2.103  1.00 0.00 ? 1  CYS A HA   4  
ATOM   580  H HB2  . CYS A 1 1  ? -5.357 -6.310 3.669  1.00 0.00 ? 1  CYS A HB2  4  
ATOM   581  H HB3  . CYS A 1 1  ? -4.949 -4.606 3.661  1.00 0.00 ? 1  CYS A HB3  4  
ATOM   582  N N    . LYS A 1 2  ? -1.224 -4.885 2.546  1.00 0.00 ? 2  LYS A N    4  
ATOM   583  C CA   . LYS A 1 2  ? -0.277 -3.798 2.368  1.00 0.00 ? 2  LYS A CA   4  
ATOM   584  C C    . LYS A 1 2  ? 1.121  -4.379 2.142  1.00 0.00 ? 2  LYS A C    4  
ATOM   585  O O    . LYS A 1 2  ? 1.533  -5.306 2.839  1.00 0.00 ? 2  LYS A O    4  
ATOM   586  C CB   . LYS A 1 2  ? -0.355 -2.823 3.543  1.00 0.00 ? 2  LYS A CB   4  
ATOM   587  C CG   . LYS A 1 2  ? 0.898  -2.915 4.417  1.00 0.00 ? 2  LYS A CG   4  
ATOM   588  C CD   . LYS A 1 2  ? 2.063  -2.147 3.791  1.00 0.00 ? 2  LYS A CD   4  
ATOM   589  C CE   . LYS A 1 2  ? 2.988  -1.579 4.867  1.00 0.00 ? 2  LYS A CE   4  
ATOM   590  N NZ   . LYS A 1 2  ? 4.348  -2.143 4.733  1.00 0.00 ? 2  LYS A NZ   4  
ATOM   591  H H    . LYS A 1 2  ? -0.837 -5.803 2.457  1.00 0.00 ? 2  LYS A H    4  
ATOM   592  H HA   . LYS A 1 2  ? -0.572 -3.251 1.475  1.00 0.00 ? 2  LYS A HA   4  
ATOM   593  H HB2  . LYS A 1 2  ? -0.466 -1.805 3.168  1.00 0.00 ? 2  LYS A HB2  4  
ATOM   594  H HB3  . LYS A 1 2  ? -1.237 -3.039 4.143  1.00 0.00 ? 2  LYS A HB3  4  
ATOM   595  H HG2  . LYS A 1 2  ? 0.684  -2.514 5.407  1.00 0.00 ? 2  LYS A HG2  4  
ATOM   596  H HG3  . LYS A 1 2  ? 1.176  -3.960 4.551  1.00 0.00 ? 2  LYS A HG3  4  
ATOM   597  H HD2  . LYS A 1 2  ? 2.628  -2.808 3.134  1.00 0.00 ? 2  LYS A HD2  4  
ATOM   598  H HD3  . LYS A 1 2  ? 1.679  -1.337 3.171  1.00 0.00 ? 2  LYS A HD3  4  
ATOM   599  H HE2  . LYS A 1 2  ? 3.029  -0.492 4.784  1.00 0.00 ? 2  LYS A HE2  4  
ATOM   600  H HE3  . LYS A 1 2  ? 2.589  -1.808 5.856  1.00 0.00 ? 2  LYS A HE3  4  
ATOM   601  H HZ1  . LYS A 1 2  ? 4.872  -2.086 5.601  1.00 0.00 ? 2  LYS A HZ1  4  
ATOM   602  H HZ2  . LYS A 1 2  ? 4.330  -3.123 4.469  1.00 0.00 ? 2  LYS A HZ2  4  
ATOM   603  N N    . PHE A 1 3  ? 1.813  -3.810 1.167  1.00 0.00 ? 3  PHE A N    4  
ATOM   604  C CA   . PHE A 1 3  ? 3.156  -4.258 0.841  1.00 0.00 ? 3  PHE A CA   4  
ATOM   605  C C    . PHE A 1 3  ? 4.207  -3.298 1.403  1.00 0.00 ? 3  PHE A C    4  
ATOM   606  O O    . PHE A 1 3  ? 5.008  -3.679 2.253  1.00 0.00 ? 3  PHE A O    4  
ATOM   607  C CB   . PHE A 1 3  ? 3.263  -4.277 -0.684 1.00 0.00 ? 3  PHE A CB   4  
ATOM   608  C CG   . PHE A 1 3  ? 3.393  -5.679 -1.283 1.00 0.00 ? 3  PHE A CG   4  
ATOM   609  C CD1  . PHE A 1 3  ? 2.301  -6.490 -1.356 1.00 0.00 ? 3  PHE A CD1  4  
ATOM   610  C CD2  . PHE A 1 3  ? 4.597  -6.116 -1.741 1.00 0.00 ? 3  PHE A CD2  4  
ATOM   611  C CE1  . PHE A 1 3  ? 2.421  -7.790 -1.911 1.00 0.00 ? 3  PHE A CE1  4  
ATOM   612  C CE2  . PHE A 1 3  ? 4.715  -7.418 -2.296 1.00 0.00 ? 3  PHE A CE2  4  
ATOM   613  C CZ   . PHE A 1 3  ? 3.625  -8.228 -2.368 1.00 0.00 ? 3  PHE A CZ   4  
ATOM   614  H H    . PHE A 1 3  ? 1.471  -3.058 0.604  1.00 0.00 ? 3  PHE A H    4  
ATOM   615  H HA   . PHE A 1 3  ? 3.288  -5.241 1.293  1.00 0.00 ? 3  PHE A HA   4  
ATOM   616  H HB2  . PHE A 1 3  ? 2.383  -3.791 -1.107 1.00 0.00 ? 3  PHE A HB2  4  
ATOM   617  H HB3  . PHE A 1 3  ? 4.129  -3.684 -0.985 1.00 0.00 ? 3  PHE A HB3  4  
ATOM   618  H HD1  . PHE A 1 3  ? 1.337  -6.137 -0.990 1.00 0.00 ? 3  PHE A HD1  4  
ATOM   619  H HD2  . PHE A 1 3  ? 5.471  -5.467 -1.682 1.00 0.00 ? 3  PHE A HD2  4  
ATOM   620  H HE1  . PHE A 1 3  ? 1.547  -8.441 -1.970 1.00 0.00 ? 3  PHE A HE1  4  
ATOM   621  H HE2  . PHE A 1 3  ? 5.681  -7.767 -2.663 1.00 0.00 ? 3  PHE A HE2  4  
ATOM   622  H HZ   . PHE A 1 3  ? 3.717  -9.227 -2.794 1.00 0.00 ? 3  PHE A HZ   4  
ATOM   623  N N    . ALA A 1 4  ? 4.167  -2.071 0.905  1.00 0.00 ? 4  ALA A N    4  
ATOM   624  C CA   . ALA A 1 4  ? 5.106  -1.054 1.346  1.00 0.00 ? 4  ALA A CA   4  
ATOM   625  C C    . ALA A 1 4  ? 4.777  0.271  0.654  1.00 0.00 ? 4  ALA A C    4  
ATOM   626  O O    . ALA A 1 4  ? 5.261  0.538  -0.445 1.00 0.00 ? 4  ALA A O    4  
ATOM   627  C CB   . ALA A 1 4  ? 6.535  -1.520 1.065  1.00 0.00 ? 4  ALA A CB   4  
ATOM   628  H H    . ALA A 1 4  ? 3.510  -1.769 0.214  1.00 0.00 ? 4  ALA A H    4  
ATOM   629  H HA   . ALA A 1 4  ? 4.981  -0.931 2.422  1.00 0.00 ? 4  ALA A HA   4  
ATOM   630  H HB1  . ALA A 1 4  ? 7.239  -0.763 1.410  1.00 0.00 ? 4  ALA A HB1  4  
ATOM   631  H HB2  . ALA A 1 4  ? 6.721  -2.456 1.591  1.00 0.00 ? 4  ALA A HB2  4  
ATOM   632  H HB3  . ALA A 1 4  ? 6.663  -1.673 -0.006 1.00 0.00 ? 4  ALA A HB3  4  
HETATM 633  N N    . DTR A 1 5  ? 3.958  1.066  1.325  1.00 0.00 ? 5  DTR A N    4  
HETATM 634  C CA   . DTR A 1 5  ? 3.561  2.357  0.787  1.00 0.00 ? 5  DTR A CA   4  
HETATM 635  C CB   . DTR A 1 5  ? 4.693  3.332  1.121  1.00 0.00 ? 5  DTR A CB   4  
HETATM 636  C CG   . DTR A 1 5  ? 5.737  2.764  2.085  1.00 0.00 ? 5  DTR A CG   4  
HETATM 637  C CD1  . DTR A 1 5  ? 7.064  2.691  1.915  1.00 0.00 ? 5  DTR A CD1  4  
HETATM 638  N NE1  . DTR A 1 5  ? 7.684  2.112  3.003  1.00 0.00 ? 5  DTR A NE1  4  
HETATM 639  C CE2  . DTR A 1 5  ? 6.693  1.797  3.926  1.00 0.00 ? 5  DTR A CE2  4  
HETATM 640  C CZ2  . DTR A 1 5  ? 6.810  1.198  5.186  1.00 0.00 ? 5  DTR A CZ2  4  
HETATM 641  C CH2  . DTR A 1 5  ? 5.619  1.005  5.897  1.00 0.00 ? 5  DTR A CH2  4  
HETATM 642  C CZ3  . DTR A 1 5  ? 4.410  1.404  5.337  1.00 0.00 ? 5  DTR A CZ3  4  
HETATM 643  C CE3  . DTR A 1 5  ? 4.276  2.006  4.080  1.00 0.00 ? 5  DTR A CE3  4  
HETATM 644  C CD2  . DTR A 1 5  ? 5.485  2.188  3.385  1.00 0.00 ? 5  DTR A CD2  4  
HETATM 645  C C    . DTR A 1 5  ? 2.227  2.746  1.428  1.00 0.00 ? 5  DTR A C    4  
HETATM 646  O O    . DTR A 1 5  ? 1.641  1.962  2.174  1.00 0.00 ? 5  DTR A O    4  
HETATM 647  H H    . DTR A 1 5  ? 3.569  0.844  2.219  1.00 0.00 ? 5  DTR A H    4  
HETATM 648  H HA   . DTR A 1 5  ? 3.436  2.218  -0.286 1.00 0.00 ? 5  DTR A HA   4  
HETATM 649  H HB2  . DTR A 1 5  ? 5.189  3.627  0.197  1.00 0.00 ? 5  DTR A HB2  4  
HETATM 650  H HB3  . DTR A 1 5  ? 4.264  4.235  1.556  1.00 0.00 ? 5  DTR A HB3  4  
HETATM 651  H HD1  . DTR A 1 5  ? 7.588  3.043  1.026  1.00 0.00 ? 5  DTR A HD1  4  
HETATM 652  H HE1  . DTR A 1 5  ? 8.753  1.935  3.120  1.00 0.00 ? 5  DTR A HE1  4  
HETATM 653  H HZ2  . DTR A 1 5  ? 7.775  0.898  5.591  1.00 0.00 ? 5  DTR A HZ2  4  
HETATM 654  H HH2  . DTR A 1 5  ? 5.639  0.544  6.885  1.00 0.00 ? 5  DTR A HH2  4  
HETATM 655  H HZ3  . DTR A 1 5  ? 3.504  1.239  5.920  1.00 0.00 ? 5  DTR A HZ3  4  
HETATM 656  H HE3  . DTR A 1 5  ? 3.312  2.308  3.671  1.00 0.00 ? 5  DTR A HE3  4  
HETATM 657  N N    . IAM A 1 6  ? 1.786  3.955  1.115  1.00 0.00 ? 6  IAM A N    4  
HETATM 658  C CA   . IAM A 1 6  ? 0.532  4.457  1.653  1.00 0.00 ? 6  IAM A CA   4  
HETATM 659  C CB   . IAM A 1 6  ? 0.871  5.669  2.522  1.00 0.00 ? 6  IAM A CB   4  
HETATM 660  C CG   . IAM A 1 6  ? 1.304  6.904  1.726  1.00 0.00 ? 6  IAM A CG   4  
HETATM 661  C CD1  . IAM A 1 6  ? 0.454  7.957  1.589  1.00 0.00 ? 6  IAM A CD1  4  
HETATM 662  C CE1  . IAM A 1 6  ? 0.856  9.103  0.853  1.00 0.00 ? 6  IAM A CE1  4  
HETATM 663  C CZ   . IAM A 1 6  ? 2.089  9.145  0.281  1.00 0.00 ? 6  IAM A CZ   4  
HETATM 664  C CE2  . IAM A 1 6  ? 2.940  8.092  0.418  1.00 0.00 ? 6  IAM A CE2  4  
HETATM 665  C CD2  . IAM A 1 6  ? 2.537  6.946  1.156  1.00 0.00 ? 6  IAM A CD2  4  
HETATM 666  C CT   . IAM A 1 6  ? 2.525  10.386 -0.517 1.00 0.00 ? 6  IAM A CT   4  
HETATM 667  N NH   . IAM A 1 6  ? 3.028  9.966  -1.842 1.00 0.00 ? 6  IAM A NH   4  
HETATM 668  C CI   . IAM A 1 6  ? 4.393  10.345 -2.270 1.00 0.00 ? 6  IAM A CI   4  
HETATM 669  C CK1  . IAM A 1 6  ? 4.314  11.528 -3.252 1.00 0.00 ? 6  IAM A CK1  4  
HETATM 670  C CK2  . IAM A 1 6  ? 5.064  9.146  -2.961 1.00 0.00 ? 6  IAM A CK2  4  
HETATM 671  C C    . IAM A 1 6  ? -0.408 4.897  0.528  1.00 0.00 ? 6  IAM A C    4  
HETATM 672  O O    . IAM A 1 6  ? -1.593 4.565  0.541  1.00 0.00 ? 6  IAM A O    4  
HETATM 673  H H    . IAM A 1 6  ? 2.269  4.586  0.509  1.00 0.00 ? 6  IAM A H    4  
HETATM 674  H HA   . IAM A 1 6  ? 0.071  3.643  2.211  1.00 0.00 ? 6  IAM A HA   4  
HETATM 675  H HB   . IAM A 1 6  ? 1.669  5.398  3.211  1.00 0.00 ? 6  IAM A HB   4  
HETATM 676  H HB1  . IAM A 1 6  ? 0.002  5.926  3.124  1.00 0.00 ? 6  IAM A HB1  4  
HETATM 677  H HD1  . IAM A 1 6  ? -0.536 7.921  2.048  1.00 0.00 ? 6  IAM A HD1  4  
HETATM 678  H HE1  . IAM A 1 6  ? 0.174  9.947  0.744  1.00 0.00 ? 6  IAM A HE1  4  
HETATM 679  H HE2  . IAM A 1 6  ? 3.929  8.126  -0.039 1.00 0.00 ? 6  IAM A HE2  4  
HETATM 680  H HD2  . IAM A 1 6  ? 3.216  6.102  1.265  1.00 0.00 ? 6  IAM A HD2  4  
HETATM 681  H HT1  . IAM A 1 6  ? 3.300  10.898 0.014  1.00 0.00 ? 6  IAM A HT1  4  
HETATM 682  H HT2  . IAM A 1 6  ? 1.687  11.041 -0.645 1.00 0.00 ? 6  IAM A HT2  4  
HETATM 683  H HH   . IAM A 1 6  ? 2.428  9.409  -2.468 1.00 0.00 ? 6  IAM A HH   4  
HETATM 684  H HI   . IAM A 1 6  ? 4.967  10.632 -1.413 1.00 0.00 ? 6  IAM A HI   4  
HETATM 685  H HK11 . IAM A 1 6  ? 3.738  11.242 -4.109 1.00 0.00 ? 6  IAM A HK11 4  
HETATM 686  H HK12 . IAM A 1 6  ? 3.847  12.360 -2.771 1.00 0.00 ? 6  IAM A HK12 4  
HETATM 687  H HK13 . IAM A 1 6  ? 5.300  11.802 -3.562 1.00 0.00 ? 6  IAM A HK13 4  
HETATM 688  H HK21 . IAM A 1 6  ? 5.119  8.325  -2.277 1.00 0.00 ? 6  IAM A HK21 4  
HETATM 689  H HK22 . IAM A 1 6  ? 4.490  8.858  -3.818 1.00 0.00 ? 6  IAM A HK22 4  
HETATM 690  H HK23 . IAM A 1 6  ? 6.052  9.417  -3.271 1.00 0.00 ? 6  IAM A HK23 4  
ATOM   691  N N    . THR A 1 7  ? 0.155  5.635  -0.416 1.00 0.00 ? 7  THR A N    4  
ATOM   692  C CA   . THR A 1 7  ? -0.617 6.124  -1.544 1.00 0.00 ? 7  THR A CA   4  
ATOM   693  C C    . THR A 1 7  ? -1.149 4.952  -2.373 1.00 0.00 ? 7  THR A C    4  
ATOM   694  O O    . THR A 1 7  ? -2.034 4.223  -1.929 1.00 0.00 ? 7  THR A O    4  
ATOM   695  C CB   . THR A 1 7  ? 0.266  7.083  -2.344 1.00 0.00 ? 7  THR A CB   4  
ATOM   696  O OG1  . THR A 1 7  ? 0.425  8.209  -1.485 1.00 0.00 ? 7  THR A OG1  4  
ATOM   697  C CG2  . THR A 1 7  ? -0.448 7.650  -3.573 1.00 0.00 ? 7  THR A CG2  4  
ATOM   698  H H    . THR A 1 7  ? 1.120  5.899  -0.417 1.00 0.00 ? 7  THR A H    4  
ATOM   699  H HA   . THR A 1 7  ? -1.484 6.664  -1.161 1.00 0.00 ? 7  THR A HA   4  
ATOM   700  H HB   . THR A 1 7  ? 1.204  6.604  -2.625 1.00 0.00 ? 7  THR A HB   4  
ATOM   701  H HG1  . THR A 1 7  ? -0.471 8.571  -1.227 1.00 0.00 ? 7  THR A HG1  4  
ATOM   702  H HG21 . THR A 1 7  ? -0.045 8.636  -3.805 1.00 0.00 ? 7  THR A HG21 4  
ATOM   703  H HG22 . THR A 1 7  ? -0.290 6.987  -4.423 1.00 0.00 ? 7  THR A HG22 4  
ATOM   704  H HG23 . THR A 1 7  ? -1.514 7.733  -3.369 1.00 0.00 ? 7  THR A HG23 4  
HETATM 705  N N    . IYR A 1 8  ? -0.586 4.809  -3.565 1.00 0.00 ? 8  IYR A N    4  
HETATM 706  C CA   . IYR A 1 8  ? -0.992 3.739  -4.460 1.00 0.00 ? 8  IYR A CA   4  
HETATM 707  C CB   . IYR A 1 8  ? 0.224  3.456  -5.391 1.00 0.00 ? 8  IYR A CB   4  
HETATM 708  C CC   . IYR A 1 8  ? 1.613  3.760  -4.819 1.00 0.00 ? 8  IYR A CC   4  
HETATM 709  C CD   . IYR A 1 8  ? 2.642  4.167  -5.674 1.00 0.00 ? 8  IYR A CD   4  
HETATM 710  C CE   . IYR A 1 8  ? 3.907  4.444  -5.165 1.00 0.00 ? 8  IYR A CE   4  
HETATM 711  I IE   . IYR A 1 8  ? 5.461  5.049  -6.492 1.00 0.00 ? 8  IYR A IE   4  
HETATM 712  C CF   . IYR A 1 8  ? 4.149  4.319  -3.800 1.00 0.00 ? 8  IYR A CF   4  
HETATM 713  O OF   . IYR A 1 8  ? 5.391  4.588  -3.299 1.00 0.00 ? 8  IYR A OF   4  
HETATM 714  C CG   . IYR A 1 8  ? 3.129  3.915  -2.942 1.00 0.00 ? 8  IYR A CG   4  
HETATM 715  C CH   . IYR A 1 8  ? 1.861  3.638  -3.449 1.00 0.00 ? 8  IYR A CH   4  
HETATM 716  C C    . IYR A 1 8  ? -1.299 2.458  -3.681 1.00 0.00 ? 8  IYR A C    4  
HETATM 717  O O    . IYR A 1 8  ? -2.423 2.263  -3.219 1.00 0.00 ? 8  IYR A O    4  
HETATM 718  H H    . IYR A 1 8  ? 0.132  5.408  -3.919 1.00 0.00 ? 8  IYR A H    4  
HETATM 719  H HA   . IYR A 1 8  ? -1.884 3.990  -5.066 1.00 0.00 ? 8  IYR A HA   4  
HETATM 720  H HB2  . IYR A 1 8  ? 0.186  2.400  -5.732 1.00 0.00 ? 8  IYR A HB2  4  
HETATM 721  H HB3  . IYR A 1 8  ? 0.116  4.035  -6.330 1.00 0.00 ? 8  IYR A HB3  4  
HETATM 722  H HD   . IYR A 1 8  ? 2.463  4.254  -6.738 1.00 0.00 ? 8  IYR A HD   4  
HETATM 723  H HF   . IYR A 1 8  ? 5.962  4.846  -4.025 1.00 0.00 ? 8  IYR A HF   4  
HETATM 724  H HG   . IYR A 1 8  ? 3.326  3.816  -1.883 1.00 0.00 ? 8  IYR A HG   4  
HETATM 725  H HH   . IYR A 1 8  ? 1.078  3.321  -2.776 1.00 0.00 ? 8  IYR A HH   4  
ATOM   726  N N    . THR A 1 9  ? -0.280 1.620  -3.559 1.00 0.00 ? 9  THR A N    4  
ATOM   727  C CA   . THR A 1 9  ? -0.427 0.363  -2.845 1.00 0.00 ? 9  THR A CA   4  
ATOM   728  C C    . THR A 1 9  ? -1.753 -0.308 -3.212 1.00 0.00 ? 9  THR A C    4  
ATOM   729  O O    . THR A 1 9  ? -2.403 0.082  -4.179 1.00 0.00 ? 9  THR A O    4  
ATOM   730  C CB   . THR A 1 9  ? -0.287 0.651  -1.349 1.00 0.00 ? 9  THR A CB   4  
ATOM   731  O OG1  . THR A 1 9  ? -1.434 1.438  -1.036 1.00 0.00 ? 9  THR A OG1  4  
ATOM   732  C CG2  . THR A 1 9  ? 0.892  1.575  -1.037 1.00 0.00 ? 9  THR A CG2  4  
ATOM   733  H H    . THR A 1 9  ? 0.629  1.787  -3.939 1.00 0.00 ? 9  THR A H    4  
ATOM   734  H HA   . THR A 1 9  ? 0.370  -0.308 -3.162 1.00 0.00 ? 9  THR A HA   4  
ATOM   735  H HB   . THR A 1 9  ? -0.216 -0.275 -0.778 1.00 0.00 ? 9  THR A HB   4  
ATOM   736  H HG1  . THR A 1 9  ? -1.466 2.244  -1.624 1.00 0.00 ? 9  THR A HG1  4  
ATOM   737  H HG21 . THR A 1 9  ? 0.678  2.147  -0.135 1.00 0.00 ? 9  THR A HG21 4  
ATOM   738  H HG22 . THR A 1 9  ? 1.791  0.979  -0.886 1.00 0.00 ? 9  THR A HG22 4  
ATOM   739  H HG23 . THR A 1 9  ? 1.047  2.260  -1.872 1.00 0.00 ? 9  THR A HG23 4  
ATOM   740  N N    . SER A 1 10 ? -2.115 -1.304 -2.418 1.00 0.00 ? 10 SER A N    4  
ATOM   741  C CA   . SER A 1 10 ? -3.350 -2.035 -2.647 1.00 0.00 ? 10 SER A CA   4  
ATOM   742  C C    . SER A 1 10 ? -4.336 -1.764 -1.508 1.00 0.00 ? 10 SER A C    4  
ATOM   743  O O    . SER A 1 10 ? -5.539 -1.966 -1.663 1.00 0.00 ? 10 SER A O    4  
ATOM   744  C CB   . SER A 1 10 ? -3.063 -3.549 -2.806 1.00 0.00 ? 10 SER A CB   4  
ATOM   745  O OG   . SER A 1 10 ? -4.082 -4.234 -3.537 1.00 0.00 ? 10 SER A OG   4  
ATOM   746  H H    . SER A 1 10 ? -1.579 -1.617 -1.633 1.00 0.00 ? 10 SER A H    4  
ATOM   747  H HA   . SER A 1 10 ? -3.825 -1.670 -3.576 1.00 0.00 ? 10 SER A HA   4  
ATOM   748  H HB2  . SER A 1 10 ? -2.098 -3.692 -3.332 1.00 0.00 ? 10 SER A HB2  4  
ATOM   749  H HB3  . SER A 1 10 ? -2.924 -4.034 -1.819 1.00 0.00 ? 10 SER A HB3  4  
ATOM   750  H HG   . SER A 1 10 ? -4.897 -4.165 -3.031 1.00 0.00 ? 10 SER A HG   4  
ATOM   751  N N    . CYS A 1 11 ? -3.789 -1.310 -0.390 1.00 0.00 ? 11 CYS A N    4  
ATOM   752  C CA   . CYS A 1 11 ? -4.603 -1.009 0.773  1.00 0.00 ? 11 CYS A CA   4  
ATOM   753  C C    . CYS A 1 11 ? -3.694 -0.443 1.865  1.00 0.00 ? 11 CYS A C    4  
ATOM   754  O O    . CYS A 1 11 ? -3.602 -1.064 3.026  1.00 0.00 ? 11 CYS A O    4  
ATOM   755  C CB   . CYS A 1 11 ? -5.377 -2.240 1.255  1.00 0.00 ? 11 CYS A CB   4  
ATOM   756  S SG   . CYS A 1 11 ? -4.750 -3.837 0.620  1.00 0.00 ? 11 CYS A SG   4  
ATOM   757  H H    . CYS A 1 11 ? -2.809 -1.148 -0.272 1.00 0.00 ? 11 CYS A H    4  
ATOM   758  H HA   . CYS A 1 11 ? -5.337 -0.268 0.458  1.00 0.00 ? 11 CYS A HA   4  
ATOM   759  H HB2  . CYS A 1 11 ? -5.353 -2.262 2.345  1.00 0.00 ? 11 CYS A HB2  4  
ATOM   760  H HB3  . CYS A 1 11 ? -6.421 -2.132 0.963  1.00 0.00 ? 11 CYS A HB3  4  
ATOM   761  N N    . CYS A 1 1  ? -3.019 -5.923 2.612  1.00 0.00 ? 1  CYS A N    5  
ATOM   762  C CA   . CYS A 1 1  ? -3.354 -4.710 1.885  1.00 0.00 ? 1  CYS A CA   5  
ATOM   763  C C    . CYS A 1 1  ? -2.316 -3.641 2.233  1.00 0.00 ? 1  CYS A C    5  
ATOM   764  O O    . CYS A 1 1  ? -2.664 -2.579 2.751  1.00 0.00 ? 1  CYS A O    5  
ATOM   765  C CB   . CYS A 1 1  ? -4.778 -4.243 2.189  1.00 0.00 ? 1  CYS A CB   5  
ATOM   766  S SG   . CYS A 1 1  ? -5.163 -2.540 1.640  1.00 0.00 ? 1  CYS A SG   5  
ATOM   767  H H1   . CYS A 1 1  ? -2.388 -6.503 2.040  1.00 0.00 ? 1  CYS A H1   5  
ATOM   768  H H2   . CYS A 1 1  ? -2.554 -5.676 3.497  1.00 0.00 ? 1  CYS A H2   5  
ATOM   769  H HA   . CYS A 1 1  ? -3.312 -4.957 0.825  1.00 0.00 ? 1  CYS A HA   5  
ATOM   770  H HB2  . CYS A 1 1  ? -5.480 -4.929 1.712  1.00 0.00 ? 1  CYS A HB2  5  
ATOM   771  H HB3  . CYS A 1 1  ? -4.947 -4.311 3.263  1.00 0.00 ? 1  CYS A HB3  5  
ATOM   772  N N    . LYS A 1 2  ? -1.065 -3.956 1.935  1.00 0.00 ? 2  LYS A N    5  
ATOM   773  C CA   . LYS A 1 2  ? 0.025  -3.034 2.210  1.00 0.00 ? 2  LYS A CA   5  
ATOM   774  C C    . LYS A 1 2  ? 1.353  -3.696 1.836  1.00 0.00 ? 2  LYS A C    5  
ATOM   775  O O    . LYS A 1 2  ? 1.826  -4.587 2.541  1.00 0.00 ? 2  LYS A O    5  
ATOM   776  C CB   . LYS A 1 2  ? -0.034 -2.552 3.661  1.00 0.00 ? 2  LYS A CB   5  
ATOM   777  C CG   . LYS A 1 2  ? 0.076  -1.028 3.738  1.00 0.00 ? 2  LYS A CG   5  
ATOM   778  C CD   . LYS A 1 2  ? 1.531  -0.576 3.604  1.00 0.00 ? 2  LYS A CD   5  
ATOM   779  C CE   . LYS A 1 2  ? 1.966  0.241  4.824  1.00 0.00 ? 2  LYS A CE   5  
ATOM   780  N NZ   . LYS A 1 2  ? 2.753  -0.598 5.753  1.00 0.00 ? 2  LYS A NZ   5  
ATOM   781  H H    . LYS A 1 2  ? -0.791 -4.819 1.514  1.00 0.00 ? 2  LYS A H    5  
ATOM   782  H HA   . LYS A 1 2  ? -0.118 -2.162 1.575  1.00 0.00 ? 2  LYS A HA   5  
ATOM   783  H HB2  . LYS A 1 2  ? -0.970 -2.876 4.119  1.00 0.00 ? 2  LYS A HB2  5  
ATOM   784  H HB3  . LYS A 1 2  ? 0.774  -3.007 4.233  1.00 0.00 ? 2  LYS A HB3  5  
ATOM   785  H HG2  . LYS A 1 2  ? -0.524 -0.575 2.950  1.00 0.00 ? 2  LYS A HG2  5  
ATOM   786  H HG3  . LYS A 1 2  ? -0.331 -0.679 4.687  1.00 0.00 ? 2  LYS A HG3  5  
ATOM   787  H HD2  . LYS A 1 2  ? 2.178  -1.447 3.495  1.00 0.00 ? 2  LYS A HD2  5  
ATOM   788  H HD3  . LYS A 1 2  ? 1.649  0.021  2.701  1.00 0.00 ? 2  LYS A HD3  5  
ATOM   789  H HE2  . LYS A 1 2  ? 2.561  1.095  4.501  1.00 0.00 ? 2  LYS A HE2  5  
ATOM   790  H HE3  . LYS A 1 2  ? 1.088  0.636  5.334  1.00 0.00 ? 2  LYS A HE3  5  
ATOM   791  H HZ1  . LYS A 1 2  ? 2.747  -0.226 6.698  1.00 0.00 ? 2  LYS A HZ1  5  
ATOM   792  H HZ2  . LYS A 1 2  ? 2.393  -1.544 5.810  1.00 0.00 ? 2  LYS A HZ2  5  
ATOM   793  N N    . PHE A 1 3  ? 1.916  -3.235 0.729  1.00 0.00 ? 3  PHE A N    5  
ATOM   794  C CA   . PHE A 1 3  ? 3.180  -3.771 0.254  1.00 0.00 ? 3  PHE A CA   5  
ATOM   795  C C    . PHE A 1 3  ? 4.361  -3.060 0.917  1.00 0.00 ? 3  PHE A C    5  
ATOM   796  O O    . PHE A 1 3  ? 5.123  -3.677 1.659  1.00 0.00 ? 3  PHE A O    5  
ATOM   797  C CB   . PHE A 1 3  ? 3.232  -3.521 -1.254 1.00 0.00 ? 3  PHE A CB   5  
ATOM   798  C CG   . PHE A 1 3  ? 3.174  -4.796 -2.099 1.00 0.00 ? 3  PHE A CG   5  
ATOM   799  C CD1  . PHE A 1 3  ? 4.281  -5.576 -2.226 1.00 0.00 ? 3  PHE A CD1  5  
ATOM   800  C CD2  . PHE A 1 3  ? 2.018  -5.148 -2.722 1.00 0.00 ? 3  PHE A CD2  5  
ATOM   801  C CE1  . PHE A 1 3  ? 4.230  -6.759 -3.010 1.00 0.00 ? 3  PHE A CE1  5  
ATOM   802  C CE2  . PHE A 1 3  ? 1.965  -6.333 -3.505 1.00 0.00 ? 3  PHE A CE2  5  
ATOM   803  C CZ   . PHE A 1 3  ? 3.072  -7.113 -3.632 1.00 0.00 ? 3  PHE A CZ   5  
ATOM   804  H H    . PHE A 1 3  ? 1.524  -2.510 0.162  1.00 0.00 ? 3  PHE A H    5  
ATOM   805  H HA   . PHE A 1 3  ? 3.201  -4.829 0.515  1.00 0.00 ? 3  PHE A HA   5  
ATOM   806  H HB2  . PHE A 1 3  ? 2.398  -2.875 -1.534 1.00 0.00 ? 3  PHE A HB2  5  
ATOM   807  H HB3  . PHE A 1 3  ? 4.147  -2.981 -1.494 1.00 0.00 ? 3  PHE A HB3  5  
ATOM   808  H HD1  . PHE A 1 3  ? 5.208  -5.293 -1.725 1.00 0.00 ? 3  PHE A HD1  5  
ATOM   809  H HD2  . PHE A 1 3  ? 1.132  -4.522 -2.621 1.00 0.00 ? 3  PHE A HD2  5  
ATOM   810  H HE1  . PHE A 1 3  ? 5.116  -7.385 -3.112 1.00 0.00 ? 3  PHE A HE1  5  
ATOM   811  H HE2  . PHE A 1 3  ? 1.039  -6.615 -4.003 1.00 0.00 ? 3  PHE A HE2  5  
ATOM   812  H HZ   . PHE A 1 3  ? 3.032  -8.021 -4.235 1.00 0.00 ? 3  PHE A HZ   5  
ATOM   813  N N    . ALA A 1 4  ? 4.475  -1.774 0.628  1.00 0.00 ? 4  ALA A N    5  
ATOM   814  C CA   . ALA A 1 4  ? 5.550  -0.972 1.185  1.00 0.00 ? 4  ALA A CA   5  
ATOM   815  C C    . ALA A 1 4  ? 5.374  0.484  0.754  1.00 0.00 ? 4  ALA A C    5  
ATOM   816  O O    . ALA A 1 4  ? 5.964  0.917  -0.236 1.00 0.00 ? 4  ALA A O    5  
ATOM   817  C CB   . ALA A 1 4  ? 6.899  -1.552 0.751  1.00 0.00 ? 4  ALA A CB   5  
ATOM   818  H H    . ALA A 1 4  ? 3.850  -1.278 0.023  1.00 0.00 ? 4  ALA A H    5  
ATOM   819  H HA   . ALA A 1 4  ? 5.479  -1.032 2.272  1.00 0.00 ? 4  ALA A HA   5  
ATOM   820  H HB1  . ALA A 1 4  ? 7.705  -0.959 1.183  1.00 0.00 ? 4  ALA A HB1  5  
ATOM   821  H HB2  . ALA A 1 4  ? 6.979  -2.583 1.094  1.00 0.00 ? 4  ALA A HB2  5  
ATOM   822  H HB3  . ALA A 1 4  ? 6.971  -1.524 -0.337 1.00 0.00 ? 4  ALA A HB3  5  
HETATM 823  N N    . DTR A 1 5  ? 4.562  1.202  1.515  1.00 0.00 ? 5  DTR A N    5  
HETATM 824  C CA   . DTR A 1 5  ? 4.301  2.599  1.223  1.00 0.00 ? 5  DTR A CA   5  
HETATM 825  C CB   . DTR A 1 5  ? 5.543  3.374  1.672  1.00 0.00 ? 5  DTR A CB   5  
HETATM 826  C CG   . DTR A 1 5  ? 6.307  2.711  2.819  1.00 0.00 ? 5  DTR A CG   5  
HETATM 827  C CD1  . DTR A 1 5  ? 6.103  2.850  4.138  1.00 0.00 ? 5  DTR A CD1  5  
HETATM 828  N NE1  . DTR A 1 5  ? 6.993  2.091  4.871  1.00 0.00 ? 5  DTR A NE1  5  
HETATM 829  C CE2  . DTR A 1 5  ? 7.815  1.427  3.965  1.00 0.00 ? 5  DTR A CE2  5  
HETATM 830  C CZ2  . DTR A 1 5  ? 8.872  0.542  4.211  1.00 0.00 ? 5  DTR A CZ2  5  
HETATM 831  C CH2  . DTR A 1 5  ? 9.525  0.024  3.086  1.00 0.00 ? 5  DTR A CH2  5  
HETATM 832  C CZ3  . DTR A 1 5  ? 9.108  0.401  1.815  1.00 0.00 ? 5  DTR A CZ3  5  
HETATM 833  C CE3  . DTR A 1 5  ? 8.054  1.284  1.552  1.00 0.00 ? 5  DTR A CE3  5  
HETATM 834  C CD2  . DTR A 1 5  ? 7.413  1.790  2.697  1.00 0.00 ? 5  DTR A CD2  5  
HETATM 835  C C    . DTR A 1 5  ? 3.033  3.012  1.975  1.00 0.00 ? 5  DTR A C    5  
HETATM 836  O O    . DTR A 1 5  ? 2.960  2.877  3.194  1.00 0.00 ? 5  DTR A O    5  
HETATM 837  H H    . DTR A 1 5  ? 4.085  0.841  2.318  1.00 0.00 ? 5  DTR A H    5  
HETATM 838  H HA   . DTR A 1 5  ? 4.139  2.663  0.148  1.00 0.00 ? 5  DTR A HA   5  
HETATM 839  H HB2  . DTR A 1 5  ? 6.215  3.490  0.820  1.00 0.00 ? 5  DTR A HB2  5  
HETATM 840  H HB3  . DTR A 1 5  ? 5.242  4.375  1.981  1.00 0.00 ? 5  DTR A HB3  5  
HETATM 841  H HD1  . DTR A 1 5  ? 5.331  3.483  4.574  1.00 0.00 ? 5  DTR A HD1  5  
HETATM 842  H HE1  . DTR A 1 5  ? 7.044  2.027  5.957  1.00 0.00 ? 5  DTR A HE1  5  
HETATM 843  H HZ2  . DTR A 1 5  ? 9.171  0.271  5.224  1.00 0.00 ? 5  DTR A HZ2  5  
HETATM 844  H HH2  . DTR A 1 5  ? 10.356 -0.672 3.206  1.00 0.00 ? 5  DTR A HH2  5  
HETATM 845  H HZ3  . DTR A 1 5  ? 9.638  -0.022 0.962  1.00 0.00 ? 5  DTR A HZ3  5  
HETATM 846  H HE3  . DTR A 1 5  ? 7.752  1.557  0.541  1.00 0.00 ? 5  DTR A HE3  5  
HETATM 847  N N    . IAM A 1 6  ? 2.066  3.506  1.215  1.00 0.00 ? 6  IAM A N    5  
HETATM 848  C CA   . IAM A 1 6  ? 0.806  3.939  1.794  1.00 0.00 ? 6  IAM A CA   5  
HETATM 849  C CB   . IAM A 1 6  ? 1.113  5.147  2.683  1.00 0.00 ? 6  IAM A CB   5  
HETATM 850  C CG   . IAM A 1 6  ? 1.705  6.338  1.928  1.00 0.00 ? 6  IAM A CG   5  
HETATM 851  C CD1  . IAM A 1 6  ? 2.927  6.233  1.339  1.00 0.00 ? 6  IAM A CD1  5  
HETATM 852  C CE1  . IAM A 1 6  ? 3.477  7.339  0.638  1.00 0.00 ? 6  IAM A CE1  5  
HETATM 853  C CZ   . IAM A 1 6  ? 2.782  8.503  0.558  1.00 0.00 ? 6  IAM A CZ   5  
HETATM 854  C CE2  . IAM A 1 6  ? 1.560  8.612  1.145  1.00 0.00 ? 6  IAM A CE2  5  
HETATM 855  C CD2  . IAM A 1 6  ? 1.011  7.504  1.846  1.00 0.00 ? 6  IAM A CD2  5  
HETATM 856  C CT   . IAM A 1 6  ? 3.376  9.703  -0.203 1.00 0.00 ? 6  IAM A CT   5  
HETATM 857  N NH   . IAM A 1 6  ? 2.707  10.945 0.238  1.00 0.00 ? 6  IAM A NH   5  
HETATM 858  C CI   . IAM A 1 6  ? 3.486  12.004 0.918  1.00 0.00 ? 6  IAM A CI   5  
HETATM 859  C CK1  . IAM A 1 6  ? 4.250  11.396 2.109  1.00 0.00 ? 6  IAM A CK1  5  
HETATM 860  C CK2  . IAM A 1 6  ? 2.532  13.100 1.422  1.00 0.00 ? 6  IAM A CK2  5  
HETATM 861  C C    . IAM A 1 6  ? -0.182 4.360  0.705  1.00 0.00 ? 6  IAM A C    5  
HETATM 862  O O    . IAM A 1 6  ? -1.335 3.929  0.708  1.00 0.00 ? 6  IAM A O    5  
HETATM 863  H H    . IAM A 1 6  ? 2.134  3.612  0.223  1.00 0.00 ? 6  IAM A H    5  
HETATM 864  H HA   . IAM A 1 6  ? 0.398  3.093  2.346  1.00 0.00 ? 6  IAM A HA   5  
HETATM 865  H HB   . IAM A 1 6  ? 1.809  4.843  3.464  1.00 0.00 ? 6  IAM A HB   5  
HETATM 866  H HB1  . IAM A 1 6  ? 0.196  5.462  3.177  1.00 0.00 ? 6  IAM A HB1  5  
HETATM 867  H HD1  . IAM A 1 6  ? 3.484  5.298  1.406  1.00 0.00 ? 6  IAM A HD1  5  
HETATM 868  H HE1  . IAM A 1 6  ? 4.456  7.252  0.165  1.00 0.00 ? 6  IAM A HE1  5  
HETATM 869  H HE2  . IAM A 1 6  ? 1.003  9.545  1.079  1.00 0.00 ? 6  IAM A HE2  5  
HETATM 870  H HD2  . IAM A 1 6  ? 0.032  7.589  2.319  1.00 0.00 ? 6  IAM A HD2  5  
HETATM 871  H HT1  . IAM A 1 6  ? 3.225  9.568  -1.256 1.00 0.00 ? 6  IAM A HT1  5  
HETATM 872  H HT2  . IAM A 1 6  ? 4.426  9.771  0.001  1.00 0.00 ? 6  IAM A HT2  5  
HETATM 873  H HH   . IAM A 1 6  ? 1.699  11.074 0.072  1.00 0.00 ? 6  IAM A HH   5  
HETATM 874  H HI   . IAM A 1 6  ? 4.185  12.430 0.227  1.00 0.00 ? 6  IAM A HI   5  
HETATM 875  H HK11 . IAM A 1 6  ? 3.552  10.969 2.799  1.00 0.00 ? 6  IAM A HK11 5  
HETATM 876  H HK12 . IAM A 1 6  ? 4.913  10.634 1.757  1.00 0.00 ? 6  IAM A HK12 5  
HETATM 877  H HK13 . IAM A 1 6  ? 4.814  12.162 2.600  1.00 0.00 ? 6  IAM A HK13 5  
HETATM 878  H HK21 . IAM A 1 6  ? 2.002  13.521 0.594  1.00 0.00 ? 6  IAM A HK21 5  
HETATM 879  H HK22 . IAM A 1 6  ? 1.834  12.675 2.113  1.00 0.00 ? 6  IAM A HK22 5  
HETATM 880  H HK23 . IAM A 1 6  ? 3.095  13.866 1.913  1.00 0.00 ? 6  IAM A HK23 5  
ATOM   881  N N    . THR A 1 7  ? 0.305  5.197  -0.200 1.00 0.00 ? 7  THR A N    5  
ATOM   882  C CA   . THR A 1 7  ? -0.521 5.682  -1.292 1.00 0.00 ? 7  THR A CA   5  
ATOM   883  C C    . THR A 1 7  ? -1.114 4.507  -2.075 1.00 0.00 ? 7  THR A C    5  
ATOM   884  O O    . THR A 1 7  ? -2.011 3.822  -1.586 1.00 0.00 ? 7  THR A O    5  
ATOM   885  C CB   . THR A 1 7  ? 0.333  6.615  -2.154 1.00 0.00 ? 7  THR A CB   5  
ATOM   886  O OG1  . THR A 1 7  ? 0.583  7.734  -1.308 1.00 0.00 ? 7  THR A OG1  5  
ATOM   887  C CG2  . THR A 1 7  ? -0.447 7.204  -3.330 1.00 0.00 ? 7  THR A CG2  5  
ATOM   888  H H    . THR A 1 7  ? 1.244  5.541  -0.194 1.00 0.00 ? 7  THR A H    5  
ATOM   889  H HA   . THR A 1 7  ? -1.358 6.239  -0.870 1.00 0.00 ? 7  THR A HA   5  
ATOM   890  H HB   . THR A 1 7  ? 1.235  6.111  -2.497 1.00 0.00 ? 7  THR A HB   5  
ATOM   891  H HG1  . THR A 1 7  ? -0.282 8.122  -0.989 1.00 0.00 ? 7  THR A HG1  5  
ATOM   892  H HG21 . THR A 1 7  ? -0.033 8.177  -3.589 1.00 0.00 ? 7  THR A HG21 5  
ATOM   893  H HG22 . THR A 1 7  ? -0.368 6.535  -4.188 1.00 0.00 ? 7  THR A HG22 5  
ATOM   894  H HG23 . THR A 1 7  ? -1.495 7.317  -3.051 1.00 0.00 ? 7  THR A HG23 5  
HETATM 895  N N    . IYR A 1 8  ? -0.587 4.311  -3.274 1.00 0.00 ? 8  IYR A N    5  
HETATM 896  C CA   . IYR A 1 8  ? -1.051 3.233  -4.128 1.00 0.00 ? 8  IYR A CA   5  
HETATM 897  C CB   . IYR A 1 8  ? 0.150  2.837  -5.035 1.00 0.00 ? 8  IYR A CB   5  
HETATM 898  C CC   . IYR A 1 8  ? 1.552  3.134  -4.489 1.00 0.00 ? 8  IYR A CC   5  
HETATM 899  C CD   . IYR A 1 8  ? 2.579  3.484  -5.370 1.00 0.00 ? 8  IYR A CD   5  
HETATM 900  C CE   . IYR A 1 8  ? 3.855  3.758  -4.885 1.00 0.00 ? 8  IYR A CE   5  
HETATM 901  I IE   . IYR A 1 8  ? 5.407  4.275  -6.250 1.00 0.00 ? 8  IYR A IE   5  
HETATM 902  C CF   . IYR A 1 8  ? 4.109  3.682  -3.519 1.00 0.00 ? 8  IYR A CF   5  
HETATM 903  O OF   . IYR A 1 8  ? 5.362  3.946  -3.041 1.00 0.00 ? 8  IYR A OF   5  
HETATM 904  C CG   . IYR A 1 8  ? 3.090  3.337  -2.635 1.00 0.00 ? 8  IYR A CG   5  
HETATM 905  C CH   . IYR A 1 8  ? 1.813  3.064  -3.117 1.00 0.00 ? 8  IYR A CH   5  
HETATM 906  C C    . IYR A 1 8  ? -1.441 2.006  -3.299 1.00 0.00 ? 8  IYR A C    5  
HETATM 907  O O    . IYR A 1 8  ? -2.586 1.881  -2.868 1.00 0.00 ? 8  IYR A O    5  
HETATM 908  H H    . IYR A 1 8  ? 0.144  4.873  -3.662 1.00 0.00 ? 8  IYR A H    5  
HETATM 909  H HA   . IYR A 1 8  ? -1.921 3.511  -4.750 1.00 0.00 ? 8  IYR A HA   5  
HETATM 910  H HB2  . IYR A 1 8  ? 0.073  1.762  -5.297 1.00 0.00 ? 8  IYR A HB2  5  
HETATM 911  H HB3  . IYR A 1 8  ? 0.060  3.348  -6.015 1.00 0.00 ? 8  IYR A HB3  5  
HETATM 912  H HD   . IYR A 1 8  ? 2.392  3.534  -6.435 1.00 0.00 ? 8  IYR A HD   5  
HETATM 913  H HF   . IYR A 1 8  ? 5.930  4.163  -3.782 1.00 0.00 ? 8  IYR A HF   5  
HETATM 914  H HG   . IYR A 1 8  ? 3.296  3.276  -1.576 1.00 0.00 ? 8  IYR A HG   5  
HETATM 915  H HH   . IYR A 1 8  ? 1.029  2.790  -2.425 1.00 0.00 ? 8  IYR A HH   5  
ATOM   916  N N    . THR A 1 9  ? -0.464 1.132  -3.101 1.00 0.00 ? 9  THR A N    5  
ATOM   917  C CA   . THR A 1 9  ? -0.691 -0.080 -2.330 1.00 0.00 ? 9  THR A CA   5  
ATOM   918  C C    . THR A 1 9  ? -1.952 -0.795 -2.820 1.00 0.00 ? 9  THR A C    5  
ATOM   919  O O    . THR A 1 9  ? -2.457 -0.501 -3.902 1.00 0.00 ? 9  THR A O    5  
ATOM   920  C CB   . THR A 1 9  ? -0.746 0.304  -0.849 1.00 0.00 ? 9  THR A CB   5  
ATOM   921  O OG1  . THR A 1 9  ? -2.091 0.729  -0.650 1.00 0.00 ? 9  THR A OG1  5  
ATOM   922  C CG2  . THR A 1 9  ? 0.091  1.547  -0.537 1.00 0.00 ? 9  THR A CG2  5  
ATOM   923  H H    . THR A 1 9  ? 0.464  1.241  -3.452 1.00 0.00 ? 9  THR A H    5  
ATOM   924  H HA   . THR A 1 9  ? 0.146  -0.757 -2.499 1.00 0.00 ? 9  THR A HA   5  
ATOM   925  H HB   . THR A 1 9  ? -0.447 -0.535 -0.219 1.00 0.00 ? 9  THR A HB   5  
ATOM   926  H HG1  . THR A 1 9  ? -2.314 1.465  -1.290 1.00 0.00 ? 9  THR A HG1  5  
ATOM   927  H HG21 . THR A 1 9  ? -0.344 2.069  0.317  1.00 0.00 ? 9  THR A HG21 5  
ATOM   928  H HG22 . THR A 1 9  ? 1.111  1.250  -0.299 1.00 0.00 ? 9  THR A HG22 5  
ATOM   929  H HG23 . THR A 1 9  ? 0.096  2.208  -1.403 1.00 0.00 ? 9  THR A HG23 5  
ATOM   930  N N    . SER A 1 10 ? -2.424 -1.720 -1.997 1.00 0.00 ? 10 SER A N    5  
ATOM   931  C CA   . SER A 1 10 ? -3.618 -2.479 -2.333 1.00 0.00 ? 10 SER A CA   5  
ATOM   932  C C    . SER A 1 10 ? -4.869 -1.686 -1.950 1.00 0.00 ? 10 SER A C    5  
ATOM   933  O O    . SER A 1 10 ? -5.859 -1.690 -2.678 1.00 0.00 ? 10 SER A O    5  
ATOM   934  C CB   . SER A 1 10 ? -3.588 -3.867 -1.643 1.00 0.00 ? 10 SER A CB   5  
ATOM   935  O OG   . SER A 1 10 ? -4.409 -4.834 -2.305 1.00 0.00 ? 10 SER A OG   5  
ATOM   936  H H    . SER A 1 10 ? -2.009 -1.954 -1.120 1.00 0.00 ? 10 SER A H    5  
ATOM   937  H HA   . SER A 1 10 ? -3.660 -2.633 -3.427 1.00 0.00 ? 10 SER A HA   5  
ATOM   938  H HB2  . SER A 1 10 ? -2.550 -4.250 -1.618 1.00 0.00 ? 10 SER A HB2  5  
ATOM   939  H HB3  . SER A 1 10 ? -3.890 -3.791 -0.580 1.00 0.00 ? 10 SER A HB3  5  
ATOM   940  H HG   . SER A 1 10 ? -5.318 -4.525 -2.253 1.00 0.00 ? 10 SER A HG   5  
ATOM   941  N N    . CYS A 1 11 ? -4.782 -1.027 -0.802 1.00 0.00 ? 11 CYS A N    5  
ATOM   942  C CA   . CYS A 1 11 ? -5.895 -0.230 -0.312 1.00 0.00 ? 11 CYS A CA   5  
ATOM   943  C C    . CYS A 1 11 ? -5.484 0.402  1.019  1.00 0.00 ? 11 CYS A C    5  
ATOM   944  O O    . CYS A 1 11 ? -4.357 0.034  1.598  1.00 0.00 ? 11 CYS A O    5  
ATOM   945  C CB   . CYS A 1 11 ? -7.172 -1.064 -0.178 1.00 0.00 ? 11 CYS A CB   5  
ATOM   946  S SG   . CYS A 1 11 ? -7.031 -2.511 0.933  1.00 0.00 ? 11 CYS A SG   5  
ATOM   947  H H    . CYS A 1 11 ? -3.973 -1.030 -0.215 1.00 0.00 ? 11 CYS A H    5  
ATOM   948  H HA   . CYS A 1 11 ? -6.085 0.536  -1.063 1.00 0.00 ? 11 CYS A HA   5  
ATOM   949  H HB2  . CYS A 1 11 ? -7.971 -0.420 0.186  1.00 0.00 ? 11 CYS A HB2  5  
ATOM   950  H HB3  . CYS A 1 11 ? -7.468 -1.411 -1.168 1.00 0.00 ? 11 CYS A HB3  5  
ATOM   951  N N    . CYS A 1 1  ? -2.640 -5.828 4.312  1.00 0.00 ? 1  CYS A N    6  
ATOM   952  C CA   . CYS A 1 1  ? -3.175 -4.859 3.369  1.00 0.00 ? 1  CYS A CA   6  
ATOM   953  C C    . CYS A 1 1  ? -2.161 -3.724 3.220  1.00 0.00 ? 1  CYS A C    6  
ATOM   954  O O    . CYS A 1 1  ? -2.444 -2.582 3.576  1.00 0.00 ? 1  CYS A O    6  
ATOM   955  C CB   . CYS A 1 1  ? -4.548 -4.345 3.807  1.00 0.00 ? 1  CYS A CB   6  
ATOM   956  S SG   . CYS A 1 1  ? -5.625 -3.776 2.442  1.00 0.00 ? 1  CYS A SG   6  
ATOM   957  H H1   . CYS A 1 1  ? -1.656 -6.025 4.081  1.00 0.00 ? 1  CYS A H1   6  
ATOM   958  H H2   . CYS A 1 1  ? -2.698 -5.447 5.268  1.00 0.00 ? 1  CYS A H2   6  
ATOM   959  H HA   . CYS A 1 1  ? -3.311 -5.385 2.426  1.00 0.00 ? 1  CYS A HA   6  
ATOM   960  H HB2  . CYS A 1 1  ? -5.062 -5.140 4.350  1.00 0.00 ? 1  CYS A HB2  6  
ATOM   961  H HB3  . CYS A 1 1  ? -4.406 -3.521 4.507  1.00 0.00 ? 1  CYS A HB3  6  
ATOM   962  N N    . LYS A 1 2  ? -0.999 -4.078 2.689  1.00 0.00 ? 2  LYS A N    6  
ATOM   963  C CA   . LYS A 1 2  ? 0.059  -3.103 2.488  1.00 0.00 ? 2  LYS A CA   6  
ATOM   964  C C    . LYS A 1 2  ? 1.285  -3.803 1.897  1.00 0.00 ? 2  LYS A C    6  
ATOM   965  O O    . LYS A 1 2  ? 1.675  -4.874 2.358  1.00 0.00 ? 2  LYS A O    6  
ATOM   966  C CB   . LYS A 1 2  ? 0.348  -2.349 3.786  1.00 0.00 ? 2  LYS A CB   6  
ATOM   967  C CG   . LYS A 1 2  ? 1.711  -2.746 4.360  1.00 0.00 ? 2  LYS A CG   6  
ATOM   968  C CD   . LYS A 1 2  ? 2.846  -2.035 3.620  1.00 0.00 ? 2  LYS A CD   6  
ATOM   969  C CE   . LYS A 1 2  ? 4.022  -1.758 4.557  1.00 0.00 ? 2  LYS A CE   6  
ATOM   970  N NZ   . LYS A 1 2  ? 4.827  -2.985 4.753  1.00 0.00 ? 2  LYS A NZ   6  
ATOM   971  H H    . LYS A 1 2  ? -0.776 -5.009 2.401  1.00 0.00 ? 2  LYS A H    6  
ATOM   972  H HA   . LYS A 1 2  ? -0.304 -2.374 1.764  1.00 0.00 ? 2  LYS A HA   6  
ATOM   973  H HB2  . LYS A 1 2  ? 0.327  -1.276 3.600  1.00 0.00 ? 2  LYS A HB2  6  
ATOM   974  H HB3  . LYS A 1 2  ? -0.432 -2.561 4.516  1.00 0.00 ? 2  LYS A HB3  6  
ATOM   975  H HG2  . LYS A 1 2  ? 1.749  -2.495 5.420  1.00 0.00 ? 2  LYS A HG2  6  
ATOM   976  H HG3  . LYS A 1 2  ? 1.841  -3.824 4.283  1.00 0.00 ? 2  LYS A HG3  6  
ATOM   977  H HD2  . LYS A 1 2  ? 3.178  -2.649 2.782  1.00 0.00 ? 2  LYS A HD2  6  
ATOM   978  H HD3  . LYS A 1 2  ? 2.482  -1.098 3.201  1.00 0.00 ? 2  LYS A HD3  6  
ATOM   979  H HE2  . LYS A 1 2  ? 4.647  -0.968 4.142  1.00 0.00 ? 2  LYS A HE2  6  
ATOM   980  H HE3  . LYS A 1 2  ? 3.653  -1.401 5.518  1.00 0.00 ? 2  LYS A HE3  6  
ATOM   981  H HZ1  . LYS A 1 2  ? 5.370  -2.950 5.608  1.00 0.00 ? 2  LYS A HZ1  6  
ATOM   982  H HZ2  . LYS A 1 2  ? 4.248  -3.814 4.807  1.00 0.00 ? 2  LYS A HZ2  6  
ATOM   983  N N    . PHE A 1 3  ? 1.857  -3.169 0.883  1.00 0.00 ? 3  PHE A N    6  
ATOM   984  C CA   . PHE A 1 3  ? 3.030  -3.717 0.225  1.00 0.00 ? 3  PHE A CA   6  
ATOM   985  C C    . PHE A 1 3  ? 4.304  -3.014 0.699  1.00 0.00 ? 3  PHE A C    6  
ATOM   986  O O    . PHE A 1 3  ? 5.195  -3.651 1.260  1.00 0.00 ? 3  PHE A O    6  
ATOM   987  C CB   . PHE A 1 3  ? 2.856  -3.471 -1.276 1.00 0.00 ? 3  PHE A CB   6  
ATOM   988  C CG   . PHE A 1 3  ? 2.616  -4.744 -2.090 1.00 0.00 ? 3  PHE A CG   6  
ATOM   989  C CD1  . PHE A 1 3  ? 1.578  -5.565 -1.776 1.00 0.00 ? 3  PHE A CD1  6  
ATOM   990  C CD2  . PHE A 1 3  ? 3.438  -5.052 -3.128 1.00 0.00 ? 3  PHE A CD2  6  
ATOM   991  C CE1  . PHE A 1 3  ? 1.354  -6.747 -2.533 1.00 0.00 ? 3  PHE A CE1  6  
ATOM   992  C CE2  . PHE A 1 3  ? 3.214  -6.234 -3.885 1.00 0.00 ? 3  PHE A CE2  6  
ATOM   993  C CZ   . PHE A 1 3  ? 2.178  -7.055 -3.571 1.00 0.00 ? 3  PHE A CZ   6  
ATOM   994  H H    . PHE A 1 3  ? 1.533  -2.298 0.515  1.00 0.00 ? 3  PHE A H    6  
ATOM   995  H HA   . PHE A 1 3  ? 3.082  -4.775 0.484  1.00 0.00 ? 3  PHE A HA   6  
ATOM   996  H HB2  . PHE A 1 3  ? 2.017  -2.791 -1.427 1.00 0.00 ? 3  PHE A HB2  6  
ATOM   997  H HB3  . PHE A 1 3  ? 3.745  -2.972 -1.659 1.00 0.00 ? 3  PHE A HB3  6  
ATOM   998  H HD1  . PHE A 1 3  ? 0.919  -5.318 -0.945 1.00 0.00 ? 3  PHE A HD1  6  
ATOM   999  H HD2  . PHE A 1 3  ? 4.269  -4.393 -3.380 1.00 0.00 ? 3  PHE A HD2  6  
ATOM   1000 H HE1  . PHE A 1 3  ? 0.523  -7.407 -2.280 1.00 0.00 ? 3  PHE A HE1  6  
ATOM   1001 H HE2  . PHE A 1 3  ? 3.873  -6.481 -4.717 1.00 0.00 ? 3  PHE A HE2  6  
ATOM   1002 H HZ   . PHE A 1 3  ? 2.005  -7.962 -4.152 1.00 0.00 ? 3  PHE A HZ   6  
ATOM   1003 N N    . ALA A 1 4  ? 4.350  -1.712 0.456  1.00 0.00 ? 4  ALA A N    6  
ATOM   1004 C CA   . ALA A 1 4  ? 5.501  -0.917 0.850  1.00 0.00 ? 4  ALA A CA   6  
ATOM   1005 C C    . ALA A 1 4  ? 5.210  0.560  0.581  1.00 0.00 ? 4  ALA A C    6  
ATOM   1006 O O    . ALA A 1 4  ? 5.602  1.094  -0.456 1.00 0.00 ? 4  ALA A O    6  
ATOM   1007 C CB   . ALA A 1 4  ? 6.744  -1.414 0.109  1.00 0.00 ? 4  ALA A CB   6  
ATOM   1008 H H    . ALA A 1 4  ? 3.621  -1.204 -0.002 1.00 0.00 ? 4  ALA A H    6  
ATOM   1009 H HA   . ALA A 1 4  ? 5.651  -1.060 1.922  1.00 0.00 ? 4  ALA A HA   6  
ATOM   1010 H HB1  . ALA A 1 4  ? 7.609  -0.826 0.417  1.00 0.00 ? 4  ALA A HB1  6  
ATOM   1011 H HB2  . ALA A 1 4  ? 6.915  -2.464 0.346  1.00 0.00 ? 4  ALA A HB2  6  
ATOM   1012 H HB3  . ALA A 1 4  ? 6.593  -1.303 -0.964 1.00 0.00 ? 4  ALA A HB3  6  
HETATM 1013 N N    . DTR A 1 5  ? 4.524  1.180  1.530  1.00 0.00 ? 5  DTR A N    6  
HETATM 1014 C CA   . DTR A 1 5  ? 4.178  2.585  1.407  1.00 0.00 ? 5  DTR A CA   6  
HETATM 1015 C CB   . DTR A 1 5  ? 5.291  3.367  2.110  1.00 0.00 ? 5  DTR A CB   6  
HETATM 1016 C CG   . DTR A 1 5  ? 6.650  2.666  2.089  1.00 0.00 ? 5  DTR A CG   6  
HETATM 1017 C CD1  . DTR A 1 5  ? 7.739  2.999  1.382  1.00 0.00 ? 5  DTR A CD1  6  
HETATM 1018 N NE1  . DTR A 1 5  ? 8.783  2.128  1.622  1.00 0.00 ? 5  DTR A NE1  6  
HETATM 1019 C CE2  . DTR A 1 5  ? 8.334  1.184  2.539  1.00 0.00 ? 5  DTR A CE2  6  
HETATM 1020 C CZ2  . DTR A 1 5  ? 9.015  0.096  3.098  1.00 0.00 ? 5  DTR A CZ2  6  
HETATM 1021 C CH2  . DTR A 1 5  ? 8.295  -0.690 4.006  1.00 0.00 ? 5  DTR A CH2  6  
HETATM 1022 C CZ3  . DTR A 1 5  ? 6.976  -0.365 4.300  1.00 0.00 ? 5  DTR A CZ3  6  
HETATM 1023 C CE3  . DTR A 1 5  ? 6.281  0.719  3.750  1.00 0.00 ? 5  DTR A CE3  6  
HETATM 1024 C CD2  . DTR A 1 5  ? 7.025  1.494  2.842  1.00 0.00 ? 5  DTR A CD2  6  
HETATM 1025 C C    . DTR A 1 5  ? 2.804  2.790  2.047  1.00 0.00 ? 5  DTR A C    6  
HETATM 1026 O O    . DTR A 1 5  ? 2.549  2.305  3.150  1.00 0.00 ? 5  DTR A O    6  
HETATM 1027 H H    . DTR A 1 5  ? 4.209  0.739  2.370  1.00 0.00 ? 5  DTR A H    6  
HETATM 1028 H HA   . DTR A 1 5  ? 4.132  2.796  0.340  1.00 0.00 ? 5  DTR A HA   6  
HETATM 1029 H HB2  . DTR A 1 5  ? 5.387  4.344  1.636  1.00 0.00 ? 5  DTR A HB2  6  
HETATM 1030 H HB3  . DTR A 1 5  ? 4.998  3.542  3.144  1.00 0.00 ? 5  DTR A HB3  6  
HETATM 1031 H HD1  . DTR A 1 5  ? 7.793  3.849  0.702  1.00 0.00 ? 5  DTR A HD1  6  
HETATM 1032 H HE1  . DTR A 1 5  ? 9.776  2.174  1.176  1.00 0.00 ? 5  DTR A HE1  6  
HETATM 1033 H HZ2  . DTR A 1 5  ? 10.051 -0.127 2.842  1.00 0.00 ? 5  DTR A HZ2  6  
HETATM 1034 H HH2  . DTR A 1 5  ? 8.766  -1.552 4.477  1.00 0.00 ? 5  DTR A HH2  6  
HETATM 1035 H HZ3  . DTR A 1 5  ? 6.444  -0.999 5.011  1.00 0.00 ? 5  DTR A HZ3  6  
HETATM 1036 H HE3  . DTR A 1 5  ? 5.244  0.945  4.005  1.00 0.00 ? 5  DTR A HE3  6  
HETATM 1037 N N    . IAM A 1 6  ? 1.954  3.509  1.330  1.00 0.00 ? 6  IAM A N    6  
HETATM 1038 C CA   . IAM A 1 6  ? 0.611  3.785  1.814  1.00 0.00 ? 6  IAM A CA   6  
HETATM 1039 C CB   . IAM A 1 6  ? 0.727  4.923  2.832  1.00 0.00 ? 6  IAM A CB   6  
HETATM 1040 C CG   . IAM A 1 6  ? 0.925  6.302  2.203  1.00 0.00 ? 6  IAM A CG   6  
HETATM 1041 C CD1  . IAM A 1 6  ? -0.113 7.178  2.143  1.00 0.00 ? 6  IAM A CD1  6  
HETATM 1042 C CE1  . IAM A 1 6  ? 0.070  8.460  1.559  1.00 0.00 ? 6  IAM A CE1  6  
HETATM 1043 C CZ   . IAM A 1 6  ? 1.286  8.811  1.060  1.00 0.00 ? 6  IAM A CZ   6  
HETATM 1044 C CE2  . IAM A 1 6  ? 2.325  7.937  1.121  1.00 0.00 ? 6  IAM A CE2  6  
HETATM 1045 C CD2  . IAM A 1 6  ? 2.141  6.653  1.705  1.00 0.00 ? 6  IAM A CD2  6  
HETATM 1046 C CT   . IAM A 1 6  ? 1.487  10.200 0.430  1.00 0.00 ? 6  IAM A CT   6  
HETATM 1047 N NH   . IAM A 1 6  ? 2.864  10.305 -0.099 1.00 0.00 ? 6  IAM A NH   6  
HETATM 1048 C CI   . IAM A 1 6  ? 3.095  10.326 -1.561 1.00 0.00 ? 6  IAM A CI   6  
HETATM 1049 C CK1  . IAM A 1 6  ? 2.275  11.467 -2.192 1.00 0.00 ? 6  IAM A CK1  6  
HETATM 1050 C CK2  . IAM A 1 6  ? 2.661  8.982  -2.169 1.00 0.00 ? 6  IAM A CK2  6  
HETATM 1051 C C    . IAM A 1 6  ? -0.303 4.230  0.672  1.00 0.00 ? 6  IAM A C    6  
HETATM 1052 O O    . IAM A 1 6  ? -1.436 3.766  0.561  1.00 0.00 ? 6  IAM A O    6  
HETATM 1053 H H    . IAM A 1 6  ? 2.167  3.899  0.433  1.00 0.00 ? 6  IAM A H    6  
HETATM 1054 H HA   . IAM A 1 6  ? 0.227  2.860  2.244  1.00 0.00 ? 6  IAM A HA   6  
HETATM 1055 H HB   . IAM A 1 6  ? 1.562  4.716  3.499  1.00 0.00 ? 6  IAM A HB   6  
HETATM 1056 H HB1  . IAM A 1 6  ? -0.174 4.940  3.443  1.00 0.00 ? 6  IAM A HB1  6  
HETATM 1057 H HD1  . IAM A 1 6  ? -1.088 6.895  2.540  1.00 0.00 ? 6  IAM A HD1  6  
HETATM 1058 H HE1  . IAM A 1 6  ? -0.762 9.162  1.512  1.00 0.00 ? 6  IAM A HE1  6  
HETATM 1059 H HE2  . IAM A 1 6  ? 3.300  8.218  0.724  1.00 0.00 ? 6  IAM A HE2  6  
HETATM 1060 H HD2  . IAM A 1 6  ? 2.974  5.952  1.754  1.00 0.00 ? 6  IAM A HD2  6  
HETATM 1061 H HT1  . IAM A 1 6  ? 1.331  10.955 1.173  1.00 0.00 ? 6  IAM A HT1  6  
HETATM 1062 H HT2  . IAM A 1 6  ? 0.788  10.336 -0.370 1.00 0.00 ? 6  IAM A HT2  6  
HETATM 1063 H HH   . IAM A 1 6  ? 3.662  10.364 0.550  1.00 0.00 ? 6  IAM A HH   6  
HETATM 1064 H HI   . IAM A 1 6  ? 4.134  10.487 -1.753 1.00 0.00 ? 6  IAM A HI   6  
HETATM 1065 H HK11 . IAM A 1 6  ? 1.233  11.307 -1.999 1.00 0.00 ? 6  IAM A HK11 6  
HETATM 1066 H HK12 . IAM A 1 6  ? 2.576  12.401 -1.768 1.00 0.00 ? 6  IAM A HK12 6  
HETATM 1067 H HK13 . IAM A 1 6  ? 2.442  11.482 -3.249 1.00 0.00 ? 6  IAM A HK13 6  
HETATM 1068 H HK21 . IAM A 1 6  ? 3.231  8.191  -1.729 1.00 0.00 ? 6  IAM A HK21 6  
HETATM 1069 H HK22 . IAM A 1 6  ? 1.620  8.819  -1.976 1.00 0.00 ? 6  IAM A HK22 6  
HETATM 1070 H HK23 . IAM A 1 6  ? 2.828  8.996  -3.225 1.00 0.00 ? 6  IAM A HK23 6  
ATOM   1071 N N    . THR A 1 7  ? 0.222  5.128  -0.149 1.00 0.00 ? 7  THR A N    6  
ATOM   1072 C CA   . THR A 1 7  ? -0.531 5.644  -1.278 1.00 0.00 ? 7  THR A CA   6  
ATOM   1073 C C    . THR A 1 7  ? -1.058 4.491  -2.137 1.00 0.00 ? 7  THR A C    6  
ATOM   1074 O O    . THR A 1 7  ? -1.983 3.784  -1.737 1.00 0.00 ? 7  THR A O    6  
ATOM   1075 C CB   . THR A 1 7  ? 0.369  6.613  -2.047 1.00 0.00 ? 7  THR A CB   6  
ATOM   1076 O OG1  . THR A 1 7  ? 0.539  7.711  -1.156 1.00 0.00 ? 7  THR A OG1  6  
ATOM   1077 C CG2  . THR A 1 7  ? -0.332 7.224  -3.262 1.00 0.00 ? 7  THR A CG2  6  
ATOM   1078 H H    . THR A 1 7  ? 1.146  5.503  -0.051 1.00 0.00 ? 7  THR A H    6  
ATOM   1079 H HA   . THR A 1 7  ? -1.401 6.181  -0.895 1.00 0.00 ? 7  THR A HA   6  
ATOM   1080 H HB   . THR A 1 7  ? 1.301  6.130  -2.338 1.00 0.00 ? 7  THR A HB   6  
ATOM   1081 H HG1  . THR A 1 7  ? -0.352 8.078  -0.891 1.00 0.00 ? 7  THR A HG1  6  
ATOM   1082 H HG21 . THR A 1 7  ? 0.086  8.211  -3.464 1.00 0.00 ? 7  THR A HG21 6  
ATOM   1083 H HG22 . THR A 1 7  ? -0.179 6.583  -4.130 1.00 0.00 ? 7  THR A HG22 6  
ATOM   1084 H HG23 . THR A 1 7  ? -1.399 7.315  -3.058 1.00 0.00 ? 7  THR A HG23 6  
HETATM 1085 N N    . IYR A 1 8  ? -0.445 4.339  -3.303 1.00 0.00 ? 8  IYR A N    6  
HETATM 1086 C CA   . IYR A 1 8  ? -0.842 3.283  -4.222 1.00 0.00 ? 8  IYR A CA   6  
HETATM 1087 C CB   . IYR A 1 8  ? 0.421  2.937  -5.064 1.00 0.00 ? 8  IYR A CB   6  
HETATM 1088 C CC   . IYR A 1 8  ? 1.780  3.231  -4.420 1.00 0.00 ? 8  IYR A CC   6  
HETATM 1089 C CD   . IYR A 1 8  ? 2.858  3.625  -5.222 1.00 0.00 ? 8  IYR A CD   6  
HETATM 1090 C CE   . IYR A 1 8  ? 4.096  3.895  -4.647 1.00 0.00 ? 8  IYR A CE   6  
HETATM 1091 I IE   . IYR A 1 8  ? 5.724  4.477  -5.889 1.00 0.00 ? 8  IYR A IE   6  
HETATM 1092 C CF   . IYR A 1 8  ? 4.263  3.775  -3.269 1.00 0.00 ? 8  IYR A CF   6  
HETATM 1093 O OF   . IYR A 1 8  ? 5.480  4.037  -2.703 1.00 0.00 ? 8  IYR A OF   6  
HETATM 1094 C CG   . IYR A 1 8  ? 3.195  3.387  -2.466 1.00 0.00 ? 8  IYR A CG   6  
HETATM 1095 C CH   . IYR A 1 8  ? 1.955  3.116  -3.039 1.00 0.00 ? 8  IYR A CH   6  
HETATM 1096 C C    . IYR A 1 8  ? -1.264 2.023  -3.463 1.00 0.00 ? 8  IYR A C    6  
HETATM 1097 O O    . IYR A 1 8  ? -2.433 1.871  -3.110 1.00 0.00 ? 8  IYR A O    6  
HETATM 1098 H H    . IYR A 1 8  ? 0.305  4.917  -3.621 1.00 0.00 ? 8  IYR A H    6  
HETATM 1099 H HA   . IYR A 1 8  ? -1.674 3.575  -4.889 1.00 0.00 ? 8  IYR A HA   6  
HETATM 1100 H HB2  . IYR A 1 8  ? 0.376  1.871  -5.369 1.00 0.00 ? 8  IYR A HB2  6  
HETATM 1101 H HB3  . IYR A 1 8  ? 0.386  3.481  -6.030 1.00 0.00 ? 8  IYR A HB3  6  
HETATM 1102 H HD   . IYR A 1 8  ? 2.738  3.708  -6.293 1.00 0.00 ? 8  IYR A HD   6  
HETATM 1103 H HF   . IYR A 1 8  ? 6.090  4.284  -3.400 1.00 0.00 ? 8  IYR A HF   6  
HETATM 1104 H HG   . IYR A 1 8  ? 3.333  3.290  -1.398 1.00 0.00 ? 8  IYR A HG   6  
HETATM 1105 H HH   . IYR A 1 8  ? 1.131  2.810  -2.407 1.00 0.00 ? 8  IYR A HH   6  
ATOM   1106 N N    . THR A 1 9  ? -0.290 1.155  -3.234 1.00 0.00 ? 9  THR A N    6  
ATOM   1107 C CA   . THR A 1 9  ? -0.547 -0.086 -2.525 1.00 0.00 ? 9  THR A CA   6  
ATOM   1108 C C    . THR A 1 9  ? -1.873 -0.698 -2.981 1.00 0.00 ? 9  THR A C    6  
ATOM   1109 O O    . THR A 1 9  ? -2.394 -0.340 -4.035 1.00 0.00 ? 9  THR A O    6  
ATOM   1110 C CB   . THR A 1 9  ? -0.499 0.209  -1.023 1.00 0.00 ? 9  THR A CB   6  
ATOM   1111 O OG1  . THR A 1 9  ? -1.728 0.883  -0.762 1.00 0.00 ? 9  THR A OG1  6  
ATOM   1112 C CG2  . THR A 1 9  ? 0.575  1.239  -0.663 1.00 0.00 ? 9  THR A CG2  6  
ATOM   1113 H H    . THR A 1 9  ? 0.657  1.289  -3.524 1.00 0.00 ? 9  THR A H    6  
ATOM   1114 H HA   . THR A 1 9  ? 0.240  -0.797 -2.780 1.00 0.00 ? 9  THR A HA   6  
ATOM   1115 H HB   . THR A 1 9  ? -0.365 -0.707 -0.450 1.00 0.00 ? 9  THR A HB   6  
ATOM   1116 H HG1  . THR A 1 9  ? -1.807 1.688  -1.352 1.00 0.00 ? 9  THR A HG1  6  
ATOM   1117 H HG21 . THR A 1 9  ? 0.270  1.784  0.230  1.00 0.00 ? 9  THR A HG21 6  
ATOM   1118 H HG22 . THR A 1 9  ? 1.518  0.729  -0.471 1.00 0.00 ? 9  THR A HG22 6  
ATOM   1119 H HG23 . THR A 1 9  ? 0.700  1.938  -1.490 1.00 0.00 ? 9  THR A HG23 6  
ATOM   1120 N N    . SER A 1 10 ? -2.378 -1.610 -2.163 1.00 0.00 ? 10 SER A N    6  
ATOM   1121 C CA   . SER A 1 10 ? -3.633 -2.276 -2.471 1.00 0.00 ? 10 SER A CA   6  
ATOM   1122 C C    . SER A 1 10 ? -4.805 -1.456 -1.930 1.00 0.00 ? 10 SER A C    6  
ATOM   1123 O O    . SER A 1 10 ? -5.759 -1.175 -2.657 1.00 0.00 ? 10 SER A O    6  
ATOM   1124 C CB   . SER A 1 10 ? -3.634 -3.717 -1.902 1.00 0.00 ? 10 SER A CB   6  
ATOM   1125 O OG   . SER A 1 10 ? -4.478 -4.606 -2.641 1.00 0.00 ? 10 SER A OG   6  
ATOM   1126 H H    . SER A 1 10 ? -1.947 -1.896 -1.308 1.00 0.00 ? 10 SER A H    6  
ATOM   1127 H HA   . SER A 1 10 ? -3.760 -2.333 -3.568 1.00 0.00 ? 10 SER A HA   6  
ATOM   1128 H HB2  . SER A 1 10 ? -2.604 -4.124 -1.915 1.00 0.00 ? 10 SER A HB2  6  
ATOM   1129 H HB3  . SER A 1 10 ? -3.930 -3.725 -0.836 1.00 0.00 ? 10 SER A HB3  6  
ATOM   1130 H HG   . SER A 1 10 ? -5.379 -4.282 -2.559 1.00 0.00 ? 10 SER A HG   6  
ATOM   1131 N N    . CYS A 1 11 ? -4.699 -1.095 -0.661 1.00 0.00 ? 11 CYS A N    6  
ATOM   1132 C CA   . CYS A 1 11 ? -5.739 -0.313 -0.014 1.00 0.00 ? 11 CYS A CA   6  
ATOM   1133 C C    . CYS A 1 11 ? -5.206 1.104  0.210  1.00 0.00 ? 11 CYS A C    6  
ATOM   1134 O O    . CYS A 1 11 ? -3.996 1.278  0.705  1.00 0.00 ? 11 CYS A O    6  
ATOM   1135 C CB   . CYS A 1 11 ? -6.205 -0.960 1.292  1.00 0.00 ? 11 CYS A CB   6  
ATOM   1136 S SG   . CYS A 1 11 ? -4.890 -1.813 2.238  1.00 0.00 ? 11 CYS A SG   6  
ATOM   1137 H H    . CYS A 1 11 ? -3.921 -1.328 -0.075 1.00 0.00 ? 11 CYS A H    6  
ATOM   1138 H HA   . CYS A 1 11 ? -6.589 -0.304 -0.693 1.00 0.00 ? 11 CYS A HA   6  
ATOM   1139 H HB2  . CYS A 1 11 ? -6.647 -0.190 1.925  1.00 0.00 ? 11 CYS A HB2  6  
ATOM   1140 H HB3  . CYS A 1 11 ? -6.993 -1.676 1.066  1.00 0.00 ? 11 CYS A HB3  6  
ATOM   1141 N N    . CYS A 1 1  ? -0.484 -6.118 4.693  1.00 0.00 ? 1  CYS A N    7  
ATOM   1142 C CA   . CYS A 1 1  ? -1.394 -5.136 4.129  1.00 0.00 ? 1  CYS A CA   7  
ATOM   1143 C C    . CYS A 1 1  ? -0.709 -4.480 2.929  1.00 0.00 ? 1  CYS A C    7  
ATOM   1144 O O    . CYS A 1 1  ? -0.429 -3.282 2.947  1.00 0.00 ? 1  CYS A O    7  
ATOM   1145 C CB   . CYS A 1 1  ? -1.829 -4.103 5.172  1.00 0.00 ? 1  CYS A CB   7  
ATOM   1146 S SG   . CYS A 1 1  ? -3.479 -3.366 4.883  1.00 0.00 ? 1  CYS A SG   7  
ATOM   1147 H H1   . CYS A 1 1  ? -0.944 -7.039 4.717  1.00 0.00 ? 1  CYS A H1   7  
ATOM   1148 H H2   . CYS A 1 1  ? 0.364  -6.174 4.112  1.00 0.00 ? 1  CYS A H2   7  
ATOM   1149 H HA   . CYS A 1 1  ? -2.286 -5.677 3.816  1.00 0.00 ? 1  CYS A HA   7  
ATOM   1150 H HB2  . CYS A 1 1  ? -1.825 -4.576 6.155  1.00 0.00 ? 1  CYS A HB2  7  
ATOM   1151 H HB3  . CYS A 1 1  ? -1.089 -3.302 5.202  1.00 0.00 ? 1  CYS A HB3  7  
ATOM   1152 N N    . LYS A 1 2  ? -0.462 -5.294 1.911  1.00 0.00 ? 2  LYS A N    7  
ATOM   1153 C CA   . LYS A 1 2  ? 0.185  -4.808 0.705  1.00 0.00 ? 2  LYS A CA   7  
ATOM   1154 C C    . LYS A 1 2  ? 1.674  -4.588 0.983  1.00 0.00 ? 2  LYS A C    7  
ATOM   1155 O O    . LYS A 1 2  ? 2.103  -4.611 2.133  1.00 0.00 ? 2  LYS A O    7  
ATOM   1156 C CB   . LYS A 1 2  ? -0.533 -3.564 0.177  1.00 0.00 ? 2  LYS A CB   7  
ATOM   1157 C CG   . LYS A 1 2  ? -1.250 -3.862 -1.141 1.00 0.00 ? 2  LYS A CG   7  
ATOM   1158 C CD   . LYS A 1 2  ? -0.248 -4.179 -2.252 1.00 0.00 ? 2  LYS A CD   7  
ATOM   1159 C CE   . LYS A 1 2  ? 0.548  -2.933 -2.643 1.00 0.00 ? 2  LYS A CE   7  
ATOM   1160 N NZ   . LYS A 1 2  ? 0.062  -2.391 -3.931 1.00 0.00 ? 2  LYS A NZ   7  
ATOM   1161 H H    . LYS A 1 2  ? -0.694 -6.266 1.905  1.00 0.00 ? 2  LYS A H    7  
ATOM   1162 H HA   . LYS A 1 2  ? 0.084  -5.583 -0.054 1.00 0.00 ? 2  LYS A HA   7  
ATOM   1163 H HB2  . LYS A 1 2  ? -1.255 -3.213 0.916  1.00 0.00 ? 2  LYS A HB2  7  
ATOM   1164 H HB3  . LYS A 1 2  ? 0.186  -2.758 0.030  1.00 0.00 ? 2  LYS A HB3  7  
ATOM   1165 H HG2  . LYS A 1 2  ? -1.930 -4.703 -1.007 1.00 0.00 ? 2  LYS A HG2  7  
ATOM   1166 H HG3  . LYS A 1 2  ? -1.858 -3.004 -1.429 1.00 0.00 ? 2  LYS A HG3  7  
ATOM   1167 H HD2  . LYS A 1 2  ? 0.434  -4.961 -1.918 1.00 0.00 ? 2  LYS A HD2  7  
ATOM   1168 H HD3  . LYS A 1 2  ? -0.774 -4.567 -3.124 1.00 0.00 ? 2  LYS A HD3  7  
ATOM   1169 H HE2  . LYS A 1 2  ? 0.457  -2.176 -1.864 1.00 0.00 ? 2  LYS A HE2  7  
ATOM   1170 H HE3  . LYS A 1 2  ? 1.607  -3.181 -2.722 1.00 0.00 ? 2  LYS A HE3  7  
ATOM   1171 H HZ1  . LYS A 1 2  ? 0.762  -1.817 -4.389 1.00 0.00 ? 2  LYS A HZ1  7  
ATOM   1172 H HZ2  . LYS A 1 2  ? -0.187 -3.125 -4.582 1.00 0.00 ? 2  LYS A HZ2  7  
ATOM   1173 N N    . PHE A 1 3  ? 2.418  -4.379 -0.094 1.00 0.00 ? 3  PHE A N    7  
ATOM   1174 C CA   . PHE A 1 3  ? 3.849  -4.154 0.020  1.00 0.00 ? 3  PHE A CA   7  
ATOM   1175 C C    . PHE A 1 3  ? 4.171  -3.253 1.213  1.00 0.00 ? 3  PHE A C    7  
ATOM   1176 O O    . PHE A 1 3  ? 4.690  -3.720 2.224  1.00 0.00 ? 3  PHE A O    7  
ATOM   1177 C CB   . PHE A 1 3  ? 4.295  -3.457 -1.267 1.00 0.00 ? 3  PHE A CB   7  
ATOM   1178 C CG   . PHE A 1 3  ? 5.323  -4.247 -2.080 1.00 0.00 ? 3  PHE A CG   7  
ATOM   1179 C CD1  . PHE A 1 3  ? 6.592  -4.393 -1.612 1.00 0.00 ? 3  PHE A CD1  7  
ATOM   1180 C CD2  . PHE A 1 3  ? 4.968  -4.802 -3.268 1.00 0.00 ? 3  PHE A CD2  7  
ATOM   1181 C CE1  . PHE A 1 3  ? 7.547  -5.125 -2.367 1.00 0.00 ? 3  PHE A CE1  7  
ATOM   1182 C CE2  . PHE A 1 3  ? 5.921  -5.537 -4.022 1.00 0.00 ? 3  PHE A CE2  7  
ATOM   1183 C CZ   . PHE A 1 3  ? 7.191  -5.682 -3.556 1.00 0.00 ? 3  PHE A CZ   7  
ATOM   1184 H H    . PHE A 1 3  ? 2.059  -4.361 -1.027 1.00 0.00 ? 3  PHE A H    7  
ATOM   1185 H HA   . PHE A 1 3  ? 4.318  -5.128 0.165  1.00 0.00 ? 3  PHE A HA   7  
ATOM   1186 H HB2  . PHE A 1 3  ? 3.420  -3.271 -1.890 1.00 0.00 ? 3  PHE A HB2  7  
ATOM   1187 H HB3  . PHE A 1 3  ? 4.718  -2.485 -1.014 1.00 0.00 ? 3  PHE A HB3  7  
ATOM   1188 H HD1  . PHE A 1 3  ? 6.876  -3.945 -0.659 1.00 0.00 ? 3  PHE A HD1  7  
ATOM   1189 H HD2  . PHE A 1 3  ? 3.950  -4.687 -3.642 1.00 0.00 ? 3  PHE A HD2  7  
ATOM   1190 H HE1  . PHE A 1 3  ? 8.564  -5.241 -1.994 1.00 0.00 ? 3  PHE A HE1  7  
ATOM   1191 H HE2  . PHE A 1 3  ? 5.636  -5.984 -4.975 1.00 0.00 ? 3  PHE A HE2  7  
ATOM   1192 H HZ   . PHE A 1 3  ? 7.923  -6.243 -4.135 1.00 0.00 ? 3  PHE A HZ   7  
ATOM   1193 N N    . ALA A 1 4  ? 3.848  -1.978 1.054  1.00 0.00 ? 4  ALA A N    7  
ATOM   1194 C CA   . ALA A 1 4  ? 4.097  -1.007 2.105  1.00 0.00 ? 4  ALA A CA   7  
ATOM   1195 C C    . ALA A 1 4  ? 4.014  0.405  1.521  1.00 0.00 ? 4  ALA A C    7  
ATOM   1196 O O    . ALA A 1 4  ? 4.779  0.754  0.622  1.00 0.00 ? 4  ALA A O    7  
ATOM   1197 C CB   . ALA A 1 4  ? 5.454  -1.292 2.753  1.00 0.00 ? 4  ALA A CB   7  
ATOM   1198 H H    . ALA A 1 4  ? 3.427  -1.606 0.228  1.00 0.00 ? 4  ALA A H    7  
ATOM   1199 H HA   . ALA A 1 4  ? 3.319  -1.124 2.859  1.00 0.00 ? 4  ALA A HA   7  
ATOM   1200 H HB1  . ALA A 1 4  ? 5.634  -0.572 3.551  1.00 0.00 ? 4  ALA A HB1  7  
ATOM   1201 H HB2  . ALA A 1 4  ? 5.456  -2.300 3.167  1.00 0.00 ? 4  ALA A HB2  7  
ATOM   1202 H HB3  . ALA A 1 4  ? 6.240  -1.203 2.002  1.00 0.00 ? 4  ALA A HB3  7  
HETATM 1203 N N    . DTR A 1 5  ? 3.081  1.178  2.055  1.00 0.00 ? 5  DTR A N    7  
HETATM 1204 C CA   . DTR A 1 5  ? 2.888  2.544  1.596  1.00 0.00 ? 5  DTR A CA   7  
HETATM 1205 C CB   . DTR A 1 5  ? 3.898  3.402  2.363  1.00 0.00 ? 5  DTR A CB   7  
HETATM 1206 C CG   . DTR A 1 5  ? 4.850  2.598  3.250  1.00 0.00 ? 5  DTR A CG   7  
HETATM 1207 C CD1  . DTR A 1 5  ? 6.187  2.529  3.176  1.00 0.00 ? 5  DTR A CD1  7  
HETATM 1208 N NE1  . DTR A 1 5  ? 6.706  1.699  4.149  1.00 0.00 ? 5  DTR A NE1  7  
HETATM 1209 C CE2  . DTR A 1 5  ? 5.636  1.208  4.890  1.00 0.00 ? 5  DTR A CE2  7  
HETATM 1210 C CZ2  . DTR A 1 5  ? 5.640  0.332  5.982  1.00 0.00 ? 5  DTR A CZ2  7  
HETATM 1211 C CH2  . DTR A 1 5  ? 4.392  0.015  6.531  1.00 0.00 ? 5  DTR A CH2  7  
HETATM 1212 C CZ3  . DTR A 1 5  ? 3.239  0.566  5.982  1.00 0.00 ? 5  DTR A CZ3  7  
HETATM 1213 C CE3  . DTR A 1 5  ? 3.218  1.443  4.889  1.00 0.00 ? 5  DTR A CE3  7  
HETATM 1214 C CD2  . DTR A 1 5  ? 4.484  1.747  4.358  1.00 0.00 ? 5  DTR A CD2  7  
HETATM 1215 C C    . DTR A 1 5  ? 1.436  2.934  1.873  1.00 0.00 ? 5  DTR A C    7  
HETATM 1216 O O    . DTR A 1 5  ? 0.874  2.562  2.902  1.00 0.00 ? 5  DTR A O    7  
HETATM 1217 H H    . DTR A 1 5  ? 2.464  0.886  2.785  1.00 0.00 ? 5  DTR A H    7  
HETATM 1218 H HA   . DTR A 1 5  ? 3.079  2.538  0.523  1.00 0.00 ? 5  DTR A HA   7  
HETATM 1219 H HB2  . DTR A 1 5  ? 4.484  3.981  1.650  1.00 0.00 ? 5  DTR A HB2  7  
HETATM 1220 H HB3  . DTR A 1 5  ? 3.355  4.114  2.983  1.00 0.00 ? 5  DTR A HB3  7  
HETATM 1221 H HD1  . DTR A 1 5  ? 6.789  3.060  2.438  1.00 0.00 ? 5  DTR A HD1  7  
HETATM 1222 H HE1  . DTR A 1 5  ? 7.760  1.469  4.306  1.00 0.00 ? 5  DTR A HE1  7  
HETATM 1223 H HZ2  . DTR A 1 5  ? 6.565  -0.080 6.385  1.00 0.00 ? 5  DTR A HZ2  7  
HETATM 1224 H HH2  . DTR A 1 5  ? 4.324  -0.661 7.382  1.00 0.00 ? 5  DTR A HH2  7  
HETATM 1225 H HZ3  . DTR A 1 5  ? 2.286  0.296  6.432  1.00 0.00 ? 5  DTR A HZ3  7  
HETATM 1226 H HE3  . DTR A 1 5  ? 2.295  1.857  4.485  1.00 0.00 ? 5  DTR A HE3  7  
HETATM 1227 N N    . IAM A 1 6  ? 0.868  3.681  0.938  1.00 0.00 ? 6  IAM A N    7  
HETATM 1228 C CA   . IAM A 1 6  ? -0.509 4.128  1.069  1.00 0.00 ? 6  IAM A CA   7  
HETATM 1229 C CB   . IAM A 1 6  ? -0.487 5.396  1.922  1.00 0.00 ? 6  IAM A CB   7  
HETATM 1230 C CG   . IAM A 1 6  ? 0.012  6.639  1.183  1.00 0.00 ? 6  IAM A CG   7  
HETATM 1231 C CD1  . IAM A 1 6  ? -0.866 7.614  0.823  1.00 0.00 ? 6  IAM A CD1  7  
HETATM 1232 C CE1  . IAM A 1 6  ? -0.400 8.767  0.136  1.00 0.00 ? 6  IAM A CE1  7  
HETATM 1233 C CZ   . IAM A 1 6  ? 0.920  8.894  -0.165 1.00 0.00 ? 6  IAM A CZ   7  
HETATM 1234 C CE2  . IAM A 1 6  ? 1.796  7.919  0.196  1.00 0.00 ? 6  IAM A CE2  7  
HETATM 1235 C CD2  . IAM A 1 6  ? 1.331  6.767  0.882  1.00 0.00 ? 6  IAM A CD2  7  
HETATM 1236 C CT   . IAM A 1 6  ? 1.423  10.144 -0.909 1.00 0.00 ? 6  IAM A CT   7  
HETATM 1237 N NH   . IAM A 1 6  ? 2.801  10.452 -0.473 1.00 0.00 ? 6  IAM A NH   7  
HETATM 1238 C CI   . IAM A 1 6  ? 3.048  11.565 0.472  1.00 0.00 ? 6  IAM A CI   7  
HETATM 1239 C CK1  . IAM A 1 6  ? 4.362  11.309 1.234  1.00 0.00 ? 6  IAM A CK1  7  
HETATM 1240 C CK2  . IAM A 1 6  ? 1.883  11.655 1.472  1.00 0.00 ? 6  IAM A CK2  7  
HETATM 1241 C C    . IAM A 1 6  ? -1.109 4.459  -0.300 1.00 0.00 ? 6  IAM A C    7  
HETATM 1242 O O    . IAM A 1 6  ? -2.236 4.067  -0.598 1.00 0.00 ? 6  IAM A O    7  
HETATM 1243 H H    . IAM A 1 6  ? 1.333  3.982  0.103  1.00 0.00 ? 6  IAM A H    7  
HETATM 1244 H HA   . IAM A 1 6  ? -1.071 3.312  1.521  1.00 0.00 ? 6  IAM A HA   7  
HETATM 1245 H HB   . IAM A 1 6  ? 0.145  5.226  2.793  1.00 0.00 ? 6  IAM A HB   7  
HETATM 1246 H HB1  . IAM A 1 6  ? -1.493 5.588  2.294  1.00 0.00 ? 6  IAM A HB1  7  
HETATM 1247 H HD1  . IAM A 1 6  ? -1.922 7.511  1.062  1.00 0.00 ? 6  IAM A HD1  7  
HETATM 1248 H HE1  . IAM A 1 6  ? -1.103 9.551  -0.151 1.00 0.00 ? 6  IAM A HE1  7  
HETATM 1249 H HE2  . IAM A 1 6  ? 2.855  8.023  -0.044 1.00 0.00 ? 6  IAM A HE2  7  
HETATM 1250 H HD2  . IAM A 1 6  ? 2.034  5.985  1.170  1.00 0.00 ? 6  IAM A HD2  7  
HETATM 1251 H HT1  . IAM A 1 6  ? 0.783  10.973 -0.685 1.00 0.00 ? 6  IAM A HT1  7  
HETATM 1252 H HT2  . IAM A 1 6  ? 1.415  9.961  -1.965 1.00 0.00 ? 6  IAM A HT2  7  
HETATM 1253 H HH   . IAM A 1 6  ? 3.591  9.893  -0.828 1.00 0.00 ? 6  IAM A HH   7  
HETATM 1254 H HI   . IAM A 1 6  ? 3.124  12.483 -0.071 1.00 0.00 ? 6  IAM A HI   7  
HETATM 1255 H HK11 . IAM A 1 6  ? 4.287  10.388 1.777  1.00 0.00 ? 6  IAM A HK11 7  
HETATM 1256 H HK12 . IAM A 1 6  ? 5.171  11.246 0.537  1.00 0.00 ? 6  IAM A HK12 7  
HETATM 1257 H HK13 . IAM A 1 6  ? 4.541  12.113 1.916  1.00 0.00 ? 6  IAM A HK13 7  
HETATM 1258 H HK21 . IAM A 1 6  ? 0.969  11.831 0.943  1.00 0.00 ? 6  IAM A HK21 7  
HETATM 1259 H HK22 . IAM A 1 6  ? 1.805  10.737 2.016  1.00 0.00 ? 6  IAM A HK22 7  
HETATM 1260 H HK23 . IAM A 1 6  ? 2.059  12.457 2.157  1.00 0.00 ? 6  IAM A HK23 7  
ATOM   1261 N N    . THR A 1 7  ? -0.330 5.177  -1.095 1.00 0.00 ? 7  THR A N    7  
ATOM   1262 C CA   . THR A 1 7  ? -0.772 5.565  -2.424 1.00 0.00 ? 7  THR A CA   7  
ATOM   1263 C C    . THR A 1 7  ? -0.802 4.349  -3.353 1.00 0.00 ? 7  THR A C    7  
ATOM   1264 O O    . THR A 1 7  ? -1.714 3.527  -3.275 1.00 0.00 ? 7  THR A O    7  
ATOM   1265 C CB   . THR A 1 7  ? 0.147  6.684  -2.921 1.00 0.00 ? 7  THR A CB   7  
ATOM   1266 O OG1  . THR A 1 7  ? -0.298 7.839  -2.214 1.00 0.00 ? 7  THR A OG1  7  
ATOM   1267 C CG2  . THR A 1 7  ? -0.092 7.030  -4.391 1.00 0.00 ? 7  THR A CG2  7  
ATOM   1268 H H    . THR A 1 7  ? 0.586  5.492  -0.845 1.00 0.00 ? 7  THR A H    7  
ATOM   1269 H HA   . THR A 1 7  ? -1.794 5.939  -2.353 1.00 0.00 ? 7  THR A HA   7  
ATOM   1270 H HB   . THR A 1 7  ? 1.194  6.434  -2.745 1.00 0.00 ? 7  THR A HB   7  
ATOM   1271 H HG1  . THR A 1 7  ? -1.274 7.985  -2.380 1.00 0.00 ? 7  THR A HG1  7  
ATOM   1272 H HG21 . THR A 1 7  ? 0.159  8.077  -4.563 1.00 0.00 ? 7  THR A HG21 7  
ATOM   1273 H HG22 . THR A 1 7  ? 0.535  6.399  -5.020 1.00 0.00 ? 7  THR A HG22 7  
ATOM   1274 H HG23 . THR A 1 7  ? -1.141 6.863  -4.638 1.00 0.00 ? 7  THR A HG23 7  
HETATM 1275 N N    . IYR A 1 8  ? 0.205  4.273  -4.208 1.00 0.00 ? 8  IYR A N    7  
HETATM 1276 C CA   . IYR A 1 8  ? 0.306  3.171  -5.151 1.00 0.00 ? 8  IYR A CA   7  
HETATM 1277 C CB   . IYR A 1 8  ? 1.815  3.028  -5.505 1.00 0.00 ? 8  IYR A CB   7  
HETATM 1278 C CC   . IYR A 1 8  ? 2.817  3.547  -4.468 1.00 0.00 ? 8  IYR A CC   7  
HETATM 1279 C CD   . IYR A 1 8  ? 3.559  4.702  -4.738 1.00 0.00 ? 8  IYR A CD   7  
HETATM 1280 C CE   . IYR A 1 8  ? 4.471  5.186  -3.804 1.00 0.00 ? 8  IYR A CE   7  
HETATM 1281 I IE   . IYR A 1 8  ? 5.598  6.936  -4.248 1.00 0.00 ? 8  IYR A IE   7  
HETATM 1282 C CF   . IYR A 1 8  ? 4.644  4.518  -2.595 1.00 0.00 ? 8  IYR A CF   7  
HETATM 1283 O OF   . IYR A 1 8  ? 5.541  4.988  -1.677 1.00 0.00 ? 8  IYR A OF   7  
HETATM 1284 C CG   . IYR A 1 8  ? 3.907  3.370  -2.316 1.00 0.00 ? 8  IYR A CG   7  
HETATM 1285 C CH   . IYR A 1 8  ? 2.992  2.885  -3.250 1.00 0.00 ? 8  IYR A CH   7  
HETATM 1286 C C    . IYR A 1 8  ? -0.158 1.860  -4.512 1.00 0.00 ? 8  IYR A C    7  
HETATM 1287 O O    . IYR A 1 8  ? -0.680 0.982  -5.196 1.00 0.00 ? 8  IYR A O    7  
HETATM 1288 H H    . IYR A 1 8  ? 0.944  4.946  -4.265 1.00 0.00 ? 8  IYR A H    7  
HETATM 1289 H HA   . IYR A 1 8  ? -0.287 3.328  -6.071 1.00 0.00 ? 8  IYR A HA   7  
HETATM 1290 H HB2  . IYR A 1 8  ? 2.038  1.966  -5.733 1.00 0.00 ? 8  IYR A HB2  7  
HETATM 1291 H HB3  . IYR A 1 8  ? 2.025  3.547  -6.460 1.00 0.00 ? 8  IYR A HB3  7  
HETATM 1292 H HD   . IYR A 1 8  ? 3.438  5.219  -5.681 1.00 0.00 ? 8  IYR A HD   7  
HETATM 1293 H HF   . IYR A 1 8  ? 5.954  5.776  -2.034 1.00 0.00 ? 8  IYR A HF   7  
HETATM 1294 H HG   . IYR A 1 8  ? 4.050  2.855  -1.377 1.00 0.00 ? 8  IYR A HG   7  
HETATM 1295 H HH   . IYR A 1 8  ? 2.428  1.991  -3.027 1.00 0.00 ? 8  IYR A HH   7  
ATOM   1296 N N    . THR A 1 9  ? 0.051  1.768  -3.208 1.00 0.00 ? 9  THR A N    7  
ATOM   1297 C CA   . THR A 1 9  ? -0.337 0.580  -2.468 1.00 0.00 ? 9  THR A CA   7  
ATOM   1298 C C    . THR A 1 9  ? -1.862 0.445  -2.441 1.00 0.00 ? 9  THR A C    7  
ATOM   1299 O O    . THR A 1 9  ? -2.565 1.155  -3.158 1.00 0.00 ? 9  THR A O    7  
ATOM   1300 C CB   . THR A 1 9  ? 0.290  0.662  -1.074 1.00 0.00 ? 9  THR A CB   7  
ATOM   1301 O OG1  . THR A 1 9  ? -0.064 1.961  -0.611 1.00 0.00 ? 9  THR A OG1  7  
ATOM   1302 C CG2  . THR A 1 9  ? 1.819  0.686  -1.121 1.00 0.00 ? 9  THR A CG2  7  
ATOM   1303 H H    . THR A 1 9  ? 0.477  2.486  -2.657 1.00 0.00 ? 9  THR A H    7  
ATOM   1304 H HA   . THR A 1 9  ? 0.052  -0.294 -2.992 1.00 0.00 ? 9  THR A HA   7  
ATOM   1305 H HB   . THR A 1 9  ? -0.067 -0.149 -0.439 1.00 0.00 ? 9  THR A HB   7  
ATOM   1306 H HG1  . THR A 1 9  ? 0.248  2.653  -1.259 1.00 0.00 ? 9  THR A HG1  7  
ATOM   1307 H HG21 . THR A 1 9  ? 2.200  1.233  -0.258 1.00 0.00 ? 9  THR A HG21 7  
ATOM   1308 H HG22 . THR A 1 9  ? 2.200  -0.334 -1.102 1.00 0.00 ? 9  THR A HG22 7  
ATOM   1309 H HG23 . THR A 1 9  ? 2.146  1.181  -2.037 1.00 0.00 ? 9  THR A HG23 7  
ATOM   1310 N N    . SER A 1 10 ? -2.328 -0.472 -1.605 1.00 0.00 ? 10 SER A N    7  
ATOM   1311 C CA   . SER A 1 10 ? -3.755 -0.710 -1.475 1.00 0.00 ? 10 SER A CA   7  
ATOM   1312 C C    . SER A 1 10 ? -4.234 -0.276 -0.090 1.00 0.00 ? 10 SER A C    7  
ATOM   1313 O O    . SER A 1 10 ? -5.210 0.464  0.032  1.00 0.00 ? 10 SER A O    7  
ATOM   1314 C CB   . SER A 1 10 ? -4.082 -2.200 -1.750 1.00 0.00 ? 10 SER A CB   7  
ATOM   1315 O OG   . SER A 1 10 ? -5.457 -2.415 -2.088 1.00 0.00 ? 10 SER A OG   7  
ATOM   1316 H H    . SER A 1 10 ? -1.749 -1.046 -1.025 1.00 0.00 ? 10 SER A H    7  
ATOM   1317 H HA   . SER A 1 10 ? -4.300 -0.091 -2.212 1.00 0.00 ? 10 SER A HA   7  
ATOM   1318 H HB2  . SER A 1 10 ? -3.455 -2.572 -2.585 1.00 0.00 ? 10 SER A HB2  7  
ATOM   1319 H HB3  . SER A 1 10 ? -3.811 -2.836 -0.885 1.00 0.00 ? 10 SER A HB3  7  
ATOM   1320 H HG   . SER A 1 10 ? -5.985 -2.156 -1.328 1.00 0.00 ? 10 SER A HG   7  
ATOM   1321 N N    . CYS A 1 11 ? -3.525 -0.753 0.924  1.00 0.00 ? 11 CYS A N    7  
ATOM   1322 C CA   . CYS A 1 11 ? -3.866 -0.422 2.298  1.00 0.00 ? 11 CYS A CA   7  
ATOM   1323 C C    . CYS A 1 11 ? -4.186 1.073  2.367  1.00 0.00 ? 11 CYS A C    7  
ATOM   1324 O O    . CYS A 1 11 ? -4.392 1.751  1.254  1.00 0.00 ? 11 CYS A O    7  
ATOM   1325 C CB   . CYS A 1 11 ? -2.747 -0.812 3.266  1.00 0.00 ? 11 CYS A CB   7  
ATOM   1326 S SG   . CYS A 1 11 ? -3.318 -1.390 4.906  1.00 0.00 ? 11 CYS A SG   7  
ATOM   1327 H H    . CYS A 1 11 ? -2.732 -1.353 0.818  1.00 0.00 ? 11 CYS A H    7  
ATOM   1328 H HA   . CYS A 1 11 ? -4.741 -1.018 2.555  1.00 0.00 ? 11 CYS A HA   7  
ATOM   1329 H HB2  . CYS A 1 11 ? -2.147 -1.598 2.808  1.00 0.00 ? 11 CYS A HB2  7  
ATOM   1330 H HB3  . CYS A 1 11 ? -2.092 0.047  3.408  1.00 0.00 ? 11 CYS A HB3  7  
ATOM   1331 N N    . CYS A 1 1  ? -0.885 -3.559 5.301  1.00 0.00 ? 1  CYS A N    8  
ATOM   1332 C CA   . CYS A 1 1  ? -1.861 -4.283 4.505  1.00 0.00 ? 1  CYS A CA   8  
ATOM   1333 C C    . CYS A 1 1  ? -1.518 -4.090 3.029  1.00 0.00 ? 1  CYS A C    8  
ATOM   1334 O O    . CYS A 1 1  ? -2.385 -3.755 2.223  1.00 0.00 ? 1  CYS A O    8  
ATOM   1335 C CB   . CYS A 1 1  ? -3.291 -3.838 4.823  1.00 0.00 ? 1  CYS A CB   8  
ATOM   1336 S SG   . CYS A 1 1  ? -4.579 -4.563 3.744  1.00 0.00 ? 1  CYS A SG   8  
ATOM   1337 H H1   . CYS A 1 1  ? -0.265 -3.021 4.679  1.00 0.00 ? 1  CYS A H1   8  
ATOM   1338 H H2   . CYS A 1 1  ? -1.372 -2.915 5.941  1.00 0.00 ? 1  CYS A H2   8  
ATOM   1339 H HA   . CYS A 1 1  ? -1.779 -5.331 4.789  1.00 0.00 ? 1  CYS A HA   8  
ATOM   1340 H HB2  . CYS A 1 1  ? -3.516 -4.095 5.857  1.00 0.00 ? 1  CYS A HB2  8  
ATOM   1341 H HB3  . CYS A 1 1  ? -3.344 -2.750 4.747  1.00 0.00 ? 1  CYS A HB3  8  
ATOM   1342 N N    . LYS A 1 2  ? -0.248 -4.306 2.717  1.00 0.00 ? 2  LYS A N    8  
ATOM   1343 C CA   . LYS A 1 2  ? 0.222  -4.158 1.349  1.00 0.00 ? 2  LYS A CA   8  
ATOM   1344 C C    . LYS A 1 2  ? 1.752  -4.116 1.343  1.00 0.00 ? 2  LYS A C    8  
ATOM   1345 O O    . LYS A 1 2  ? 2.378  -4.045 2.397  1.00 0.00 ? 2  LYS A O    8  
ATOM   1346 C CB   . LYS A 1 2  ? -0.431 -2.943 0.685  1.00 0.00 ? 2  LYS A CB   8  
ATOM   1347 C CG   . LYS A 1 2  ? -1.436 -3.375 -0.383 1.00 0.00 ? 2  LYS A CG   8  
ATOM   1348 C CD   . LYS A 1 2  ? -0.730 -4.058 -1.556 1.00 0.00 ? 2  LYS A CD   8  
ATOM   1349 C CE   . LYS A 1 2  ? 0.161  -3.070 -2.311 1.00 0.00 ? 2  LYS A CE   8  
ATOM   1350 N NZ   . LYS A 1 2  ? -0.389 -2.803 -3.659 1.00 0.00 ? 2  LYS A NZ   8  
ATOM   1351 H H    . LYS A 1 2  ? 0.451  -4.577 3.376  1.00 0.00 ? 2  LYS A H    8  
ATOM   1352 H HA   . LYS A 1 2  ? -0.101 -5.039 0.796  1.00 0.00 ? 2  LYS A HA   8  
ATOM   1353 H HB2  . LYS A 1 2  ? -0.933 -2.338 1.440  1.00 0.00 ? 2  LYS A HB2  8  
ATOM   1354 H HB3  . LYS A 1 2  ? 0.337  -2.315 0.234  1.00 0.00 ? 2  LYS A HB3  8  
ATOM   1355 H HG2  . LYS A 1 2  ? -2.168 -4.056 0.053  1.00 0.00 ? 2  LYS A HG2  8  
ATOM   1356 H HG3  . LYS A 1 2  ? -1.987 -2.505 -0.742 1.00 0.00 ? 2  LYS A HG3  8  
ATOM   1357 H HD2  . LYS A 1 2  ? -0.129 -4.890 -1.189 1.00 0.00 ? 2  LYS A HD2  8  
ATOM   1358 H HD3  . LYS A 1 2  ? -1.471 -4.480 -2.237 1.00 0.00 ? 2  LYS A HD3  8  
ATOM   1359 H HE2  . LYS A 1 2  ? 0.236  -2.139 -1.749 1.00 0.00 ? 2  LYS A HE2  8  
ATOM   1360 H HE3  . LYS A 1 2  ? 1.170  -3.474 -2.396 1.00 0.00 ? 2  LYS A HE3  8  
ATOM   1361 H HZ1  . LYS A 1 2  ? 0.323  -2.463 -4.298 1.00 0.00 ? 2  LYS A HZ1  8  
ATOM   1362 H HZ2  . LYS A 1 2  ? -0.786 -3.635 -4.080 1.00 0.00 ? 2  LYS A HZ2  8  
ATOM   1363 N N    . PHE A 1 3  ? 2.306  -4.158 0.140  1.00 0.00 ? 3  PHE A N    8  
ATOM   1364 C CA   . PHE A 1 3  ? 3.751  -4.123 -0.018 1.00 0.00 ? 3  PHE A CA   8  
ATOM   1365 C C    . PHE A 1 3  ? 4.392  -3.182 1.002  1.00 0.00 ? 3  PHE A C    8  
ATOM   1366 O O    . PHE A 1 3  ? 5.164  -3.619 1.855  1.00 0.00 ? 3  PHE A O    8  
ATOM   1367 C CB   . PHE A 1 3  ? 4.034  -3.599 -1.428 1.00 0.00 ? 3  PHE A CB   8  
ATOM   1368 C CG   . PHE A 1 3  ? 4.762  -4.598 -2.328 1.00 0.00 ? 3  PHE A CG   8  
ATOM   1369 C CD1  . PHE A 1 3  ? 6.079  -4.867 -2.119 1.00 0.00 ? 3  PHE A CD1  8  
ATOM   1370 C CD2  . PHE A 1 3  ? 4.093  -5.213 -3.340 1.00 0.00 ? 3  PHE A CD2  8  
ATOM   1371 C CE1  . PHE A 1 3  ? 6.756  -5.793 -2.957 1.00 0.00 ? 3  PHE A CE1  8  
ATOM   1372 C CE2  . PHE A 1 3  ? 4.771  -6.140 -4.179 1.00 0.00 ? 3  PHE A CE2  8  
ATOM   1373 C CZ   . PHE A 1 3  ? 6.087  -6.409 -3.969 1.00 0.00 ? 3  PHE A CZ   8  
ATOM   1374 H H    . PHE A 1 3  ? 1.790  -4.214 -0.714 1.00 0.00 ? 3  PHE A H    8  
ATOM   1375 H HA   . PHE A 1 3  ? 4.119  -5.137 0.144  1.00 0.00 ? 3  PHE A HA   8  
ATOM   1376 H HB2  . PHE A 1 3  ? 3.090  -3.322 -1.898 1.00 0.00 ? 3  PHE A HB2  8  
ATOM   1377 H HB3  . PHE A 1 3  ? 4.630  -2.689 -1.353 1.00 0.00 ? 3  PHE A HB3  8  
ATOM   1378 H HD1  . PHE A 1 3  ? 6.614  -4.374 -1.308 1.00 0.00 ? 3  PHE A HD1  8  
ATOM   1379 H HD2  . PHE A 1 3  ? 3.038  -4.995 -3.508 1.00 0.00 ? 3  PHE A HD2  8  
ATOM   1380 H HE1  . PHE A 1 3  ? 7.811  -6.010 -2.790 1.00 0.00 ? 3  PHE A HE1  8  
ATOM   1381 H HE2  . PHE A 1 3  ? 4.234  -6.633 -4.990 1.00 0.00 ? 3  PHE A HE2  8  
ATOM   1382 H HZ   . PHE A 1 3  ? 6.605  -7.120 -4.611 1.00 0.00 ? 3  PHE A HZ   8  
ATOM   1383 N N    . ALA A 1 4  ? 4.052  -1.906 0.880  1.00 0.00 ? 4  ALA A N    8  
ATOM   1384 C CA   . ALA A 1 4  ? 4.584  -0.900 1.782  1.00 0.00 ? 4  ALA A CA   8  
ATOM   1385 C C    . ALA A 1 4  ? 4.375  0.488  1.172  1.00 0.00 ? 4  ALA A C    8  
ATOM   1386 O O    . ALA A 1 4  ? 4.677  0.705  -0.001 1.00 0.00 ? 4  ALA A O    8  
ATOM   1387 C CB   . ALA A 1 4  ? 6.059  -1.196 2.065  1.00 0.00 ? 4  ALA A CB   8  
ATOM   1388 H H    . ALA A 1 4  ? 3.423  -1.560 0.183  1.00 0.00 ? 4  ALA A H    8  
ATOM   1389 H HA   . ALA A 1 4  ? 4.029  -0.964 2.718  1.00 0.00 ? 4  ALA A HA   8  
ATOM   1390 H HB1  . ALA A 1 4  ? 6.454  -0.450 2.751  1.00 0.00 ? 4  ALA A HB1  8  
ATOM   1391 H HB2  . ALA A 1 4  ? 6.152  -2.186 2.510  1.00 0.00 ? 4  ALA A HB2  8  
ATOM   1392 H HB3  . ALA A 1 4  ? 6.620  -1.162 1.130  1.00 0.00 ? 4  ALA A HB3  8  
HETATM 1393 N N    . DTR A 1 5  ? 3.858  1.388  1.992  1.00 0.00 ? 5  DTR A N    8  
HETATM 1394 C CA   . DTR A 1 5  ? 3.604  2.748  1.549  1.00 0.00 ? 5  DTR A CA   8  
HETATM 1395 C CB   . DTR A 1 5  ? 4.705  3.616  2.167  1.00 0.00 ? 5  DTR A CB   8  
HETATM 1396 C CG   . DTR A 1 5  ? 5.861  2.818  2.770  1.00 0.00 ? 5  DTR A CG   8  
HETATM 1397 C CD1  . DTR A 1 5  ? 6.162  2.651  4.065  1.00 0.00 ? 5  DTR A CD1  8  
HETATM 1398 N NE1  . DTR A 1 5  ? 7.282  1.862  4.227  1.00 0.00 ? 5  DTR A NE1  8  
HETATM 1399 C CE2  . DTR A 1 5  ? 7.724  1.503  2.958  1.00 0.00 ? 5  DTR A CE2  8  
HETATM 1400 C CZ2  . DTR A 1 5  ? 8.820  0.713  2.591  1.00 0.00 ? 5  DTR A CZ2  8  
HETATM 1401 C CH2  . DTR A 1 5  ? 9.018  0.525  1.218  1.00 0.00 ? 5  DTR A CH2  8  
HETATM 1402 C CZ3  . DTR A 1 5  ? 8.145  1.111  0.309  1.00 0.00 ? 5  DTR A CZ3  8  
HETATM 1403 C CE3  . DTR A 1 5  ? 7.045  1.904  0.661  1.00 0.00 ? 5  DTR A CE3  8  
HETATM 1404 C CD2  . DTR A 1 5  ? 6.867  2.078  2.044  1.00 0.00 ? 5  DTR A CD2  8  
HETATM 1405 C C    . DTR A 1 5  ? 2.200  3.143  2.011  1.00 0.00 ? 5  DTR A C    8  
HETATM 1406 O O    . DTR A 1 5  ? 1.895  3.088  3.200  1.00 0.00 ? 5  DTR A O    8  
HETATM 1407 H H    . DTR A 1 5  ? 3.614  1.203  2.945  1.00 0.00 ? 5  DTR A H    8  
HETATM 1408 H HA   . DTR A 1 5  ? 3.652  2.731  0.461  1.00 0.00 ? 5  DTR A HA   8  
HETATM 1409 H HB2  . DTR A 1 5  ? 5.098  4.285  1.400  1.00 0.00 ? 5  DTR A HB2  8  
HETATM 1410 H HB3  . DTR A 1 5  ? 4.266  4.242  2.943  1.00 0.00 ? 5  DTR A HB3  8  
HETATM 1411 H HD1  . DTR A 1 5  ? 5.591  3.083  4.888  1.00 0.00 ? 5  DTR A HD1  8  
HETATM 1412 H HE1  . DTR A 1 5  ? 7.737  1.573  5.175  1.00 0.00 ? 5  DTR A HE1  8  
HETATM 1413 H HZ2  . DTR A 1 5  ? 9.484  0.270  3.332  1.00 0.00 ? 5  DTR A HZ2  8  
HETATM 1414 H HH2  . DTR A 1 5  ? 9.853  -0.080 0.863  1.00 0.00 ? 5  DTR A HH2  8  
HETATM 1415 H HZ3  . DTR A 1 5  ? 8.330  0.944  -0.752 1.00 0.00 ? 5  DTR A HZ3  8  
HETATM 1416 H HE3  . DTR A 1 5  ? 6.380  2.349  -0.079 1.00 0.00 ? 5  DTR A HE3  8  
HETATM 1417 N N    . IAM A 1 6  ? 1.383  3.531  1.043  1.00 0.00 ? 6  IAM A N    8  
HETATM 1418 C CA   . IAM A 1 6  ? 0.018  3.935  1.335  1.00 0.00 ? 6  IAM A CA   8  
HETATM 1419 C CB   . IAM A 1 6  ? 0.098  5.177  2.226  1.00 0.00 ? 6  IAM A CB   8  
HETATM 1420 C CG   . IAM A 1 6  ? 0.482  6.454  1.478  1.00 0.00 ? 6  IAM A CG   8  
HETATM 1421 C CD1  . IAM A 1 6  ? 1.772  6.660  1.101  1.00 0.00 ? 6  IAM A CD1  8  
HETATM 1422 C CE1  . IAM A 1 6  ? 2.129  7.847  0.406  1.00 0.00 ? 6  IAM A CE1  8  
HETATM 1423 C CZ   . IAM A 1 6  ? 1.179  8.778  0.121  1.00 0.00 ? 6  IAM A CZ   8  
HETATM 1424 C CE2  . IAM A 1 6  ? -0.110 8.572  0.498  1.00 0.00 ? 6  IAM A CE2  8  
HETATM 1425 C CD2  . IAM A 1 6  ? -0.467 7.385  1.192  1.00 0.00 ? 6  IAM A CD2  8  
HETATM 1426 C CT   . IAM A 1 6  ? 1.565  10.063 -0.634 1.00 0.00 ? 6  IAM A CT   8  
HETATM 1427 N NH   . IAM A 1 6  ? 2.881  9.875  -1.281 1.00 0.00 ? 6  IAM A NH   8  
HETATM 1428 C CI   . IAM A 1 6  ? 4.031  10.714 -0.877 1.00 0.00 ? 6  IAM A CI   8  
HETATM 1429 C CK1  . IAM A 1 6  ? 4.240  11.833 -1.912 1.00 0.00 ? 6  IAM A CK1  8  
HETATM 1430 C CK2  . IAM A 1 6  ? 5.297  9.842  -0.797 1.00 0.00 ? 6  IAM A CK2  8  
HETATM 1431 C C    . IAM A 1 6  ? -0.736 4.291  0.053  1.00 0.00 ? 6  IAM A C    8  
HETATM 1432 O O    . IAM A 1 6  ? -1.867 3.850  -0.151 1.00 0.00 ? 6  IAM A O    8  
HETATM 1433 H H    . IAM A 1 6  ? 1.637  3.572  0.078  1.00 0.00 ? 6  IAM A H    8  
HETATM 1434 H HA   . IAM A 1 6  ? -0.473 3.089  1.819  1.00 0.00 ? 6  IAM A HA   8  
HETATM 1435 H HB   . IAM A 1 6  ? 0.827  4.998  3.016  1.00 0.00 ? 6  IAM A HB   8  
HETATM 1436 H HB1  . IAM A 1 6  ? -0.866 5.326  2.710  1.00 0.00 ? 6  IAM A HB1  8  
HETATM 1437 H HD1  . IAM A 1 6  ? 2.533  5.914  1.331  1.00 0.00 ? 6  IAM A HD1  8  
HETATM 1438 H HE1  . IAM A 1 6  ? 3.162  8.011  0.102  1.00 0.00 ? 6  IAM A HE1  8  
HETATM 1439 H HE2  . IAM A 1 6  ? -0.872 9.318  0.266  1.00 0.00 ? 6  IAM A HE2  8  
HETATM 1440 H HD2  . IAM A 1 6  ? -1.501 7.220  1.495  1.00 0.00 ? 6  IAM A HD2  8  
HETATM 1441 H HT1  . IAM A 1 6  ? 1.619  10.880 0.056  1.00 0.00 ? 6  IAM A HT1  8  
HETATM 1442 H HT2  . IAM A 1 6  ? 0.828  10.275 -1.381 1.00 0.00 ? 6  IAM A HT2  8  
HETATM 1443 H HH   . IAM A 1 6  ? 2.997  9.160  -2.014 1.00 0.00 ? 6  IAM A HH   8  
HETATM 1444 H HI   . IAM A 1 6  ? 3.836  11.146 0.082  1.00 0.00 ? 6  IAM A HI   8  
HETATM 1445 H HK11 . IAM A 1 6  ? 4.437  11.399 -2.871 1.00 0.00 ? 6  IAM A HK11 8  
HETATM 1446 H HK12 . IAM A 1 6  ? 3.360  12.438 -1.968 1.00 0.00 ? 6  IAM A HK12 8  
HETATM 1447 H HK13 . IAM A 1 6  ? 5.072  12.439 -1.619 1.00 0.00 ? 6  IAM A HK13 8  
HETATM 1448 H HK21 . IAM A 1 6  ? 5.150  9.064  -0.077 1.00 0.00 ? 6  IAM A HK21 8  
HETATM 1449 H HK22 . IAM A 1 6  ? 5.493  9.406  -1.755 1.00 0.00 ? 6  IAM A HK22 8  
HETATM 1450 H HK23 . IAM A 1 6  ? 6.130  10.446 -0.502 1.00 0.00 ? 6  IAM A HK23 8  
ATOM   1451 N N    . THR A 1 7  ? -0.080 5.084  -0.780 1.00 0.00 ? 7  THR A N    8  
ATOM   1452 C CA   . THR A 1 7  ? -0.674 5.505  -2.039 1.00 0.00 ? 7  THR A CA   8  
ATOM   1453 C C    . THR A 1 7  ? -0.894 4.299  -2.952 1.00 0.00 ? 7  THR A C    8  
ATOM   1454 O O    . THR A 1 7  ? -1.856 3.551  -2.777 1.00 0.00 ? 7  THR A O    8  
ATOM   1455 C CB   . THR A 1 7  ? 0.232  6.575  -2.654 1.00 0.00 ? 7  THR A CB   8  
ATOM   1456 O OG1  . THR A 1 7  ? -0.088 7.760  -1.929 1.00 0.00 ? 7  THR A OG1  8  
ATOM   1457 C CG2  . THR A 1 7  ? -0.152 6.906  -4.099 1.00 0.00 ? 7  THR A CG2  8  
ATOM   1458 H H    . THR A 1 7  ? 0.840  5.438  -0.608 1.00 0.00 ? 7  THR A H    8  
ATOM   1459 H HA   . THR A 1 7  ? -1.654 5.933  -1.830 1.00 0.00 ? 7  THR A HA   8  
ATOM   1460 H HB   . THR A 1 7  ? 1.281  6.283  -2.588 1.00 0.00 ? 7  THR A HB   8  
ATOM   1461 H HG1  . THR A 1 7  ? -1.068 7.943  -1.991 1.00 0.00 ? 7  THR A HG1  8  
ATOM   1462 H HG21 . THR A 1 7  ? 0.122  7.938  -4.319 1.00 0.00 ? 7  THR A HG21 8  
ATOM   1463 H HG22 . THR A 1 7  ? 0.377  6.237  -4.777 1.00 0.00 ? 7  THR A HG22 8  
ATOM   1464 H HG23 . THR A 1 7  ? -1.227 6.779  -4.225 1.00 0.00 ? 7  THR A HG23 8  
HETATM 1465 N N    . IYR A 1 8  ? 0.009  4.146  -3.908 1.00 0.00 ? 8  IYR A N    8  
HETATM 1466 C CA   . IYR A 1 8  ? -0.077 3.043  -4.850 1.00 0.00 ? 8  IYR A CA   8  
HETATM 1467 C CB   . IYR A 1 8  ? 1.374  2.766  -5.340 1.00 0.00 ? 8  IYR A CB   8  
HETATM 1468 C CC   . IYR A 1 8  ? 2.509  3.144  -4.378 1.00 0.00 ? 8  IYR A CC   8  
HETATM 1469 C CD   . IYR A 1 8  ? 3.279  4.284  -4.630 1.00 0.00 ? 8  IYR A CD   8  
HETATM 1470 C CE   . IYR A 1 8  ? 4.310  4.637  -3.765 1.00 0.00 ? 8  IYR A CE   8  
HETATM 1471 I IE   . IYR A 1 8  ? 5.479  6.369  -4.177 1.00 0.00 ? 8  IYR A IE   8  
HETATM 1472 C CF   . IYR A 1 8  ? 4.575  3.853  -2.642 1.00 0.00 ? 8  IYR A CF   8  
HETATM 1473 O OF   . IYR A 1 8  ? 5.589  4.196  -1.795 1.00 0.00 ? 8  IYR A OF   8  
HETATM 1474 C CG   . IYR A 1 8  ? 3.811  2.720  -2.387 1.00 0.00 ? 8  IYR A CG   8  
HETATM 1475 C CH   . IYR A 1 8  ? 2.777  2.365  -3.250 1.00 0.00 ? 8  IYR A CH   8  
HETATM 1476 C C    . IYR A 1 8  ? -0.596 1.777  -4.167 1.00 0.00 ? 8  IYR A C    8  
HETATM 1477 O O    . IYR A 1 8  ? -1.329 0.996  -4.771 1.00 0.00 ? 8  IYR A O    8  
HETATM 1478 H H    . IYR A 1 8  ? 0.787  4.758  -4.046 1.00 0.00 ? 8  IYR A H    8  
HETATM 1479 H HA   . IYR A 1 8  ? -0.734 3.256  -5.714 1.00 0.00 ? 8  IYR A HA   8  
HETATM 1480 H HB2  . IYR A 1 8  ? 1.468  1.697  -5.621 1.00 0.00 ? 8  IYR A HB2  8  
HETATM 1481 H HB3  . IYR A 1 8  ? 1.556  3.299  -6.293 1.00 0.00 ? 8  IYR A HB3  8  
HETATM 1482 H HD   . IYR A 1 8  ? 3.086  4.889  -5.504 1.00 0.00 ? 8  IYR A HD   8  
HETATM 1483 H HF   . IYR A 1 8  ? 6.006  4.994  -2.126 1.00 0.00 ? 8  IYR A HF   8  
HETATM 1484 H HG   . IYR A 1 8  ? 4.024  2.113  -1.518 1.00 0.00 ? 8  IYR A HG   8  
HETATM 1485 H HH   . IYR A 1 8  ? 2.192  1.478  -3.046 1.00 0.00 ? 8  IYR A HH   8  
ATOM   1486 N N    . THR A 1 9  ? -0.195 1.612  -2.915 1.00 0.00 ? 9  THR A N    8  
ATOM   1487 C CA   . THR A 1 9  ? -0.610 0.453  -2.142 1.00 0.00 ? 9  THR A CA   8  
ATOM   1488 C C    . THR A 1 9  ? -2.135 0.389  -2.056 1.00 0.00 ? 9  THR A C    8  
ATOM   1489 O O    . THR A 1 9  ? -2.791 1.401  -1.815 1.00 0.00 ? 9  THR A O    8  
ATOM   1490 C CB   . THR A 1 9  ? 0.073  0.528  -0.775 1.00 0.00 ? 9  THR A CB   8  
ATOM   1491 O OG1  . THR A 1 9  ? -0.358 1.777  -0.239 1.00 0.00 ? 9  THR A OG1  8  
ATOM   1492 C CG2  . THR A 1 9  ? 1.592  0.674  -0.886 1.00 0.00 ? 9  THR A CG2  8  
ATOM   1493 H H    . THR A 1 9  ? 0.403  2.252  -2.430 1.00 0.00 ? 9  THR A H    8  
ATOM   1494 H HA   . THR A 1 9  ? -0.279 -0.445 -2.665 1.00 0.00 ? 9  THR A HA   8  
ATOM   1495 H HB   . THR A 1 9  ? -0.192 -0.332 -0.160 1.00 0.00 ? 9  THR A HB   8  
ATOM   1496 H HG1  . THR A 1 9  ? -0.128 2.518  -0.870 1.00 0.00 ? 9  THR A HG1  8  
ATOM   1497 H HG21 . THR A 1 9  ? 1.970  1.213  -0.016 1.00 0.00 ? 9  THR A HG21 8  
ATOM   1498 H HG22 . THR A 1 9  ? 2.049  -0.314 -0.927 1.00 0.00 ? 9  THR A HG22 8  
ATOM   1499 H HG23 . THR A 1 9  ? 1.840  1.227  -1.791 1.00 0.00 ? 9  THR A HG23 8  
ATOM   1500 N N    . SER A 1 10 ? -2.656 -0.812 -2.259 1.00 0.00 ? 10 SER A N    8  
ATOM   1501 C CA   . SER A 1 10 ? -4.094 -1.023 -2.208 1.00 0.00 ? 10 SER A CA   8  
ATOM   1502 C C    . SER A 1 10 ? -4.657 -0.461 -0.901 1.00 0.00 ? 10 SER A C    8  
ATOM   1503 O O    . SER A 1 10 ? -5.484 0.451  -0.919 1.00 0.00 ? 10 SER A O    8  
ATOM   1504 C CB   . SER A 1 10 ? -4.426 -2.527 -2.372 1.00 0.00 ? 10 SER A CB   8  
ATOM   1505 O OG   . SER A 1 10 ? -5.811 -2.763 -2.646 1.00 0.00 ? 10 SER A OG   8  
ATOM   1506 H H    . SER A 1 10 ? -2.116 -1.631 -2.454 1.00 0.00 ? 10 SER A H    8  
ATOM   1507 H HA   . SER A 1 10 ? -4.578 -0.465 -3.031 1.00 0.00 ? 10 SER A HA   8  
ATOM   1508 H HB2  . SER A 1 10 ? -3.828 -2.953 -3.200 1.00 0.00 ? 10 SER A HB2  8  
ATOM   1509 H HB3  . SER A 1 10 ? -4.123 -3.103 -1.476 1.00 0.00 ? 10 SER A HB3  8  
ATOM   1510 H HG   . SER A 1 10 ? -6.311 -2.457 -1.886 1.00 0.00 ? 10 SER A HG   8  
ATOM   1511 N N    . CYS A 1 11 ? -4.191 -1.027 0.201  1.00 0.00 ? 11 CYS A N    8  
ATOM   1512 C CA   . CYS A 1 11 ? -4.638 -0.595 1.514  1.00 0.00 ? 11 CYS A CA   8  
ATOM   1513 C C    . CYS A 1 11 ? -3.997 0.763  1.816  1.00 0.00 ? 11 CYS A C    8  
ATOM   1514 O O    . CYS A 1 11 ? -2.840 1.077  1.265  1.00 0.00 ? 11 CYS A O    8  
ATOM   1515 C CB   . CYS A 1 11 ? -4.316 -1.631 2.592  1.00 0.00 ? 11 CYS A CB   8  
ATOM   1516 S SG   . CYS A 1 11 ? -5.130 -3.254 2.365  1.00 0.00 ? 11 CYS A SG   8  
ATOM   1517 H H    . CYS A 1 11 ? -3.517 -1.767 0.207  1.00 0.00 ? 11 CYS A H    8  
ATOM   1518 H HA   . CYS A 1 11 ? -5.723 -0.508 1.461  1.00 0.00 ? 11 CYS A HA   8  
ATOM   1519 H HB2  . CYS A 1 11 ? -3.235 -1.783 2.619  1.00 0.00 ? 11 CYS A HB2  8  
ATOM   1520 H HB3  . CYS A 1 11 ? -4.604 -1.227 3.563  1.00 0.00 ? 11 CYS A HB3  8  
ATOM   1521 N N    . CYS A 1 1  ? -0.061 -5.469 5.502  1.00 0.00 ? 1  CYS A N    9  
ATOM   1522 C CA   . CYS A 1 1  ? -0.946 -4.465 4.934  1.00 0.00 ? 1  CYS A CA   9  
ATOM   1523 C C    . CYS A 1 1  ? -0.369 -4.024 3.588  1.00 0.00 ? 1  CYS A C    9  
ATOM   1524 O O    . CYS A 1 1  ? 0.013  -2.866 3.422  1.00 0.00 ? 1  CYS A O    9  
ATOM   1525 C CB   . CYS A 1 1  ? -1.144 -3.284 5.886  1.00 0.00 ? 1  CYS A CB   9  
ATOM   1526 S SG   . CYS A 1 1  ? -2.723 -2.382 5.672  1.00 0.00 ? 1  CYS A SG   9  
ATOM   1527 H H1   . CYS A 1 1  ? 0.084  -5.273 6.503  1.00 0.00 ? 1  CYS A H1   9  
ATOM   1528 H H2   . CYS A 1 1  ? -0.486 -6.401 5.395  1.00 0.00 ? 1  CYS A H2   9  
ATOM   1529 H HA   . CYS A 1 1  ? -1.915 -4.944 4.804  1.00 0.00 ? 1  CYS A HA   9  
ATOM   1530 H HB2  . CYS A 1 1  ? -1.085 -3.648 6.912  1.00 0.00 ? 1  CYS A HB2  9  
ATOM   1531 H HB3  . CYS A 1 1  ? -0.322 -2.581 5.749  1.00 0.00 ? 1  CYS A HB3  9  
ATOM   1532 N N    . LYS A 1 2  ? -0.322 -4.969 2.661  1.00 0.00 ? 2  LYS A N    9  
ATOM   1533 C CA   . LYS A 1 2  ? 0.202  -4.693 1.335  1.00 0.00 ? 2  LYS A CA   9  
ATOM   1534 C C    . LYS A 1 2  ? 1.717  -4.508 1.418  1.00 0.00 ? 2  LYS A C    9  
ATOM   1535 O O    . LYS A 1 2  ? 2.273  -4.400 2.509  1.00 0.00 ? 2  LYS A O    9  
ATOM   1536 C CB   . LYS A 1 2  ? -0.531 -3.505 0.707  1.00 0.00 ? 2  LYS A CB   9  
ATOM   1537 C CG   . LYS A 1 2  ? -1.380 -3.950 -0.485 1.00 0.00 ? 2  LYS A CG   9  
ATOM   1538 C CD   . LYS A 1 2  ? -0.499 -4.463 -1.624 1.00 0.00 ? 2  LYS A CD   9  
ATOM   1539 C CE   . LYS A 1 2  ? 0.327  -3.329 -2.232 1.00 0.00 ? 2  LYS A CE   9  
ATOM   1540 N NZ   . LYS A 1 2  ? 0.945  -3.763 -3.506 1.00 0.00 ? 2  LYS A NZ   9  
ATOM   1541 H H    . LYS A 1 2  ? -0.635 -5.908 2.805  1.00 0.00 ? 2  LYS A H    9  
ATOM   1542 H HA   . LYS A 1 2  ? -0.007 -5.564 0.714  1.00 0.00 ? 2  LYS A HA   9  
ATOM   1543 H HB2  . LYS A 1 2  ? -1.166 -3.028 1.455  1.00 0.00 ? 2  LYS A HB2  9  
ATOM   1544 H HB3  . LYS A 1 2  ? 0.193  -2.757 0.384  1.00 0.00 ? 2  LYS A HB3  9  
ATOM   1545 H HG2  . LYS A 1 2  ? -2.070 -4.732 -0.171 1.00 0.00 ? 2  LYS A HG2  9  
ATOM   1546 H HG3  . LYS A 1 2  ? -1.986 -3.115 -0.837 1.00 0.00 ? 2  LYS A HG3  9  
ATOM   1547 H HD2  . LYS A 1 2  ? 0.165  -5.244 -1.252 1.00 0.00 ? 2  LYS A HD2  9  
ATOM   1548 H HD3  . LYS A 1 2  ? -1.121 -4.917 -2.396 1.00 0.00 ? 2  LYS A HD3  9  
ATOM   1549 H HE2  . LYS A 1 2  ? -0.309 -2.462 -2.407 1.00 0.00 ? 2  LYS A HE2  9  
ATOM   1550 H HE3  . LYS A 1 2  ? 1.104  -3.021 -1.531 1.00 0.00 ? 2  LYS A HE3  9  
ATOM   1551 H HZ1  . LYS A 1 2  ? 1.757  -3.203 -3.744 1.00 0.00 ? 2  LYS A HZ1  9  
ATOM   1552 H HZ2  . LYS A 1 2  ? 1.257  -4.728 -3.467 1.00 0.00 ? 2  LYS A HZ2  9  
ATOM   1553 N N    . PHE A 1 3  ? 2.343  -4.476 0.250  1.00 0.00 ? 3  PHE A N    9  
ATOM   1554 C CA   . PHE A 1 3  ? 3.783  -4.306 0.177  1.00 0.00 ? 3  PHE A CA   9  
ATOM   1555 C C    . PHE A 1 3  ? 4.272  -3.318 1.239  1.00 0.00 ? 3  PHE A C    9  
ATOM   1556 O O    . PHE A 1 3  ? 4.910  -3.716 2.214  1.00 0.00 ? 3  PHE A O    9  
ATOM   1557 C CB   . PHE A 1 3  ? 4.098  -3.742 -1.211 1.00 0.00 ? 3  PHE A CB   9  
ATOM   1558 C CG   . PHE A 1 3  ? 4.997  -4.644 -2.060 1.00 0.00 ? 3  PHE A CG   9  
ATOM   1559 C CD1  . PHE A 1 3  ? 6.336  -4.688 -1.821 1.00 0.00 ? 3  PHE A CD1  9  
ATOM   1560 C CD2  . PHE A 1 3  ? 4.457  -5.401 -3.051 1.00 0.00 ? 3  PHE A CD2  9  
ATOM   1561 C CE1  . PHE A 1 3  ? 7.169  -5.523 -2.610 1.00 0.00 ? 3  PHE A CE1  9  
ATOM   1562 C CE2  . PHE A 1 3  ? 5.290  -6.237 -3.840 1.00 0.00 ? 3  PHE A CE2  9  
ATOM   1563 C CZ   . PHE A 1 3  ? 6.630  -6.281 -3.602 1.00 0.00 ? 3  PHE A CZ   9  
ATOM   1564 H H    . PHE A 1 3  ? 1.882  -4.563 -0.634 1.00 0.00 ? 3  PHE A H    9  
ATOM   1565 H HA   . PHE A 1 3  ? 4.233  -5.283 0.356  1.00 0.00 ? 3  PHE A HA   9  
ATOM   1566 H HB2  . PHE A 1 3  ? 3.161  -3.575 -1.744 1.00 0.00 ? 3  PHE A HB2  9  
ATOM   1567 H HB3  . PHE A 1 3  ? 4.579  -2.771 -1.097 1.00 0.00 ? 3  PHE A HB3  9  
ATOM   1568 H HD1  . PHE A 1 3  ? 6.768  -4.080 -1.026 1.00 0.00 ? 3  PHE A HD1  9  
ATOM   1569 H HD2  . PHE A 1 3  ? 3.384  -5.366 -3.242 1.00 0.00 ? 3  PHE A HD2  9  
ATOM   1570 H HE1  . PHE A 1 3  ? 8.242  -5.557 -2.419 1.00 0.00 ? 3  PHE A HE1  9  
ATOM   1571 H HE2  . PHE A 1 3  ? 4.858  -6.845 -4.635 1.00 0.00 ? 3  PHE A HE2  9  
ATOM   1572 H HZ   . PHE A 1 3  ? 7.269  -6.924 -4.206 1.00 0.00 ? 3  PHE A HZ   9  
ATOM   1573 N N    . ALA A 1 4  ? 3.958  -2.052 1.014  1.00 0.00 ? 4  ALA A N    9  
ATOM   1574 C CA   . ALA A 1 4  ? 4.358  -1.005 1.938  1.00 0.00 ? 4  ALA A CA   9  
ATOM   1575 C C    . ALA A 1 4  ? 4.245  0.353  1.244  1.00 0.00 ? 4  ALA A C    9  
ATOM   1576 O O    . ALA A 1 4  ? 4.873  0.581  0.212  1.00 0.00 ? 4  ALA A O    9  
ATOM   1577 C CB   . ALA A 1 4  ? 5.775  -1.286 2.446  1.00 0.00 ? 4  ALA A CB   9  
ATOM   1578 H H    . ALA A 1 4  ? 3.440  -1.738 0.218  1.00 0.00 ? 4  ALA A H    9  
ATOM   1579 H HA   . ALA A 1 4  ? 3.671  -1.028 2.785  1.00 0.00 ? 4  ALA A HA   9  
ATOM   1580 H HB1  . ALA A 1 4  ? 6.068  -0.509 3.150  1.00 0.00 ? 4  ALA A HB1  9  
ATOM   1581 H HB2  . ALA A 1 4  ? 5.796  -2.256 2.942  1.00 0.00 ? 4  ALA A HB2  9  
ATOM   1582 H HB3  . ALA A 1 4  ? 6.465  -1.293 1.603  1.00 0.00 ? 4  ALA A HB3  9  
HETATM 1583 N N    . DTR A 1 5  ? 3.438  1.221  1.839  1.00 0.00 ? 5  DTR A N    9  
HETATM 1584 C CA   . DTR A 1 5  ? 3.235  2.551  1.292  1.00 0.00 ? 5  DTR A CA   9  
HETATM 1585 C CB   . DTR A 1 5  ? 4.406  3.405  1.785  1.00 0.00 ? 5  DTR A CB   9  
HETATM 1586 C CG   . DTR A 1 5  ? 5.453  2.623  2.581  1.00 0.00 ? 5  DTR A CG   9  
HETATM 1587 C CD1  . DTR A 1 5  ? 6.752  2.455  2.296  1.00 0.00 ? 5  DTR A CD1  9  
HETATM 1588 N NE1  . DTR A 1 5  ? 7.384  1.686  3.251  1.00 0.00 ? 5  DTR A NE1  9  
HETATM 1589 C CE2  . DTR A 1 5  ? 6.432  1.343  4.206  1.00 0.00 ? 5  DTR A CE2  9  
HETATM 1590 C CZ2  . DTR A 1 5  ? 6.575  0.575  5.368  1.00 0.00 ? 5  DTR A CZ2  9  
HETATM 1591 C CH2  . DTR A 1 5  ? 5.423  0.397  6.143  1.00 0.00 ? 5  DTR A CH2  9  
HETATM 1592 C CZ3  . DTR A 1 5  ? 4.225  0.973  5.736  1.00 0.00 ? 5  DTR A CZ3  9  
HETATM 1593 C CE3  . DTR A 1 5  ? 4.065  1.742  4.578  1.00 0.00 ? 5  DTR A CE3  9  
HETATM 1594 C CD2  . DTR A 1 5  ? 5.236  1.907  3.816  1.00 0.00 ? 5  DTR A CD2  9  
HETATM 1595 C C    . DTR A 1 5  ? 1.876  3.062  1.778  1.00 0.00 ? 5  DTR A C    9  
HETATM 1596 O O    . DTR A 1 5  ? 1.456  2.752  2.893  1.00 0.00 ? 5  DTR A O    9  
HETATM 1597 H H    . DTR A 1 5  ? 2.932  1.027  2.679  1.00 0.00 ? 5  DTR A H    9  
HETATM 1598 H HA   . DTR A 1 5  ? 3.231  2.439  0.208  1.00 0.00 ? 5  DTR A HA   9  
HETATM 1599 H HB2  . DTR A 1 5  ? 4.892  3.868  0.924  1.00 0.00 ? 5  DTR A HB2  9  
HETATM 1600 H HB3  . DTR A 1 5  ? 4.019  4.212  2.406  1.00 0.00 ? 5  DTR A HB3  9  
HETATM 1601 H HD1  . DTR A 1 5  ? 7.246  2.871  1.421  1.00 0.00 ? 5  DTR A HD1  9  
HETATM 1602 H HE1  . DTR A 1 5  ? 8.436  1.400  3.259  1.00 0.00 ? 5  DTR A HE1  9  
HETATM 1603 H HZ2  . DTR A 1 5  ? 7.532  0.139  5.655  1.00 0.00 ? 5  DTR A HZ2  9  
HETATM 1604 H HH2  . DTR A 1 5  ? 5.465  -0.190 7.061  1.00 0.00 ? 5  DTR A HH2  9  
HETATM 1605 H HZ3  . DTR A 1 5  ? 3.347  0.814  6.366  1.00 0.00 ? 5  DTR A HZ3  9  
HETATM 1606 H HE3  . DTR A 1 5  ? 3.110  2.180  4.290  1.00 0.00 ? 5  DTR A HE3  9  
HETATM 1607 N N    . IAM A 1 6  ? 1.227  3.829  0.917  1.00 0.00 ? 6  IAM A N    9  
HETATM 1608 C CA   . IAM A 1 6  ? -0.075 4.385  1.246  1.00 0.00 ? 6  IAM A CA   9  
HETATM 1609 C CB   . IAM A 1 6  ? 0.173  5.666  2.042  1.00 0.00 ? 6  IAM A CB   9  
HETATM 1610 C CG   . IAM A 1 6  ? 0.586  6.863  1.185  1.00 0.00 ? 6  IAM A CG   9  
HETATM 1611 C CD1  . IAM A 1 6  ? -0.290 7.882  0.970  1.00 0.00 ? 6  IAM A CD1  9  
HETATM 1612 C CE1  . IAM A 1 6  ? 0.093  8.993  0.172  1.00 0.00 ? 6  IAM A CE1  9  
HETATM 1613 C CZ   . IAM A 1 6  ? 1.336  9.038  -0.378 1.00 0.00 ? 6  IAM A CZ   9  
HETATM 1614 C CE2  . IAM A 1 6  ? 2.213  8.019  -0.164 1.00 0.00 ? 6  IAM A CE2  9  
HETATM 1615 C CD2  . IAM A 1 6  ? 1.829  6.907  0.634  1.00 0.00 ? 6  IAM A CD2  9  
HETATM 1616 C CT   . IAM A 1 6  ? 1.752  10.242 -1.240 1.00 0.00 ? 6  IAM A CT   9  
HETATM 1617 N NH   . IAM A 1 6  ? 3.161  10.588 -0.953 1.00 0.00 ? 6  IAM A NH   9  
HETATM 1618 C CI   . IAM A 1 6  ? 3.477  11.640 0.037  1.00 0.00 ? 6  IAM A CI   9  
HETATM 1619 C CK1  . IAM A 1 6  ? 4.746  11.245 0.817  1.00 0.00 ? 6  IAM A CK1  9  
HETATM 1620 C CK2  . IAM A 1 6  ? 2.300  11.794 1.015  1.00 0.00 ? 6  IAM A CK2  9  
HETATM 1621 C C    . IAM A 1 6  ? -0.859 4.730  -0.023 1.00 0.00 ? 6  IAM A C    9  
HETATM 1622 O O    . IAM A 1 6  ? -2.053 4.448  -0.115 1.00 0.00 ? 6  IAM A O    9  
HETATM 1623 H H    . IAM A 1 6  ? 1.575  4.075  0.012  1.00 0.00 ? 6  IAM A H    9  
HETATM 1624 H HA   . IAM A 1 6  ? -0.618 3.625  1.810  1.00 0.00 ? 6  IAM A HA   9  
HETATM 1625 H HB   . IAM A 1 6  ? 0.949  5.479  2.782  1.00 0.00 ? 6  IAM A HB   9  
HETATM 1626 H HB1  . IAM A 1 6  ? -0.734 5.922  2.591  1.00 0.00 ? 6  IAM A HB1  9  
HETATM 1627 H HD1  . IAM A 1 6  ? -1.286 7.844  1.410  1.00 0.00 ? 6  IAM A HD1  9  
HETATM 1628 H HE1  . IAM A 1 6  ? -0.609 9.811  0.003  1.00 0.00 ? 6  IAM A HE1  9  
HETATM 1629 H HE2  . IAM A 1 6  ? 3.209  8.056  -0.604 1.00 0.00 ? 6  IAM A HE2  9  
HETATM 1630 H HD2  . IAM A 1 6  ? 2.530  6.092  0.805  1.00 0.00 ? 6  IAM A HD2  9  
HETATM 1631 H HT1  . IAM A 1 6  ? 1.124  11.078 -1.012 1.00 0.00 ? 6  IAM A HT1  9  
HETATM 1632 H HT2  . IAM A 1 6  ? 1.652  9.992  -2.277 1.00 0.00 ? 6  IAM A HT2  9  
HETATM 1633 H HH   . IAM A 1 6  ? 3.922  10.095 -1.442 1.00 0.00 ? 6  IAM A HH   9  
HETATM 1634 H HI   . IAM A 1 6  ? 3.645  12.566 -0.469 1.00 0.00 ? 6  IAM A HI   9  
HETATM 1635 H HK11 . IAM A 1 6  ? 4.579  10.317 1.325  1.00 0.00 ? 6  IAM A HK11 9  
HETATM 1636 H HK12 . IAM A 1 6  ? 5.564  11.137 0.137  1.00 0.00 ? 6  IAM A HK12 9  
HETATM 1637 H HK13 . IAM A 1 6  ? 4.975  12.007 1.533  1.00 0.00 ? 6  IAM A HK13 9  
HETATM 1638 H HK21 . IAM A 1 6  ? 1.418  12.068 0.473  1.00 0.00 ? 6  IAM A HK21 9  
HETATM 1639 H HK22 . IAM A 1 6  ? 2.131  10.867 1.523  1.00 0.00 ? 6  IAM A HK22 9  
HETATM 1640 H HK23 . IAM A 1 6  ? 2.528  12.556 1.733  1.00 0.00 ? 6  IAM A HK23 9  
ATOM   1641 N N    . THR A 1 7  ? -0.156 5.335  -0.967 1.00 0.00 ? 7  THR A N    9  
ATOM   1642 C CA   . THR A 1 7  ? -0.771 5.724  -2.226 1.00 0.00 ? 7  THR A CA   9  
ATOM   1643 C C    . THR A 1 7  ? -0.897 4.513  -3.153 1.00 0.00 ? 7  THR A C    9  
ATOM   1644 O O    . THR A 1 7  ? -1.798 3.692  -2.990 1.00 0.00 ? 7  THR A O    9  
ATOM   1645 C CB   . THR A 1 7  ? 0.057  6.863  -2.825 1.00 0.00 ? 7  THR A CB   9  
ATOM   1646 O OG1  . THR A 1 7  ? -0.366 8.017  -2.101 1.00 0.00 ? 7  THR A OG1  9  
ATOM   1647 C CG2  . THR A 1 7  ? -0.330 7.170  -4.273 1.00 0.00 ? 7  THR A CG2  9  
ATOM   1648 H H    . THR A 1 7  ? 0.815  5.562  -0.884 1.00 0.00 ? 7  THR A H    9  
ATOM   1649 H HA   . THR A 1 7  ? -1.782 6.076  -2.022 1.00 0.00 ? 7  THR A HA   9  
ATOM   1650 H HB   . THR A 1 7  ? 1.123  6.656  -2.743 1.00 0.00 ? 7  THR A HB   9  
ATOM   1651 H HG1  . THR A 1 7  ? -1.357 8.122  -2.178 1.00 0.00 ? 7  THR A HG1  9  
ATOM   1652 H HG21 . THR A 1 7  ? -0.136 8.221  -4.486 1.00 0.00 ? 7  THR A HG21 9  
ATOM   1653 H HG22 . THR A 1 7  ? 0.259  6.548  -4.947 1.00 0.00 ? 7  THR A HG22 9  
ATOM   1654 H HG23 . THR A 1 7  ? -1.391 6.959  -4.419 1.00 0.00 ? 7  THR A HG23 9  
HETATM 1655 N N    . IYR A 1 8  ? 0.020  4.440  -4.107 1.00 0.00 ? 8  IYR A N    9  
HETATM 1656 C CA   . IYR A 1 8  ? 0.022  3.345  -5.061 1.00 0.00 ? 8  IYR A CA   9  
HETATM 1657 C CB   . IYR A 1 8  ? 1.505  3.136  -5.491 1.00 0.00 ? 8  IYR A CB   9  
HETATM 1658 C CC   . IYR A 1 8  ? 2.579  3.701  -4.553 1.00 0.00 ? 8  IYR A CC   9  
HETATM 1659 C CD   . IYR A 1 8  ? 3.194  4.919  -4.857 1.00 0.00 ? 8  IYR A CD   9  
HETATM 1660 C CE   . IYR A 1 8  ? 4.170  5.441  -4.014 1.00 0.00 ? 8  IYR A CE   9  
HETATM 1661 I IE   . IYR A 1 8  ? 5.102  7.292  -4.506 1.00 0.00 ? 8  IYR A IE   9  
HETATM 1662 C CF   . IYR A 1 8  ? 4.533  4.749  -2.861 1.00 0.00 ? 8  IYR A CF   9  
HETATM 1663 O OF   . IYR A 1 8  ? 5.493  5.258  -2.032 1.00 0.00 ? 8  IYR A OF   9  
HETATM 1664 C CG   . IYR A 1 8  ? 3.922  3.537  -2.551 1.00 0.00 ? 8  IYR A CG   9  
HETATM 1665 C CH   . IYR A 1 8  ? 2.946  3.013  -3.393 1.00 0.00 ? 8  IYR A CH   9  
HETATM 1666 C C    . IYR A 1 8  ? -0.466 2.049  -4.409 1.00 0.00 ? 8  IYR A C    9  
HETATM 1667 O O    . IYR A 1 8  ? -1.190 1.272  -5.029 1.00 0.00 ? 8  IYR A O    9  
HETATM 1668 H H    . IYR A 1 8  ? 0.750  5.113  -4.234 1.00 0.00 ? 8  IYR A H    9  
HETATM 1669 H HA   . IYR A 1 8  ? -0.607 3.536  -5.949 1.00 0.00 ? 8  IYR A HA   9  
HETATM 1670 H HB2  . IYR A 1 8  ? 1.689  2.055  -5.658 1.00 0.00 ? 8  IYR A HB2  9  
HETATM 1671 H HB3  . IYR A 1 8  ? 1.669  3.583  -6.490 1.00 0.00 ? 8  IYR A HB3  9  
HETATM 1672 H HD   . IYR A 1 8  ? 2.924  5.457  -5.758 1.00 0.00 ? 8  IYR A HD   9  
HETATM 1673 H HF   . IYR A 1 8  ? 5.801  6.090  -2.400 1.00 0.00 ? 8  IYR A HF   9  
HETATM 1674 H HG   . IYR A 1 8  ? 4.212  3.004  -1.657 1.00 0.00 ? 8  IYR A HG   9  
HETATM 1675 H HH   . IYR A 1 8  ? 2.480  2.069  -3.147 1.00 0.00 ? 8  IYR A HH   9  
ATOM   1676 N N    . THR A 1 9  ? -0.051 1.858  -3.166 1.00 0.00 ? 9  THR A N    9  
ATOM   1677 C CA   . THR A 1 9  ? -0.439 0.669  -2.422 1.00 0.00 ? 9  THR A CA   9  
ATOM   1678 C C    . THR A 1 9  ? -1.950 0.455  -2.510 1.00 0.00 ? 9  THR A C    9  
ATOM   1679 O O    . THR A 1 9  ? -2.657 1.242  -3.138 1.00 0.00 ? 9  THR A O    9  
ATOM   1680 C CB   . THR A 1 9  ? 0.071  0.823  -0.987 1.00 0.00 ? 9  THR A CB   9  
ATOM   1681 O OG1  . THR A 1 9  ? -0.639 1.952  -0.486 1.00 0.00 ? 9  THR A OG1  9  
ATOM   1682 C CG2  . THR A 1 9  ? 1.540  1.249  -0.931 1.00 0.00 ? 9  THR A CG2  9  
ATOM   1683 H H    . THR A 1 9  ? 0.538  2.494  -2.668 1.00 0.00 ? 9  THR A H    9  
ATOM   1684 H HA   . THR A 1 9  ? 0.035  -0.197 -2.887 1.00 0.00 ? 9  THR A HA   9  
ATOM   1685 H HB   . THR A 1 9  ? -0.091 -0.093 -0.418 1.00 0.00 ? 9  THR A HB   9  
ATOM   1686 H HG1  . THR A 1 9  ? -0.486 2.742  -1.079 1.00 0.00 ? 9  THR A HG1  9  
ATOM   1687 H HG21 . THR A 1 9  ? 1.717  1.817  -0.018 1.00 0.00 ? 9  THR A HG21 9  
ATOM   1688 H HG22 . THR A 1 9  ? 2.174  0.364  -0.934 1.00 0.00 ? 9  THR A HG22 9  
ATOM   1689 H HG23 . THR A 1 9  ? 1.771  1.870  -1.796 1.00 0.00 ? 9  THR A HG23 9  
ATOM   1690 N N    . SER A 1 10 ? -2.402 -0.615 -1.873 1.00 0.00 ? 10 SER A N    9  
ATOM   1691 C CA   . SER A 1 10 ? -3.816 -0.942 -1.870 1.00 0.00 ? 10 SER A CA   9  
ATOM   1692 C C    . SER A 1 10 ? -4.446 -0.543 -0.534 1.00 0.00 ? 10 SER A C    9  
ATOM   1693 O O    . SER A 1 10 ? -5.373 0.265  -0.497 1.00 0.00 ? 10 SER A O    9  
ATOM   1694 C CB   . SER A 1 10 ? -4.024 -2.448 -2.170 1.00 0.00 ? 10 SER A CB   9  
ATOM   1695 O OG   . SER A 1 10 ? -5.296 -2.731 -2.761 1.00 0.00 ? 10 SER A OG   9  
ATOM   1696 H H    . SER A 1 10 ? -1.821 -1.250 -1.364 1.00 0.00 ? 10 SER A H    9  
ATOM   1697 H HA   . SER A 1 10 ? -4.331 -0.357 -2.655 1.00 0.00 ? 10 SER A HA   9  
ATOM   1698 H HB2  . SER A 1 10 ? -3.233 -2.804 -2.859 1.00 0.00 ? 10 SER A HB2  9  
ATOM   1699 H HB3  . SER A 1 10 ? -3.899 -3.059 -1.254 1.00 0.00 ? 10 SER A HB3  9  
ATOM   1700 H HG   . SER A 1 10 ? -5.971 -2.485 -2.122 1.00 0.00 ? 10 SER A HG   9  
ATOM   1701 N N    . CYS A 1 11 ? -3.916 -1.126 0.531  1.00 0.00 ? 11 CYS A N    9  
ATOM   1702 C CA   . CYS A 1 11 ? -4.413 -0.840 1.865  1.00 0.00 ? 11 CYS A CA   9  
ATOM   1703 C C    . CYS A 1 11 ? -3.935 0.557  2.267  1.00 0.00 ? 11 CYS A C    9  
ATOM   1704 O O    . CYS A 1 11 ? -2.681 0.906  2.054  1.00 0.00 ? 11 CYS A O    9  
ATOM   1705 C CB   . CYS A 1 11 ? -3.973 -1.905 2.873  1.00 0.00 ? 11 CYS A CB   9  
ATOM   1706 S SG   . CYS A 1 11 ? -2.420 -1.527 3.764  1.00 0.00 ? 11 CYS A SG   9  
ATOM   1707 H H    . CYS A 1 11 ? -3.161 -1.781 0.492  1.00 0.00 ? 11 CYS A H    9  
ATOM   1708 H HA   . CYS A 1 11 ? -5.499 -0.875 1.807  1.00 0.00 ? 11 CYS A HA   9  
ATOM   1709 H HB2  . CYS A 1 11 ? -4.770 -2.043 3.603  1.00 0.00 ? 11 CYS A HB2  9  
ATOM   1710 H HB3  . CYS A 1 11 ? -3.854 -2.853 2.349  1.00 0.00 ? 11 CYS A HB3  9  
ATOM   1711 N N    . CYS A 1 1  ? -0.427 -6.052 4.317  1.00 0.00 ? 1  CYS A N    10 
ATOM   1712 C CA   . CYS A 1 1  ? -1.362 -5.132 3.688  1.00 0.00 ? 1  CYS A CA   10 
ATOM   1713 C C    . CYS A 1 1  ? -0.658 -4.465 2.506  1.00 0.00 ? 1  CYS A C    10 
ATOM   1714 O O    . CYS A 1 1  ? -0.446 -3.253 2.510  1.00 0.00 ? 1  CYS A O    10 
ATOM   1715 C CB   . CYS A 1 1  ? -1.901 -4.106 4.687  1.00 0.00 ? 1  CYS A CB   10 
ATOM   1716 S SG   . CYS A 1 1  ? -3.573 -3.468 4.304  1.00 0.00 ? 1  CYS A SG   10 
ATOM   1717 H H1   . CYS A 1 1  ? 0.250  -6.387 3.615  1.00 0.00 ? 1  CYS A H1   10 
ATOM   1718 H H2   . CYS A 1 1  ? 0.077  -5.568 5.073  1.00 0.00 ? 1  CYS A H2   10 
ATOM   1719 H HA   . CYS A 1 1  ? -2.205 -5.731 3.350  1.00 0.00 ? 1  CYS A HA   10 
ATOM   1720 H HB2  . CYS A 1 1  ? -1.916 -4.558 5.679  1.00 0.00 ? 1  CYS A HB2  10 
ATOM   1721 H HB3  . CYS A 1 1  ? -1.208 -3.265 4.733  1.00 0.00 ? 1  CYS A HB3  10 
ATOM   1722 N N    . LYS A 1 2  ? -0.316 -5.285 1.523  1.00 0.00 ? 2  LYS A N    10 
ATOM   1723 C CA   . LYS A 1 2  ? 0.360  -4.788 0.335  1.00 0.00 ? 2  LYS A CA   10 
ATOM   1724 C C    . LYS A 1 2  ? 1.822  -4.492 0.672  1.00 0.00 ? 2  LYS A C    10 
ATOM   1725 O O    . LYS A 1 2  ? 2.217  -4.540 1.835  1.00 0.00 ? 2  LYS A O    10 
ATOM   1726 C CB   . LYS A 1 2  ? -0.392 -3.589 -0.247 1.00 0.00 ? 2  LYS A CB   10 
ATOM   1727 C CG   . LYS A 1 2  ? -1.001 -3.931 -1.607 1.00 0.00 ? 2  LYS A CG   10 
ATOM   1728 C CD   . LYS A 1 2  ? 0.090  -4.243 -2.634 1.00 0.00 ? 2  LYS A CD   10 
ATOM   1729 C CE   . LYS A 1 2  ? 0.869  -2.980 -3.007 1.00 0.00 ? 2  LYS A CE   10 
ATOM   1730 N NZ   . LYS A 1 2  ? 0.307  -2.369 -4.232 1.00 0.00 ? 2  LYS A NZ   10 
ATOM   1731 H H    . LYS A 1 2  ? -0.491 -6.270 1.528  1.00 0.00 ? 2  LYS A H    10 
ATOM   1732 H HA   . LYS A 1 2  ? 0.330  -5.580 -0.412 1.00 0.00 ? 2  LYS A HA   10 
ATOM   1733 H HB2  . LYS A 1 2  ? -1.179 -3.280 0.441  1.00 0.00 ? 2  LYS A HB2  10 
ATOM   1734 H HB3  . LYS A 1 2  ? 0.288  -2.744 -0.350 1.00 0.00 ? 2  LYS A HB3  10 
ATOM   1735 H HG2  . LYS A 1 2  ? -1.667 -4.787 -1.507 1.00 0.00 ? 2  LYS A HG2  10 
ATOM   1736 H HG3  . LYS A 1 2  ? -1.607 -3.095 -1.958 1.00 0.00 ? 2  LYS A HG3  10 
ATOM   1737 H HD2  . LYS A 1 2  ? 0.772  -4.989 -2.228 1.00 0.00 ? 2  LYS A HD2  10 
ATOM   1738 H HD3  . LYS A 1 2  ? -0.359 -4.675 -3.528 1.00 0.00 ? 2  LYS A HD3  10 
ATOM   1739 H HE2  . LYS A 1 2  ? 0.828  -2.265 -2.186 1.00 0.00 ? 2  LYS A HE2  10 
ATOM   1740 H HE3  . LYS A 1 2  ? 1.918  -3.226 -3.165 1.00 0.00 ? 2  LYS A HE3  10 
ATOM   1741 H HZ1  . LYS A 1 2  ? 0.980  -1.773 -4.702 1.00 0.00 ? 2  LYS A HZ1  10 
ATOM   1742 H HZ2  . LYS A 1 2  ? 0.012  -3.067 -4.906 1.00 0.00 ? 2  LYS A HZ2  10 
ATOM   1743 N N    . PHE A 1 3  ? 2.588  -4.195 -0.368 1.00 0.00 ? 3  PHE A N    10 
ATOM   1744 C CA   . PHE A 1 3  ? 3.998  -3.892 -0.197 1.00 0.00 ? 3  PHE A CA   10 
ATOM   1745 C C    . PHE A 1 3  ? 4.223  -3.014 1.036  1.00 0.00 ? 3  PHE A C    10 
ATOM   1746 O O    . PHE A 1 3  ? 4.728  -3.487 2.053  1.00 0.00 ? 3  PHE A O    10 
ATOM   1747 C CB   . PHE A 1 3  ? 4.445  -3.125 -1.443 1.00 0.00 ? 3  PHE A CB   10 
ATOM   1748 C CG   . PHE A 1 3  ? 5.544  -3.825 -2.245 1.00 0.00 ? 3  PHE A CG   10 
ATOM   1749 C CD1  . PHE A 1 3  ? 6.845  -3.689 -1.874 1.00 0.00 ? 3  PHE A CD1  10 
ATOM   1750 C CD2  . PHE A 1 3  ? 5.220  -4.582 -3.327 1.00 0.00 ? 3  PHE A CD2  10 
ATOM   1751 C CE1  . PHE A 1 3  ? 7.868  -4.339 -2.616 1.00 0.00 ? 3  PHE A CE1  10 
ATOM   1752 C CE2  . PHE A 1 3  ? 6.240  -5.232 -4.070 1.00 0.00 ? 3  PHE A CE2  10 
ATOM   1753 C CZ   . PHE A 1 3  ? 7.543  -5.095 -3.699 1.00 0.00 ? 3  PHE A CZ   10 
ATOM   1754 H H    . PHE A 1 3  ? 2.258  -4.159 -1.312 1.00 0.00 ? 3  PHE A H    10 
ATOM   1755 H HA   . PHE A 1 3  ? 4.519  -4.840 -0.067 1.00 0.00 ? 3  PHE A HA   10 
ATOM   1756 H HB2  . PHE A 1 3  ? 3.579  -2.970 -2.091 1.00 0.00 ? 3  PHE A HB2  10 
ATOM   1757 H HB3  . PHE A 1 3  ? 4.798  -2.139 -1.144 1.00 0.00 ? 3  PHE A HB3  10 
ATOM   1758 H HD1  . PHE A 1 3  ? 7.104  -3.081 -1.007 1.00 0.00 ? 3  PHE A HD1  10 
ATOM   1759 H HD2  . PHE A 1 3  ? 4.177  -4.691 -3.624 1.00 0.00 ? 3  PHE A HD2  10 
ATOM   1760 H HE1  . PHE A 1 3  ? 8.910  -4.229 -2.320 1.00 0.00 ? 3  PHE A HE1  10 
ATOM   1761 H HE2  . PHE A 1 3  ? 5.981  -5.840 -4.936 1.00 0.00 ? 3  PHE A HE2  10 
ATOM   1762 H HZ   . PHE A 1 3  ? 8.327  -5.593 -4.270 1.00 0.00 ? 3  PHE A HZ   10 
ATOM   1763 N N    . ALA A 1 4  ? 3.840  -1.754 0.904  1.00 0.00 ? 4  ALA A N    10 
ATOM   1764 C CA   . ALA A 1 4  ? 3.996  -0.805 1.993  1.00 0.00 ? 4  ALA A CA   10 
ATOM   1765 C C    . ALA A 1 4  ? 3.885  0.619  1.446  1.00 0.00 ? 4  ALA A C    10 
ATOM   1766 O O    . ALA A 1 4  ? 4.269  0.881  0.307  1.00 0.00 ? 4  ALA A O    10 
ATOM   1767 C CB   . ALA A 1 4  ? 5.330  -1.055 2.700  1.00 0.00 ? 4  ALA A CB   10 
ATOM   1768 H H    . ALA A 1 4  ? 3.432  -1.377 0.072  1.00 0.00 ? 4  ALA A H    10 
ATOM   1769 H HA   . ALA A 1 4  ? 3.188  -0.977 2.703  1.00 0.00 ? 4  ALA A HA   10 
ATOM   1770 H HB1  . ALA A 1 4  ? 5.440  -0.353 3.527  1.00 0.00 ? 4  ALA A HB1  10 
ATOM   1771 H HB2  . ALA A 1 4  ? 5.354  -2.075 3.083  1.00 0.00 ? 4  ALA A HB2  10 
ATOM   1772 H HB3  . ALA A 1 4  ? 6.148  -0.913 1.993  1.00 0.00 ? 4  ALA A HB3  10 
HETATM 1773 N N    . DTR A 1 5  ? 3.358  1.501  2.282  1.00 0.00 ? 5  DTR A N    10 
HETATM 1774 C CA   . DTR A 1 5  ? 3.191  2.892  1.895  1.00 0.00 ? 5  DTR A CA   10 
HETATM 1775 C CB   . DTR A 1 5  ? 4.183  3.697  2.741  1.00 0.00 ? 5  DTR A CB   10 
HETATM 1776 C CG   . DTR A 1 5  ? 4.969  2.855  3.746  1.00 0.00 ? 5  DTR A CG   10 
HETATM 1777 C CD1  . DTR A 1 5  ? 4.732  2.694  5.055  1.00 0.00 ? 5  DTR A CD1  10 
HETATM 1778 N NE1  . DTR A 1 5  ? 5.658  1.857  5.641  1.00 0.00 ? 5  DTR A NE1  10 
HETATM 1779 C CE2  . DTR A 1 5  ? 6.542  1.456  4.646  1.00 0.00 ? 5  DTR A CE2  10 
HETATM 1780 C CZ2  . DTR A 1 5  ? 7.653  0.609  4.733  1.00 0.00 ? 5  DTR A CZ2  10 
HETATM 1781 C CH2  . DTR A 1 5  ? 8.361  0.387  3.546  1.00 0.00 ? 5  DTR A CH2  10 
HETATM 1782 C CZ3  . DTR A 1 5  ? 7.943  0.998  2.370  1.00 0.00 ? 5  DTR A CZ3  10 
HETATM 1783 C CE3  . DTR A 1 5  ? 6.835  1.847  2.266  1.00 0.00 ? 5  DTR A CE3  10 
HETATM 1784 C CD2  . DTR A 1 5  ? 6.141  2.054  3.470  1.00 0.00 ? 5  DTR A CD2  10 
HETATM 1785 C C    . DTR A 1 5  ? 1.733  3.282  2.148  1.00 0.00 ? 5  DTR A C    10 
HETATM 1786 O O    . DTR A 1 5  ? 1.259  3.219  3.284  1.00 0.00 ? 5  DTR A O    10 
HETATM 1787 H H    . DTR A 1 5  ? 3.049  1.278  3.207  1.00 0.00 ? 5  DTR A H    10 
HETATM 1788 H HA   . DTR A 1 5  ? 3.417  2.944  0.831  1.00 0.00 ? 5  DTR A HA   10 
HETATM 1789 H HB2  . DTR A 1 5  ? 4.883  4.201  2.077  1.00 0.00 ? 5  DTR A HB2  10 
HETATM 1790 H HB3  . DTR A 1 5  ? 3.638  4.473  3.280  1.00 0.00 ? 5  DTR A HB3  10 
HETATM 1791 H HD1  . DTR A 1 5  ? 3.908  3.168  5.590  1.00 0.00 ? 5  DTR A HD1  10 
HETATM 1792 H HE1  . DTR A 1 5  ? 5.692  1.564  6.689  1.00 0.00 ? 5  DTR A HE1  10 
HETATM 1793 H HZ2  . DTR A 1 5  ? 7.952  0.147  5.674  1.00 0.00 ? 5  DTR A HZ2  10 
HETATM 1794 H HH2  . DTR A 1 5  ? 9.236  -0.263 3.542  1.00 0.00 ? 5  DTR A HH2  10 
HETATM 1795 H HZ3  . DTR A 1 5  ? 8.519  0.804  1.464  1.00 0.00 ? 5  DTR A HZ3  10 
HETATM 1796 H HE3  . DTR A 1 5  ? 6.534  2.311  1.326  1.00 0.00 ? 5  DTR A HE3  10 
HETATM 1797 N N    . IAM A 1 6  ? 1.063  3.673  1.075  1.00 0.00 ? 6  IAM A N    10 
HETATM 1798 C CA   . IAM A 1 6  ? -0.331 4.071  1.167  1.00 0.00 ? 6  IAM A CA   10 
HETATM 1799 C CB   . IAM A 1 6  ? -0.375 5.350  2.006  1.00 0.00 ? 6  IAM A CB   10 
HETATM 1800 C CG   . IAM A 1 6  ? 0.268  6.561  1.329  1.00 0.00 ? 6  IAM A CG   10 
HETATM 1801 C CD1  . IAM A 1 6  ? 1.585  6.531  0.988  1.00 0.00 ? 6  IAM A CD1  10 
HETATM 1802 C CE1  . IAM A 1 6  ? 2.182  7.654  0.358  1.00 0.00 ? 6  IAM A CE1  10 
HETATM 1803 C CZ   . IAM A 1 6  ? 1.438  8.762  0.097  1.00 0.00 ? 6  IAM A CZ   10 
HETATM 1804 C CE2  . IAM A 1 6  ? 0.122  8.794  0.437  1.00 0.00 ? 6  IAM A CE2  10 
HETATM 1805 C CD2  . IAM A 1 6  ? -0.476 7.668  1.067  1.00 0.00 ? 6  IAM A CD2  10 
HETATM 1806 C CT   . IAM A 1 6  ? 2.084  9.981  -0.586 1.00 0.00 ? 6  IAM A CT   10 
HETATM 1807 N NH   . IAM A 1 6  ? 3.207  9.528  -1.434 1.00 0.00 ? 6  IAM A NH   10 
HETATM 1808 C CI   . IAM A 1 6  ? 4.574  10.036 -1.185 1.00 0.00 ? 6  IAM A CI   10 
HETATM 1809 C CK1  . IAM A 1 6  ? 5.072  9.527  0.179  1.00 0.00 ? 6  IAM A CK1  10 
HETATM 1810 C CK2  . IAM A 1 6  ? 4.558  11.574 -1.186 1.00 0.00 ? 6  IAM A CK2  10 
HETATM 1811 C C    . IAM A 1 6  ? -0.909 4.365  -0.218 1.00 0.00 ? 6  IAM A C    10 
HETATM 1812 O O    . IAM A 1 6  ? -2.046 3.997  -0.512 1.00 0.00 ? 6  IAM A O    10 
HETATM 1813 H H    . IAM A 1 6  ? 1.457  3.719  0.157  1.00 0.00 ? 6  IAM A H    10 
HETATM 1814 H HA   . IAM A 1 6  ? -0.876 3.242  1.617  1.00 0.00 ? 6  IAM A HA   10 
HETATM 1815 H HB   . IAM A 1 6  ? 0.128  5.169  2.956  1.00 0.00 ? 6  IAM A HB   10 
HETATM 1816 H HB1  . IAM A 1 6  ? -1.414 5.585  2.236  1.00 0.00 ? 6  IAM A HB1  10 
HETATM 1817 H HD1  . IAM A 1 6  ? 2.181  5.644  1.198  1.00 0.00 ? 6  IAM A HD1  10 
HETATM 1818 H HE1  . IAM A 1 6  ? 3.237  7.630  0.084  1.00 0.00 ? 6  IAM A HE1  10 
HETATM 1819 H HE2  . IAM A 1 6  ? -0.476 9.682  0.227  1.00 0.00 ? 6  IAM A HE2  10 
HETATM 1820 H HD2  . IAM A 1 6  ? -1.531 7.695  1.341  1.00 0.00 ? 6  IAM A HD2  10 
HETATM 1821 H HT1  . IAM A 1 6  ? 2.449  10.658 0.160  1.00 0.00 ? 6  IAM A HT1  10 
HETATM 1822 H HT2  . IAM A 1 6  ? 1.356  10.478 -1.195 1.00 0.00 ? 6  IAM A HT2  10 
HETATM 1823 H HH   . IAM A 1 6  ? 3.038  8.857  -2.198 1.00 0.00 ? 6  IAM A HH   10 
HETATM 1824 H HI   . IAM A 1 6  ? 5.231  9.686  -1.955 1.00 0.00 ? 6  IAM A HI   10 
HETATM 1825 H HK11 . IAM A 1 6  ? 4.416  9.878  0.951  1.00 0.00 ? 6  IAM A HK11 10 
HETATM 1826 H HK12 . IAM A 1 6  ? 5.085  8.458  0.181  1.00 0.00 ? 6  IAM A HK12 10 
HETATM 1827 H HK13 . IAM A 1 6  ? 6.060  9.895  0.360  1.00 0.00 ? 6  IAM A HK13 10 
HETATM 1828 H HK21 . IAM A 1 6  ? 4.213  11.927 -2.136 1.00 0.00 ? 6  IAM A HK21 10 
HETATM 1829 H HK22 . IAM A 1 6  ? 3.903  11.927 -0.418 1.00 0.00 ? 6  IAM A HK22 10 
HETATM 1830 H HK23 . IAM A 1 6  ? 5.547  11.944 -1.008 1.00 0.00 ? 6  IAM A HK23 10 
ATOM   1831 N N    . THR A 1 7  ? -0.101 5.025  -1.035 1.00 0.00 ? 7  THR A N    10 
ATOM   1832 C CA   . THR A 1 7  ? -0.518 5.371  -2.383 1.00 0.00 ? 7  THR A CA   10 
ATOM   1833 C C    . THR A 1 7  ? -0.641 4.113  -3.243 1.00 0.00 ? 7  THR A C    10 
ATOM   1834 O O    . THR A 1 7  ? -1.635 3.392  -3.159 1.00 0.00 ? 7  THR A O    10 
ATOM   1835 C CB   . THR A 1 7  ? 0.478  6.392  -2.939 1.00 0.00 ? 7  THR A CB   10 
ATOM   1836 O OG1  . THR A 1 7  ? 0.059  7.630  -2.372 1.00 0.00 ? 7  THR A OG1  10 
ATOM   1837 C CG2  . THR A 1 7  ? 0.321  6.601  -4.448 1.00 0.00 ? 7  THR A CG2  10 
ATOM   1838 H H    . THR A 1 7  ? 0.823  5.321  -0.789 1.00 0.00 ? 7  THR A H    10 
ATOM   1839 H HA   . THR A 1 7  ? -1.510 5.822  -2.331 1.00 0.00 ? 7  THR A HA   10 
ATOM   1840 H HB   . THR A 1 7  ? 1.501  6.114  -2.689 1.00 0.00 ? 7  THR A HB   10 
ATOM   1841 H HG1  . THR A 1 7  ? -0.900 7.804  -2.598 1.00 0.00 ? 7  THR A HG1  10 
ATOM   1842 H HG21 . THR A 1 7  ? 0.632  7.613  -4.708 1.00 0.00 ? 7  THR A HG21 10 
ATOM   1843 H HG22 . THR A 1 7  ? 0.943  5.883  -4.980 1.00 0.00 ? 7  THR A HG22 10 
ATOM   1844 H HG23 . THR A 1 7  ? -0.723 6.458  -4.727 1.00 0.00 ? 7  THR A HG23 10 
HETATM 1845 N N    . IYR A 1 8  ? 0.383  3.887  -4.053 1.00 0.00 ? 8  IYR A N    10 
HETATM 1846 C CA   . IYR A 1 8  ? 0.403  2.727  -4.929 1.00 0.00 ? 8  IYR A CA   10 
HETATM 1847 C CB   . IYR A 1 8  ? 1.899  2.344  -5.125 1.00 0.00 ? 8  IYR A CB   10 
HETATM 1848 C CC   . IYR A 1 8  ? 2.903  2.972  -4.152 1.00 0.00 ? 8  IYR A CC   10 
HETATM 1849 C CD   . IYR A 1 8  ? 3.568  4.150  -4.504 1.00 0.00 ? 8  IYR A CD   10 
HETATM 1850 C CE   . IYR A 1 8  ? 4.482  4.728  -3.626 1.00 0.00 ? 8  IYR A CE   10 
HETATM 1851 I IE   . IYR A 1 8  ? 5.494  6.514  -4.195 1.00 0.00 ? 8  IYR A IE   10 
HETATM 1852 C CF   . IYR A 1 8  ? 4.732  4.134  -2.394 1.00 0.00 ? 8  IYR A CF   10 
HETATM 1853 O OF   . IYR A 1 8  ? 5.630  4.698  -1.532 1.00 0.00 ? 8  IYR A OF   10 
HETATM 1854 C CG   . IYR A 1 8  ? 4.070  2.964  -2.033 1.00 0.00 ? 8  IYR A CG   10 
HETATM 1855 C CH   . IYR A 1 8  ? 3.155  2.383  -2.909 1.00 0.00 ? 8  IYR A CH   10 
HETATM 1856 C C    . IYR A 1 8  ? -0.308 1.536  -4.279 1.00 0.00 ? 8  IYR A C    10 
HETATM 1857 O O    . IYR A 1 8  ? -1.112 0.863  -4.921 1.00 0.00 ? 8  IYR A O    10 
HETATM 1858 H H    . IYR A 1 8  ? 1.187  4.476  -4.116 1.00 0.00 ? 8  IYR A H    10 
HETATM 1859 H HA   . IYR A 1 8  ? -0.074 2.911  -5.910 1.00 0.00 ? 8  IYR A HA   10 
HETATM 1860 H HB2  . IYR A 1 8  ? 2.002  1.240  -5.102 1.00 0.00 ? 8  IYR A HB2  10 
HETATM 1861 H HB3  . IYR A 1 8  ? 2.221  2.612  -6.151 1.00 0.00 ? 8  IYR A HB3  10 
HETATM 1862 H HD   . IYR A 1 8  ? 3.389  4.610  -5.467 1.00 0.00 ? 8  IYR A HD   10 
HETATM 1863 H HF   . IYR A 1 8  ? 5.987  5.489  -1.941 1.00 0.00 ? 8  IYR A HF   10 
HETATM 1864 H HG   . IYR A 1 8  ? 4.271  2.505  -1.076 1.00 0.00 ? 8  IYR A HG   10 
HETATM 1865 H HH   . IYR A 1 8  ? 2.649  1.472  -2.624 1.00 0.00 ? 8  IYR A HH   10 
ATOM   1866 N N    . THR A 1 9  ? 0.017  1.314  -3.014 1.00 0.00 ? 9  THR A N    10 
ATOM   1867 C CA   . THR A 1 9  ? -0.577 0.216  -2.270 1.00 0.00 ? 9  THR A CA   10 
ATOM   1868 C C    . THR A 1 9  ? -2.105 0.303  -2.324 1.00 0.00 ? 9  THR A C    10 
ATOM   1869 O O    . THR A 1 9  ? -2.658 1.163  -3.006 1.00 0.00 ? 9  THR A O    10 
ATOM   1870 C CB   . THR A 1 9  ? -0.017 0.251  -0.846 1.00 0.00 ? 9  THR A CB   10 
ATOM   1871 O OG1  . THR A 1 9  ? -0.486 1.490  -0.318 1.00 0.00 ? 9  THR A OG1  10 
ATOM   1872 C CG2  . THR A 1 9  ? 1.507  0.384  -0.819 1.00 0.00 ? 9  THR A CG2  10 
ATOM   1873 H H    . THR A 1 9  ? 0.673  1.865  -2.498 1.00 0.00 ? 9  THR A H    10 
ATOM   1874 H HA   . THR A 1 9  ? -0.292 -0.720 -2.750 1.00 0.00 ? 9  THR A HA   10 
ATOM   1875 H HB   . THR A 1 9  ? -0.342 -0.623 -0.280 1.00 0.00 ? 9  THR A HB   10 
ATOM   1876 H HG1  . THR A 1 9  ? -0.195 2.243  -0.908 1.00 0.00 ? 9  THR A HG1  10 
ATOM   1877 H HG21 . THR A 1 9  ? 1.810  0.898  0.093  1.00 0.00 ? 9  THR A HG21 10 
ATOM   1878 H HG22 . THR A 1 9  ? 1.959  -0.606 -0.846 1.00 0.00 ? 9  THR A HG22 10 
ATOM   1879 H HG23 . THR A 1 9  ? 1.836  0.959  -1.685 1.00 0.00 ? 9  THR A HG23 10 
ATOM   1880 N N    . SER A 1 10 ? -2.742 -0.600 -1.596 1.00 0.00 ? 10 SER A N    10 
ATOM   1881 C CA   . SER A 1 10 ? -4.195 -0.639 -1.552 1.00 0.00 ? 10 SER A CA   10 
ATOM   1882 C C    . SER A 1 10 ? -4.686 -0.228 -0.163 1.00 0.00 ? 10 SER A C    10 
ATOM   1883 O O    . SER A 1 10 ? -5.741 0.391  -0.031 1.00 0.00 ? 10 SER A O    10 
ATOM   1884 C CB   . SER A 1 10 ? -4.711 -2.045 -1.947 1.00 0.00 ? 10 SER A CB   10 
ATOM   1885 O OG   . SER A 1 10 ? -6.062 -2.028 -2.419 1.00 0.00 ? 10 SER A OG   10 
ATOM   1886 H H    . SER A 1 10 ? -2.285 -1.298 -1.044 1.00 0.00 ? 10 SER A H    10 
ATOM   1887 H HA   . SER A 1 10 ? -4.604 0.098  -2.267 1.00 0.00 ? 10 SER A HA   10 
ATOM   1888 H HB2  . SER A 1 10 ? -4.068 -2.469 -2.743 1.00 0.00 ? 10 SER A HB2  10 
ATOM   1889 H HB3  . SER A 1 10 ? -4.624 -2.755 -1.103 1.00 0.00 ? 10 SER A HB3  10 
ATOM   1890 H HG   . SER A 1 10 ? -6.618 -1.729 -1.694 1.00 0.00 ? 10 SER A HG   10 
ATOM   1891 N N    . CYS A 1 11 ? -3.900 -0.590 0.840  1.00 0.00 ? 11 CYS A N    10 
ATOM   1892 C CA   . CYS A 1 11 ? -4.242 -0.268 2.213  1.00 0.00 ? 11 CYS A CA   10 
ATOM   1893 C C    . CYS A 1 11 ? -4.621 1.214  2.279  1.00 0.00 ? 11 CYS A C    10 
ATOM   1894 O O    . CYS A 1 11 ? -3.779 2.126  1.830  1.00 0.00 ? 11 CYS A O    10 
ATOM   1895 C CB   . CYS A 1 11 ? -3.103 -0.610 3.175  1.00 0.00 ? 11 CYS A CB   10 
ATOM   1896 S SG   . CYS A 1 11 ? -3.613 -1.516 4.681  1.00 0.00 ? 11 CYS A SG   10 
ATOM   1897 H H    . CYS A 1 11 ? -3.044 -1.095 0.725  1.00 0.00 ? 11 CYS A H    10 
ATOM   1898 H HA   . CYS A 1 11 ? -5.091 -0.896 2.480  1.00 0.00 ? 11 CYS A HA   10 
ATOM   1899 H HB2  . CYS A 1 11 ? -2.362 -1.207 2.643  1.00 0.00 ? 11 CYS A HB2  10 
ATOM   1900 H HB3  . CYS A 1 11 ? -2.609 0.316  3.476  1.00 0.00 ? 11 CYS A HB3  10 
# 
loop_
_pdbx_poly_seq_scheme.asym_id 
_pdbx_poly_seq_scheme.entity_id 
_pdbx_poly_seq_scheme.seq_id 
_pdbx_poly_seq_scheme.mon_id 
_pdbx_poly_seq_scheme.ndb_seq_num 
_pdbx_poly_seq_scheme.pdb_seq_num 
_pdbx_poly_seq_scheme.auth_seq_num 
_pdbx_poly_seq_scheme.pdb_mon_id 
_pdbx_poly_seq_scheme.auth_mon_id 
_pdbx_poly_seq_scheme.pdb_strand_id 
_pdbx_poly_seq_scheme.pdb_ins_code 
_pdbx_poly_seq_scheme.hetero 
A 1 1  CYS 1  1  1  CYS CYS A . n 
A 1 2  LYS 2  2  2  LYS LYS A . n 
A 1 3  PHE 3  3  3  PHE PHE A . n 
A 1 4  ALA 4  4  4  ALA ALA A . n 
A 1 5  DTR 5  5  5  DTR DTR A . n 
A 1 6  IAM 6  6  6  IAM IAM A . n 
A 1 7  THR 7  7  7  THR THR A . n 
A 1 8  IYR 8  8  8  IYR IYR A . n 
A 1 9  THR 9  9  9  THR THR A . n 
A 1 10 SER 10 10 10 SER SER A . n 
A 1 11 CYS 11 11 11 CYS CYS A . n 
# 
loop_
_pdbx_struct_mod_residue.id 
_pdbx_struct_mod_residue.label_asym_id 
_pdbx_struct_mod_residue.label_comp_id 
_pdbx_struct_mod_residue.label_seq_id 
_pdbx_struct_mod_residue.auth_asym_id 
_pdbx_struct_mod_residue.auth_comp_id 
_pdbx_struct_mod_residue.auth_seq_id 
_pdbx_struct_mod_residue.PDB_ins_code 
_pdbx_struct_mod_residue.parent_comp_id 
_pdbx_struct_mod_residue.details 
1 A DTR 5 A DTR 5 ? TRP D-TRYPTOPHAN                              
2 A IAM 6 A IAM 6 ? ALA '4-[(ISOPROPYLAMINO)METHYL]PHENYLALANINE' 
3 A IYR 8 A IYR 8 ? TYR 3-IODO-TYROSINE                           
# 
_pdbx_struct_assembly.id                   1 
_pdbx_struct_assembly.details              author_defined_assembly 
_pdbx_struct_assembly.method_details       ? 
_pdbx_struct_assembly.oligomeric_details   monomeric 
_pdbx_struct_assembly.oligomeric_count     1 
# 
_pdbx_struct_assembly_gen.assembly_id       1 
_pdbx_struct_assembly_gen.oper_expression   1 
_pdbx_struct_assembly_gen.asym_id_list      A 
# 
_pdbx_struct_oper_list.id                   1 
_pdbx_struct_oper_list.type                 'identity operation' 
_pdbx_struct_oper_list.name                 1_555 
_pdbx_struct_oper_list.symmetry_operation   x,y,z 
_pdbx_struct_oper_list.matrix[1][1]         1.0000000000 
_pdbx_struct_oper_list.matrix[1][2]         0.0000000000 
_pdbx_struct_oper_list.matrix[1][3]         0.0000000000 
_pdbx_struct_oper_list.vector[1]            0.0000000000 
_pdbx_struct_oper_list.matrix[2][1]         0.0000000000 
_pdbx_struct_oper_list.matrix[2][2]         1.0000000000 
_pdbx_struct_oper_list.matrix[2][3]         0.0000000000 
_pdbx_struct_oper_list.vector[2]            0.0000000000 
_pdbx_struct_oper_list.matrix[3][1]         0.0000000000 
_pdbx_struct_oper_list.matrix[3][2]         0.0000000000 
_pdbx_struct_oper_list.matrix[3][3]         1.0000000000 
_pdbx_struct_oper_list.vector[3]            0.0000000000 
# 
loop_
_pdbx_audit_revision_history.ordinal 
_pdbx_audit_revision_history.data_content_type 
_pdbx_audit_revision_history.major_revision 
_pdbx_audit_revision_history.minor_revision 
_pdbx_audit_revision_history.revision_date 
1 'Structure model' 1 0 2005-02-15 
2 'Structure model' 1 1 2008-04-30 
3 'Structure model' 1 2 2011-07-13 
4 'Structure model' 1 3 2022-03-02 
# 
_pdbx_audit_revision_details.ordinal             1 
_pdbx_audit_revision_details.revision_ordinal    1 
_pdbx_audit_revision_details.data_content_type   'Structure model' 
_pdbx_audit_revision_details.provider            repository 
_pdbx_audit_revision_details.type                'Initial release' 
_pdbx_audit_revision_details.description         ? 
_pdbx_audit_revision_details.details             ? 
# 
loop_
_pdbx_audit_revision_group.ordinal 
_pdbx_audit_revision_group.revision_ordinal 
_pdbx_audit_revision_group.data_content_type 
_pdbx_audit_revision_group.group 
1 2 'Structure model' 'Version format compliance' 
2 3 'Structure model' 'Version format compliance' 
3 4 'Structure model' 'Data collection'           
4 4 'Structure model' 'Database references'       
5 4 'Structure model' 'Derived calculations'      
# 
loop_
_pdbx_audit_revision_category.ordinal 
_pdbx_audit_revision_category.revision_ordinal 
_pdbx_audit_revision_category.data_content_type 
_pdbx_audit_revision_category.category 
1 4 'Structure model' database_2            
2 4 'Structure model' pdbx_nmr_spectrometer 
3 4 'Structure model' pdbx_struct_assembly  
4 4 'Structure model' pdbx_struct_oper_list 
5 4 'Structure model' struct_conn           
# 
loop_
_pdbx_audit_revision_item.ordinal 
_pdbx_audit_revision_item.revision_ordinal 
_pdbx_audit_revision_item.data_content_type 
_pdbx_audit_revision_item.item 
1 4 'Structure model' '_database_2.pdbx_DOI'                
2 4 'Structure model' '_database_2.pdbx_database_accession' 
3 4 'Structure model' '_pdbx_nmr_spectrometer.model'        
4 4 'Structure model' '_struct_conn.pdbx_leaving_atom_flag' 
# 
loop_
_pdbx_validate_close_contact.id 
_pdbx_validate_close_contact.PDB_model_num 
_pdbx_validate_close_contact.auth_atom_id_1 
_pdbx_validate_close_contact.auth_asym_id_1 
_pdbx_validate_close_contact.auth_comp_id_1 
_pdbx_validate_close_contact.auth_seq_id_1 
_pdbx_validate_close_contact.PDB_ins_code_1 
_pdbx_validate_close_contact.label_alt_id_1 
_pdbx_validate_close_contact.auth_atom_id_2 
_pdbx_validate_close_contact.auth_asym_id_2 
_pdbx_validate_close_contact.auth_comp_id_2 
_pdbx_validate_close_contact.auth_seq_id_2 
_pdbx_validate_close_contact.PDB_ins_code_2 
_pdbx_validate_close_contact.label_alt_id_2 
_pdbx_validate_close_contact.dist 
1 2  HH A IYR 8 ? ? HG23 A THR 9  ? ? 1.28 
2 3  O  A CYS 1 ? ? O    A CYS 11 ? ? 1.31 
3 6  HH A IYR 8 ? ? HG23 A THR 9  ? ? 1.34 
4 7  HH A IYR 8 ? ? HG23 A THR 9  ? ? 1.31 
5 8  HH A IYR 8 ? ? HG23 A THR 9  ? ? 1.33 
6 10 HH A IYR 8 ? ? HG23 A THR 9  ? ? 1.34 
# 
loop_
_pdbx_validate_torsion.id 
_pdbx_validate_torsion.PDB_model_num 
_pdbx_validate_torsion.auth_comp_id 
_pdbx_validate_torsion.auth_asym_id 
_pdbx_validate_torsion.auth_seq_id 
_pdbx_validate_torsion.PDB_ins_code 
_pdbx_validate_torsion.label_alt_id 
_pdbx_validate_torsion.phi 
_pdbx_validate_torsion.psi 
1  1  LYS A 2 ? ? 75.77   168.85  
2  1  PHE A 3 ? ? -38.01  -73.02  
3  1  ALA A 4 ? ? 164.57  121.59  
4  1  IAM A 6 ? ? -176.23 -48.09  
5  1  THR A 7 ? ? -56.20  -104.48 
6  1  IYR A 8 ? ? -37.00  -31.40  
7  1  THR A 9 ? ? -75.67  -167.47 
8  2  LYS A 2 ? ? 73.70   170.64  
9  2  PHE A 3 ? ? -40.30  -73.61  
10 2  ALA A 4 ? ? 162.18  128.30  
11 2  IAM A 6 ? ? -163.28 -58.76  
12 2  THR A 7 ? ? -57.02  -105.16 
13 2  IYR A 8 ? ? -33.42  -37.56  
14 3  LYS A 2 ? ? 177.43  134.81  
15 3  ALA A 4 ? ? -171.70 74.46   
16 3  IAM A 6 ? ? -178.32 -41.73  
17 3  THR A 7 ? ? -66.74  -98.47  
18 3  IYR A 8 ? ? -35.52  -34.90  
19 4  LYS A 2 ? ? 177.71  135.76  
20 4  PHE A 3 ? ? -102.47 -63.26  
21 4  ALA A 4 ? ? -177.24 92.30   
22 4  THR A 7 ? ? -62.82  -109.90 
23 4  IYR A 8 ? ? -37.27  -92.89  
24 4  THR A 9 ? ? 42.70   -166.39 
25 5  LYS A 2 ? ? 176.81  106.37  
26 5  ALA A 4 ? ? -176.25 84.92   
27 5  IAM A 6 ? ? -175.35 -49.15  
28 5  THR A 7 ? ? -55.30  -107.67 
29 5  IYR A 8 ? ? -34.78  -90.97  
30 5  THR A 9 ? ? 49.15   -164.72 
31 6  LYS A 2 ? ? 178.52  134.65  
32 6  PHE A 3 ? ? -101.28 -60.89  
33 6  ALA A 4 ? ? -173.95 83.29   
34 6  IAM A 6 ? ? -162.13 -45.30  
35 6  THR A 7 ? ? -53.38  -107.62 
36 6  IYR A 8 ? ? -35.35  -90.95  
37 6  THR A 9 ? ? 40.95   -162.37 
38 7  LYS A 2 ? ? 74.46   168.31  
39 7  PHE A 3 ? ? -40.61  -72.63  
40 7  ALA A 4 ? ? 163.67  119.50  
41 7  IAM A 6 ? ? -157.09 -45.26  
42 7  THR A 7 ? ? -71.30  -103.43 
43 7  IYR A 8 ? ? -37.37  -30.90  
44 7  THR A 9 ? ? -67.08  -168.99 
45 8  LYS A 2 ? ? 165.69  171.64  
46 8  ALA A 4 ? ? 163.13  132.16  
47 8  IAM A 6 ? ? -178.04 -46.96  
48 8  THR A 7 ? ? -64.44  -101.23 
49 8  IYR A 8 ? ? -36.47  -35.61  
50 9  LYS A 2 ? ? 71.22   169.06  
51 9  PHE A 3 ? ? -38.13  -71.67  
52 9  ALA A 4 ? ? 163.04  121.68  
53 9  IAM A 6 ? ? -156.97 -43.56  
54 9  THR A 7 ? ? -79.08  -101.46 
55 9  IYR A 8 ? ? -33.77  -38.89  
56 9  THR A 9 ? ? -49.46  179.41  
57 10 LYS A 2 ? ? 75.23   171.76  
58 10 PHE A 3 ? ? -41.07  -73.17  
59 10 ALA A 4 ? ? 162.75  147.97  
60 10 IAM A 6 ? ? -175.20 -40.90  
61 10 THR A 7 ? ? -68.65  -100.66 
62 10 THR A 9 ? ? -54.45  -175.43 
# 
